data_5IRQ
#
_entry.id   5IRQ
#
_cell.length_a   90.168
_cell.length_b   153.204
_cell.length_c   168.119
_cell.angle_alpha   90.00
_cell.angle_beta   90.00
_cell.angle_gamma   90.00
#
_symmetry.space_group_name_H-M   'P 21 21 21'
#
loop_
_entity.id
_entity.type
_entity.pdbx_description
1 polymer 'Steroid 17-alpha-hydroxylase/17,20 lyase'
2 non-polymer 'PROTOPORPHYRIN IX CONTAINING FE'
3 non-polymer (R)-orteronel
4 non-polymer (S)-orteronel
5 water water
#
_entity_poly.entity_id   1
_entity_poly.type   'polypeptide(L)'
_entity_poly.pdbx_seq_one_letter_code
;MAKKTGAKYPKSLLSLPLVGSLPFLPRHGHMHNNFFKLQKKYGPIYSVRMGTKTTVIVGHHQLAKEVLIKKGKDFSGRPQ
MATLDIASNNRKGIAFADSGAHWQLHRRLAMATFALFKDGDQKLEKIICQEISTLCDMLATHNGQSIDISFPVFVAVTNV
ISLICFNTSYKNGDPELNVIQNYNEGIIDNLSKDSLVDLVPWLKIFPNKTLEKLKSHVKIRNDLLNKILENYKEKFRSDS
ITNMLDTLMQAKMNSDNGNAGPDQDSELLSDNHILTTIGDIFGAGVETTTSVVKWTLAFLLHNPQVKKKLYEEIDQNVGF
SRTPTISDRNRLLLLEATIREVLRLRPVAPMLIPHKANVDSSIGEFAVDKGTEVIINLWALHHNEKEWHQPDQFMPERFL
NPAGTQLISPSVSYLPFGAGPRSCIGEILARQELFLIMAWLLQRFDLEVPDDGQLPSLEGIPKVVFLIDSFKVKIKVRQA
WREAQAEGSTHHHH
;
_entity_poly.pdbx_strand_id   A,B,C,D
#
loop_
_chem_comp.id
_chem_comp.type
_chem_comp.name
_chem_comp.formula
6D7 non-polymer (R)-orteronel 'C18 H17 N3 O2'
7D6 non-polymer (S)-orteronel 'C18 H17 N3 O2'
HEM non-polymer 'PROTOPORPHYRIN IX CONTAINING FE' 'C34 H32 Fe N4 O4'
#
# COMPACT_ATOMS: atom_id res chain seq x y z
N LEU A 13 31.09 -8.05 36.19
CA LEU A 13 30.03 -7.38 35.45
C LEU A 13 28.87 -8.35 35.29
N LEU A 14 27.77 -8.07 35.98
CA LEU A 14 26.69 -9.04 36.13
C LEU A 14 25.72 -8.99 34.95
N SER A 15 24.86 -10.01 34.90
CA SER A 15 23.76 -10.04 33.94
C SER A 15 22.57 -9.27 34.48
N LEU A 16 21.84 -8.65 33.57
CA LEU A 16 20.71 -7.81 33.95
C LEU A 16 19.60 -8.66 34.56
N PRO A 17 18.93 -8.18 35.60
CA PRO A 17 17.71 -8.86 36.06
C PRO A 17 16.70 -8.98 34.92
N LEU A 18 16.14 -10.17 34.76
CA LEU A 18 15.31 -10.51 33.62
C LEU A 18 13.89 -10.77 34.11
N VAL A 19 12.97 -9.86 33.76
CA VAL A 19 11.58 -10.00 34.21
C VAL A 19 10.70 -10.69 33.18
N GLY A 20 11.19 -10.91 31.96
CA GLY A 20 10.39 -11.50 30.92
C GLY A 20 11.20 -11.96 29.73
N SER A 21 10.77 -13.03 29.08
CA SER A 21 11.48 -13.60 27.96
C SER A 21 10.51 -14.30 27.03
N LEU A 22 10.55 -13.94 25.75
CA LEU A 22 9.80 -14.66 24.73
C LEU A 22 10.73 -15.13 23.63
N PRO A 23 10.47 -16.31 23.05
CA PRO A 23 11.43 -16.91 22.13
C PRO A 23 11.43 -16.29 20.73
N PHE A 24 10.37 -15.58 20.35
CA PHE A 24 10.38 -14.86 19.08
C PHE A 24 9.55 -13.60 19.22
N LEU A 25 9.74 -12.69 18.27
CA LEU A 25 9.08 -11.40 18.35
C LEU A 25 7.58 -11.55 18.12
N PRO A 26 6.74 -10.91 18.93
CA PRO A 26 5.30 -10.93 18.63
C PRO A 26 4.99 -10.14 17.37
N ARG A 27 3.97 -10.60 16.65
CA ARG A 27 3.50 -9.92 15.45
C ARG A 27 4.58 -9.83 14.39
N HIS A 28 5.46 -10.83 14.33
CA HIS A 28 6.52 -10.91 13.33
C HIS A 28 6.44 -12.31 12.70
N GLY A 29 5.80 -12.39 11.54
CA GLY A 29 5.56 -13.66 10.89
C GLY A 29 4.30 -14.32 11.42
N HIS A 30 3.95 -15.44 10.79
CA HIS A 30 2.76 -16.17 11.16
C HIS A 30 3.02 -17.00 12.40
N MET A 31 2.10 -16.91 13.37
CA MET A 31 2.28 -17.58 14.65
C MET A 31 2.57 -19.08 14.47
N HIS A 32 1.76 -19.76 13.67
CA HIS A 32 1.93 -21.20 13.51
C HIS A 32 3.31 -21.55 12.97
N ASN A 33 3.87 -20.71 12.11
CA ASN A 33 5.22 -20.98 11.59
C ASN A 33 6.28 -20.65 12.63
N ASN A 34 6.10 -19.56 13.39
CA ASN A 34 7.03 -19.24 14.46
C ASN A 34 7.16 -20.40 15.44
N PHE A 35 6.03 -20.98 15.84
CA PHE A 35 6.08 -22.15 16.71
C PHE A 35 6.81 -23.30 16.05
N PHE A 36 6.54 -23.53 14.75
CA PHE A 36 7.18 -24.62 14.05
C PHE A 36 8.69 -24.41 13.98
N LYS A 37 9.13 -23.19 13.66
CA LYS A 37 10.55 -22.88 13.64
C LYS A 37 11.22 -23.16 14.99
N LEU A 38 10.47 -23.01 16.08
CA LEU A 38 11.05 -23.22 17.40
C LEU A 38 11.34 -24.69 17.68
N GLN A 39 10.62 -25.60 17.02
CA GLN A 39 10.80 -27.02 17.31
C GLN A 39 12.24 -27.46 17.03
N LYS A 40 12.90 -26.82 16.07
CA LYS A 40 14.30 -27.12 15.82
C LYS A 40 15.13 -26.97 17.08
N LYS A 41 14.84 -25.96 17.90
CA LYS A 41 15.64 -25.66 19.07
C LYS A 41 15.13 -26.36 20.33
N TYR A 42 13.82 -26.59 20.44
CA TYR A 42 13.23 -26.98 21.71
C TYR A 42 12.45 -28.29 21.66
N GLY A 43 12.19 -28.85 20.48
CA GLY A 43 11.50 -30.12 20.39
C GLY A 43 10.07 -29.96 19.93
N PRO A 44 9.32 -31.07 19.88
CA PRO A 44 7.95 -31.03 19.37
C PRO A 44 6.91 -30.61 20.39
N ILE A 45 7.29 -30.37 21.64
CA ILE A 45 6.33 -29.99 22.68
C ILE A 45 7.04 -29.07 23.66
N TYR A 46 6.46 -27.90 23.90
CA TYR A 46 7.02 -26.96 24.86
C TYR A 46 5.88 -26.08 25.37
N SER A 47 6.21 -25.24 26.35
CA SER A 47 5.21 -24.42 27.01
C SER A 47 5.66 -22.98 27.09
N VAL A 48 4.68 -22.10 27.25
CA VAL A 48 4.90 -20.68 27.48
C VAL A 48 3.95 -20.23 28.58
N ARG A 49 4.47 -19.43 29.51
CA ARG A 49 3.67 -18.91 30.61
C ARG A 49 3.41 -17.43 30.41
N MET A 50 2.16 -17.02 30.65
CA MET A 50 1.72 -15.64 30.47
C MET A 50 0.88 -15.26 31.70
N GLY A 51 1.54 -14.70 32.73
CA GLY A 51 0.86 -14.41 33.97
C GLY A 51 0.54 -15.68 34.75
N THR A 52 -0.74 -16.02 34.84
CA THR A 52 -1.17 -17.24 35.50
C THR A 52 -1.44 -18.38 34.52
N LYS A 53 -1.60 -18.08 33.23
CA LYS A 53 -1.99 -19.07 32.25
C LYS A 53 -0.75 -19.67 31.57
N THR A 54 -0.74 -20.99 31.44
CA THR A 54 0.28 -21.71 30.71
C THR A 54 -0.33 -22.33 29.47
N THR A 55 0.40 -22.26 28.35
CA THR A 55 -0.03 -22.83 27.09
C THR A 55 1.00 -23.85 26.63
N VAL A 56 0.51 -25.01 26.19
CA VAL A 56 1.37 -26.05 25.62
C VAL A 56 1.13 -26.08 24.12
N ILE A 57 2.23 -26.11 23.36
CA ILE A 57 2.17 -26.19 21.90
C ILE A 57 2.73 -27.53 21.48
N VAL A 58 1.94 -28.30 20.74
CA VAL A 58 2.30 -29.65 20.32
C VAL A 58 2.48 -29.63 18.80
N GLY A 59 3.63 -30.13 18.34
CA GLY A 59 3.96 -30.04 16.94
C GLY A 59 4.42 -31.33 16.29
N HIS A 60 3.97 -32.47 16.81
CA HIS A 60 4.30 -33.76 16.20
C HIS A 60 3.07 -34.65 16.23
N HIS A 61 2.86 -35.41 15.15
CA HIS A 61 1.60 -36.10 14.95
C HIS A 61 1.31 -37.10 16.06
N GLN A 62 2.35 -37.75 16.61
CA GLN A 62 2.11 -38.73 17.66
C GLN A 62 1.59 -38.06 18.93
N LEU A 63 2.19 -36.93 19.31
CA LEU A 63 1.68 -36.19 20.45
C LEU A 63 0.30 -35.59 20.15
N ALA A 64 0.09 -35.15 18.91
CA ALA A 64 -1.21 -34.59 18.53
C ALA A 64 -2.32 -35.62 18.66
N LYS A 65 -2.08 -36.84 18.17
CA LYS A 65 -3.08 -37.88 18.25
C LYS A 65 -3.35 -38.30 19.69
N GLU A 66 -2.35 -38.15 20.57
CA GLU A 66 -2.58 -38.41 21.99
C GLU A 66 -3.54 -37.38 22.59
N VAL A 67 -3.35 -36.10 22.25
CA VAL A 67 -4.22 -35.04 22.75
C VAL A 67 -5.61 -35.16 22.14
N LEU A 68 -5.69 -35.48 20.85
CA LEU A 68 -6.96 -35.45 20.14
C LEU A 68 -7.75 -36.75 20.26
N ILE A 69 -7.06 -37.90 20.28
CA ILE A 69 -7.74 -39.19 20.18
C ILE A 69 -7.59 -39.98 21.48
N LYS A 70 -6.38 -40.46 21.76
CA LYS A 70 -6.19 -41.39 22.87
C LYS A 70 -6.68 -40.78 24.17
N LYS A 71 -6.20 -39.58 24.51
CA LYS A 71 -6.67 -38.84 25.66
C LYS A 71 -7.61 -37.71 25.24
N GLY A 72 -8.43 -37.98 24.22
CA GLY A 72 -9.28 -36.93 23.67
C GLY A 72 -10.17 -36.28 24.71
N LYS A 73 -10.83 -37.10 25.53
CA LYS A 73 -11.74 -36.56 26.53
C LYS A 73 -11.00 -35.72 27.57
N ASP A 74 -9.72 -36.00 27.81
CA ASP A 74 -8.97 -35.22 28.78
C ASP A 74 -8.72 -33.80 28.29
N PHE A 75 -8.57 -33.61 26.98
CA PHE A 75 -8.22 -32.32 26.40
C PHE A 75 -9.33 -31.78 25.51
N SER A 76 -10.58 -32.10 25.84
CA SER A 76 -11.73 -31.67 25.06
C SER A 76 -12.29 -30.33 25.50
N GLY A 77 -11.62 -29.64 26.43
CA GLY A 77 -12.09 -28.34 26.85
C GLY A 77 -11.66 -27.24 25.89
N ARG A 78 -12.30 -26.09 26.04
CA ARG A 78 -11.92 -24.89 25.31
C ARG A 78 -11.50 -23.81 26.29
N PRO A 79 -10.46 -23.01 25.99
CA PRO A 79 -10.15 -21.88 26.84
C PRO A 79 -11.16 -20.76 26.66
N GLN A 80 -11.44 -20.05 27.75
CA GLN A 80 -12.36 -18.92 27.70
C GLN A 80 -11.60 -17.66 27.32
N MET A 81 -12.10 -16.96 26.30
CA MET A 81 -11.49 -15.72 25.84
C MET A 81 -12.57 -14.64 25.79
N ALA A 82 -12.21 -13.44 26.24
CA ALA A 82 -13.14 -12.31 26.16
C ALA A 82 -13.71 -12.18 24.76
N THR A 83 -12.83 -12.21 23.76
CA THR A 83 -13.26 -12.16 22.36
C THR A 83 -14.26 -13.26 22.05
N LEU A 84 -13.91 -14.52 22.34
CA LEU A 84 -14.79 -15.63 22.00
C LEU A 84 -16.07 -15.61 22.83
N ASP A 85 -16.01 -15.04 24.04
CA ASP A 85 -17.21 -14.94 24.86
C ASP A 85 -18.31 -14.17 24.15
N ILE A 86 -17.96 -13.08 23.47
CA ILE A 86 -18.97 -12.26 22.80
C ILE A 86 -19.53 -12.99 21.59
N ALA A 87 -18.66 -13.63 20.79
CA ALA A 87 -19.13 -14.28 19.57
C ALA A 87 -20.00 -15.50 19.87
N SER A 88 -19.76 -16.16 21.01
CA SER A 88 -20.50 -17.36 21.39
C SER A 88 -21.61 -17.07 22.38
N ASN A 89 -21.92 -15.81 22.64
CA ASN A 89 -22.93 -15.43 23.63
C ASN A 89 -22.65 -16.13 24.96
N ASN A 90 -21.42 -15.95 25.45
CA ASN A 90 -20.94 -16.55 26.69
C ASN A 90 -20.90 -18.07 26.59
N ARG A 91 -20.10 -18.54 25.63
CA ARG A 91 -19.70 -19.95 25.52
C ARG A 91 -20.90 -20.87 25.28
N LYS A 92 -21.91 -20.38 24.59
CA LYS A 92 -22.95 -21.25 24.06
C LYS A 92 -22.51 -21.75 22.69
N GLY A 93 -23.41 -22.38 21.96
CA GLY A 93 -23.02 -22.94 20.68
C GLY A 93 -22.20 -24.21 20.84
N ILE A 94 -21.34 -24.47 19.86
CA ILE A 94 -20.56 -25.70 19.80
C ILE A 94 -19.07 -25.41 19.82
N ALA A 95 -18.59 -24.58 18.89
CA ALA A 95 -17.16 -24.48 18.64
C ALA A 95 -16.41 -23.88 19.82
N PHE A 96 -16.99 -22.88 20.48
CA PHE A 96 -16.32 -22.17 21.57
C PHE A 96 -16.94 -22.47 22.92
N ALA A 97 -17.83 -23.46 23.01
CA ALA A 97 -18.36 -23.89 24.28
C ALA A 97 -17.40 -24.87 24.94
N ASP A 98 -17.19 -24.70 26.25
CA ASP A 98 -16.38 -25.66 26.98
C ASP A 98 -17.06 -27.02 26.96
N SER A 99 -16.25 -28.06 27.18
CA SER A 99 -16.81 -29.41 27.23
C SER A 99 -17.78 -29.52 28.40
N GLY A 100 -18.80 -30.35 28.21
CA GLY A 100 -19.83 -30.52 29.23
C GLY A 100 -21.16 -30.81 28.57
N ALA A 101 -22.21 -30.67 29.37
CA ALA A 101 -23.55 -31.07 28.94
C ALA A 101 -24.01 -30.26 27.74
N HIS A 102 -23.93 -28.93 27.84
CA HIS A 102 -24.32 -28.07 26.72
C HIS A 102 -23.65 -28.53 25.43
N TRP A 103 -22.31 -28.54 25.42
CA TRP A 103 -21.58 -28.79 24.19
C TRP A 103 -21.94 -30.17 23.61
N GLN A 104 -22.00 -31.20 24.46
CA GLN A 104 -22.26 -32.54 23.94
C GLN A 104 -23.65 -32.66 23.36
N LEU A 105 -24.65 -32.02 23.99
CA LEU A 105 -26.01 -32.10 23.49
C LEU A 105 -26.14 -31.42 22.12
N HIS A 106 -25.65 -30.19 22.00
CA HIS A 106 -25.83 -29.45 20.76
C HIS A 106 -24.94 -30.01 19.65
N ARG A 107 -23.77 -30.57 20.00
CA ARG A 107 -22.95 -31.21 18.98
C ARG A 107 -23.66 -32.43 18.41
N ARG A 108 -24.35 -33.20 19.27
CA ARG A 108 -25.08 -34.37 18.79
C ARG A 108 -26.24 -33.96 17.90
N LEU A 109 -27.00 -32.94 18.30
CA LEU A 109 -28.15 -32.53 17.50
C LEU A 109 -27.71 -31.98 16.15
N ALA A 110 -26.58 -31.27 16.10
CA ALA A 110 -26.06 -30.81 14.83
C ALA A 110 -25.68 -31.99 13.94
N MET A 111 -24.89 -32.92 14.47
CA MET A 111 -24.55 -34.11 13.71
C MET A 111 -25.80 -34.90 13.33
N ALA A 112 -26.77 -34.99 14.24
CA ALA A 112 -28.02 -35.68 13.94
C ALA A 112 -28.73 -35.04 12.76
N THR A 113 -28.66 -33.71 12.65
CA THR A 113 -29.33 -33.02 11.55
C THR A 113 -28.75 -33.44 10.21
N PHE A 114 -27.42 -33.58 10.11
CA PHE A 114 -26.81 -33.96 8.85
C PHE A 114 -27.16 -35.37 8.43
N ALA A 115 -27.84 -36.14 9.28
CA ALA A 115 -28.39 -37.42 8.87
C ALA A 115 -29.63 -37.26 8.00
N LEU A 116 -30.42 -36.22 8.23
CA LEU A 116 -31.64 -36.00 7.47
C LEU A 116 -31.39 -35.57 6.03
N PHE A 117 -30.12 -35.36 5.66
CA PHE A 117 -29.74 -35.06 4.29
C PHE A 117 -28.89 -36.19 3.69
N LYS A 118 -28.94 -37.37 4.30
CA LYS A 118 -28.25 -38.54 3.75
C LYS A 118 -28.78 -38.88 2.37
N ASP A 119 -30.05 -39.24 2.29
CA ASP A 119 -30.66 -39.71 1.04
C ASP A 119 -31.94 -38.91 0.80
N GLY A 120 -32.83 -39.46 -0.01
CA GLY A 120 -34.09 -38.81 -0.30
C GLY A 120 -33.96 -37.82 -1.45
N ASP A 121 -34.91 -36.88 -1.49
CA ASP A 121 -34.91 -35.85 -2.51
C ASP A 121 -34.11 -34.63 -2.12
N GLN A 122 -34.03 -34.32 -0.83
CA GLN A 122 -33.09 -33.32 -0.33
C GLN A 122 -31.74 -33.93 0.04
N LYS A 123 -31.36 -35.00 -0.65
CA LYS A 123 -29.99 -35.50 -0.59
C LYS A 123 -29.02 -34.32 -0.69
N LEU A 124 -27.99 -34.35 0.16
CA LEU A 124 -27.09 -33.20 0.25
C LEU A 124 -26.52 -32.85 -1.12
N GLU A 125 -26.25 -33.85 -1.95
CA GLU A 125 -25.75 -33.60 -3.30
C GLU A 125 -26.70 -32.72 -4.10
N LYS A 126 -28.00 -32.84 -3.87
CA LYS A 126 -28.97 -32.14 -4.70
C LYS A 126 -29.17 -30.69 -4.25
N ILE A 127 -29.15 -30.43 -2.95
CA ILE A 127 -29.17 -29.05 -2.48
C ILE A 127 -27.95 -28.31 -2.99
N ILE A 128 -26.79 -28.96 -2.98
CA ILE A 128 -25.55 -28.30 -3.40
C ILE A 128 -25.58 -28.01 -4.89
N CYS A 129 -25.84 -29.04 -5.70
CA CYS A 129 -25.85 -28.85 -7.15
C CYS A 129 -26.84 -27.78 -7.57
N GLN A 130 -27.97 -27.70 -6.87
CA GLN A 130 -28.95 -26.65 -7.16
C GLN A 130 -28.32 -25.27 -7.05
N GLU A 131 -27.56 -25.03 -5.98
CA GLU A 131 -26.96 -23.72 -5.78
C GLU A 131 -25.73 -23.51 -6.66
N ILE A 132 -25.00 -24.58 -6.99
CA ILE A 132 -23.89 -24.43 -7.92
C ILE A 132 -24.39 -24.07 -9.30
N SER A 133 -25.57 -24.59 -9.69
CA SER A 133 -26.12 -24.26 -11.00
C SER A 133 -26.41 -22.77 -11.11
N THR A 134 -26.94 -22.17 -10.05
CA THR A 134 -27.14 -20.73 -10.03
C THR A 134 -25.82 -19.99 -10.08
N LEU A 135 -24.83 -20.45 -9.31
CA LEU A 135 -23.50 -19.84 -9.33
C LEU A 135 -22.94 -19.82 -10.75
N CYS A 136 -23.05 -20.95 -11.46
CA CYS A 136 -22.40 -21.07 -12.76
C CYS A 136 -23.10 -20.22 -13.81
N ASP A 137 -24.43 -20.14 -13.78
CA ASP A 137 -25.13 -19.23 -14.67
C ASP A 137 -24.77 -17.79 -14.34
N MET A 138 -24.66 -17.48 -13.06
CA MET A 138 -24.22 -16.15 -12.63
C MET A 138 -22.86 -15.80 -13.23
N LEU A 139 -21.87 -16.67 -13.00
CA LEU A 139 -20.51 -16.38 -13.44
C LEU A 139 -20.41 -16.29 -14.96
N ALA A 140 -21.24 -17.05 -15.68
CA ALA A 140 -21.17 -17.04 -17.14
C ALA A 140 -21.50 -15.67 -17.72
N THR A 141 -22.26 -14.84 -17.00
CA THR A 141 -22.56 -13.50 -17.48
C THR A 141 -21.31 -12.62 -17.50
N HIS A 142 -20.28 -13.00 -16.74
CA HIS A 142 -19.00 -12.29 -16.71
C HIS A 142 -18.01 -12.84 -17.72
N ASN A 143 -18.48 -13.55 -18.74
CA ASN A 143 -17.60 -14.11 -19.75
C ASN A 143 -16.66 -13.04 -20.29
N GLY A 144 -15.37 -13.28 -20.17
CA GLY A 144 -14.36 -12.38 -20.69
C GLY A 144 -13.93 -11.27 -19.75
N GLN A 145 -14.45 -11.24 -18.52
CA GLN A 145 -14.12 -10.22 -17.53
C GLN A 145 -13.34 -10.84 -16.37
N SER A 146 -12.57 -10.01 -15.70
CA SER A 146 -11.84 -10.39 -14.50
C SER A 146 -12.66 -9.96 -13.28
N ILE A 147 -12.86 -10.89 -12.34
CA ILE A 147 -13.76 -10.67 -11.22
C ILE A 147 -13.20 -11.31 -9.96
N ASP A 148 -13.71 -10.83 -8.82
CA ASP A 148 -13.50 -11.49 -7.53
C ASP A 148 -14.71 -12.40 -7.28
N ILE A 149 -14.47 -13.71 -7.26
CA ILE A 149 -15.57 -14.67 -7.16
C ILE A 149 -15.94 -14.91 -5.70
N SER A 150 -15.47 -14.05 -4.79
CA SER A 150 -15.75 -14.24 -3.38
C SER A 150 -17.26 -14.23 -3.10
N PHE A 151 -17.93 -13.13 -3.47
CA PHE A 151 -19.34 -13.00 -3.12
C PHE A 151 -20.21 -14.05 -3.80
N PRO A 152 -20.06 -14.32 -5.10
CA PRO A 152 -20.87 -15.39 -5.71
C PRO A 152 -20.76 -16.73 -5.00
N VAL A 153 -19.55 -17.16 -4.64
CA VAL A 153 -19.40 -18.41 -3.91
C VAL A 153 -20.02 -18.30 -2.52
N PHE A 154 -19.82 -17.15 -1.87
CA PHE A 154 -20.44 -16.90 -0.57
C PHE A 154 -21.95 -17.10 -0.63
N VAL A 155 -22.59 -16.56 -1.66
CA VAL A 155 -24.04 -16.68 -1.78
C VAL A 155 -24.45 -18.14 -1.89
N ALA A 156 -23.73 -18.92 -2.71
CA ALA A 156 -24.12 -20.31 -2.95
C ALA A 156 -24.07 -21.12 -1.66
N VAL A 157 -22.95 -21.03 -0.93
CA VAL A 157 -22.82 -21.81 0.30
C VAL A 157 -23.67 -21.23 1.42
N THR A 158 -24.03 -19.95 1.34
CA THR A 158 -25.00 -19.40 2.29
C THR A 158 -26.37 -20.02 2.09
N ASN A 159 -26.74 -20.29 0.83
CA ASN A 159 -28.05 -20.86 0.56
C ASN A 159 -28.09 -22.35 0.92
N VAL A 160 -26.98 -23.06 0.72
CA VAL A 160 -26.91 -24.46 1.14
C VAL A 160 -27.17 -24.56 2.64
N ILE A 161 -26.50 -23.73 3.43
CA ILE A 161 -26.59 -23.81 4.87
C ILE A 161 -27.94 -23.30 5.37
N SER A 162 -28.46 -22.25 4.74
CA SER A 162 -29.79 -21.76 5.10
C SER A 162 -30.85 -22.82 4.83
N LEU A 163 -30.65 -23.65 3.81
CA LEU A 163 -31.58 -24.75 3.55
C LEU A 163 -31.41 -25.85 4.57
N ILE A 164 -30.18 -26.10 5.03
CA ILE A 164 -29.95 -27.12 6.05
C ILE A 164 -30.45 -26.64 7.41
N CYS A 165 -30.43 -25.33 7.65
CA CYS A 165 -30.84 -24.79 8.94
C CYS A 165 -32.32 -24.43 8.99
N PHE A 166 -32.90 -23.96 7.87
CA PHE A 166 -34.25 -23.42 7.88
C PHE A 166 -35.12 -23.92 6.73
N ASN A 167 -34.57 -24.69 5.78
CA ASN A 167 -35.28 -25.05 4.55
C ASN A 167 -35.71 -23.79 3.79
N THR A 168 -34.85 -22.76 3.82
CA THR A 168 -35.09 -21.54 3.07
C THR A 168 -33.78 -21.09 2.45
N SER A 169 -33.89 -20.22 1.44
CA SER A 169 -32.73 -19.68 0.76
C SER A 169 -33.08 -18.28 0.26
N TYR A 170 -32.05 -17.56 -0.18
CA TYR A 170 -32.19 -16.20 -0.66
C TYR A 170 -32.19 -16.16 -2.18
N LYS A 171 -33.06 -15.32 -2.74
CA LYS A 171 -33.06 -15.10 -4.18
C LYS A 171 -31.97 -14.10 -4.55
N ASN A 172 -31.60 -14.10 -5.83
CA ASN A 172 -30.55 -13.20 -6.30
C ASN A 172 -30.93 -11.75 -6.01
N GLY A 173 -29.99 -11.01 -5.46
CA GLY A 173 -30.19 -9.60 -5.17
C GLY A 173 -30.76 -9.31 -3.79
N ASP A 174 -31.06 -10.33 -3.00
CA ASP A 174 -31.59 -10.09 -1.67
C ASP A 174 -30.56 -9.30 -0.85
N PRO A 175 -30.89 -8.10 -0.38
CA PRO A 175 -29.88 -7.30 0.35
C PRO A 175 -29.40 -7.96 1.64
N GLU A 176 -30.20 -8.84 2.24
CA GLU A 176 -29.79 -9.47 3.49
C GLU A 176 -28.48 -10.24 3.34
N LEU A 177 -28.20 -10.77 2.15
CA LEU A 177 -26.92 -11.43 1.92
C LEU A 177 -25.76 -10.47 2.17
N ASN A 178 -25.91 -9.21 1.74
CA ASN A 178 -24.85 -8.23 1.95
C ASN A 178 -24.73 -7.87 3.43
N VAL A 179 -25.85 -7.83 4.15
CA VAL A 179 -25.79 -7.55 5.58
C VAL A 179 -25.01 -8.65 6.29
N ILE A 180 -25.22 -9.91 5.89
CA ILE A 180 -24.50 -11.02 6.51
C ILE A 180 -23.02 -10.95 6.16
N GLN A 181 -22.71 -10.71 4.89
CA GLN A 181 -21.31 -10.59 4.49
C GLN A 181 -20.61 -9.49 5.30
N ASN A 182 -21.31 -8.40 5.57
CA ASN A 182 -20.71 -7.28 6.28
C ASN A 182 -20.31 -7.68 7.70
N TYR A 183 -21.23 -8.27 8.47
CA TYR A 183 -20.91 -8.59 9.85
C TYR A 183 -20.11 -9.88 9.98
N ASN A 184 -20.20 -10.80 9.02
CA ASN A 184 -19.22 -11.88 8.94
C ASN A 184 -17.81 -11.30 8.87
N GLU A 185 -17.61 -10.32 7.98
CA GLU A 185 -16.30 -9.69 7.84
C GLU A 185 -15.87 -9.00 9.12
N GLY A 186 -16.79 -8.25 9.75
CA GLY A 186 -16.43 -7.49 10.94
C GLY A 186 -16.12 -8.36 12.14
N ILE A 187 -16.82 -9.49 12.28
CA ILE A 187 -16.58 -10.37 13.42
C ILE A 187 -15.25 -11.09 13.25
N ILE A 188 -14.97 -11.60 12.06
CA ILE A 188 -13.70 -12.29 11.82
C ILE A 188 -12.54 -11.33 12.02
N ASP A 189 -12.69 -10.08 11.55
CA ASP A 189 -11.60 -9.11 11.67
C ASP A 189 -11.32 -8.77 13.13
N ASN A 190 -12.35 -8.69 13.97
CA ASN A 190 -12.19 -8.30 15.37
C ASN A 190 -12.12 -9.49 16.32
N LEU A 191 -12.48 -10.70 15.87
CA LEU A 191 -12.41 -11.85 16.77
C LEU A 191 -10.99 -12.08 17.26
N SER A 192 -10.01 -11.88 16.38
CA SER A 192 -8.61 -11.98 16.76
C SER A 192 -7.79 -11.16 15.77
N LYS A 193 -6.70 -10.56 16.24
CA LYS A 193 -5.86 -9.79 15.35
C LYS A 193 -5.25 -10.68 14.27
N ASP A 194 -4.62 -11.78 14.70
CA ASP A 194 -4.13 -12.79 13.77
C ASP A 194 -4.79 -14.12 14.12
N SER A 195 -4.01 -15.11 14.55
CA SER A 195 -4.59 -16.35 15.01
C SER A 195 -5.37 -16.13 16.31
N LEU A 196 -6.19 -17.12 16.66
CA LEU A 196 -6.79 -17.12 18.00
C LEU A 196 -5.70 -17.19 19.06
N VAL A 197 -4.54 -17.74 18.72
CA VAL A 197 -3.43 -17.88 19.65
C VAL A 197 -2.68 -16.56 19.69
N ASP A 198 -2.75 -15.87 20.83
CA ASP A 198 -2.01 -14.64 21.05
C ASP A 198 -1.15 -14.81 22.29
N LEU A 199 0.16 -14.63 22.15
CA LEU A 199 1.06 -14.81 23.27
C LEU A 199 0.89 -13.69 24.29
N VAL A 200 0.83 -12.45 23.84
CA VAL A 200 0.65 -11.29 24.70
C VAL A 200 -0.82 -10.86 24.63
N PRO A 201 -1.53 -10.64 25.84
CA PRO A 201 -2.91 -10.12 25.81
C PRO A 201 -2.95 -8.61 25.61
N TRP A 202 -2.59 -8.18 24.40
CA TRP A 202 -2.65 -6.76 24.08
C TRP A 202 -4.03 -6.19 24.34
N LEU A 203 -5.08 -7.00 24.15
CA LEU A 203 -6.45 -6.55 24.34
C LEU A 203 -6.67 -5.95 25.73
N LYS A 204 -5.88 -6.38 26.72
CA LYS A 204 -6.03 -5.93 28.09
C LYS A 204 -4.93 -4.99 28.54
N ILE A 205 -3.94 -4.72 27.70
CA ILE A 205 -2.81 -3.87 28.08
C ILE A 205 -3.05 -2.42 27.69
N PHE A 206 -3.51 -2.18 26.45
CA PHE A 206 -3.65 -0.83 25.94
C PHE A 206 -5.11 -0.53 25.62
N PRO A 207 -5.53 0.72 25.75
CA PRO A 207 -6.92 1.06 25.41
C PRO A 207 -7.20 0.78 23.94
N ASN A 208 -8.40 0.28 23.66
CA ASN A 208 -8.76 -0.11 22.31
C ASN A 208 -10.25 -0.40 22.27
N LYS A 209 -10.79 -0.46 21.05
CA LYS A 209 -12.22 -0.63 20.82
C LYS A 209 -12.55 -1.99 20.20
N THR A 210 -11.66 -2.96 20.30
CA THR A 210 -11.91 -4.27 19.69
C THR A 210 -13.22 -4.87 20.18
N LEU A 211 -13.41 -4.92 21.50
CA LEU A 211 -14.62 -5.55 22.05
C LEU A 211 -15.86 -4.75 21.69
N GLU A 212 -15.76 -3.42 21.72
CA GLU A 212 -16.87 -2.59 21.26
C GLU A 212 -17.29 -2.97 19.85
N LYS A 213 -16.33 -2.98 18.92
CA LYS A 213 -16.64 -3.25 17.52
C LYS A 213 -17.22 -4.65 17.36
N LEU A 214 -16.58 -5.65 17.97
CA LEU A 214 -17.09 -7.02 17.89
C LEU A 214 -18.50 -7.11 18.44
N LYS A 215 -18.79 -6.38 19.52
CA LYS A 215 -20.12 -6.41 20.11
C LYS A 215 -21.17 -5.92 19.11
N SER A 216 -20.91 -4.81 18.42
CA SER A 216 -21.90 -4.25 17.52
C SER A 216 -22.17 -5.18 16.33
N HIS A 217 -21.12 -5.85 15.83
CA HIS A 217 -21.34 -6.82 14.76
C HIS A 217 -22.15 -8.02 15.27
N VAL A 218 -21.82 -8.53 16.46
CA VAL A 218 -22.56 -9.64 17.02
C VAL A 218 -24.02 -9.26 17.29
N LYS A 219 -24.26 -8.00 17.64
CA LYS A 219 -25.63 -7.55 17.86
C LYS A 219 -26.45 -7.70 16.59
N ILE A 220 -25.90 -7.27 15.46
CA ILE A 220 -26.63 -7.35 14.20
C ILE A 220 -26.92 -8.81 13.85
N ARG A 221 -25.95 -9.70 14.05
CA ARG A 221 -26.20 -11.10 13.72
C ARG A 221 -27.25 -11.70 14.65
N ASN A 222 -27.08 -11.50 15.97
CA ASN A 222 -28.06 -12.04 16.91
C ASN A 222 -29.46 -11.53 16.61
N ASP A 223 -29.59 -10.24 16.29
CA ASP A 223 -30.89 -9.69 15.91
C ASP A 223 -31.45 -10.39 14.68
N LEU A 224 -30.58 -10.69 13.71
CA LEU A 224 -31.07 -11.28 12.47
C LEU A 224 -31.52 -12.72 12.67
N LEU A 225 -30.76 -13.51 13.43
CA LEU A 225 -31.17 -14.89 13.70
C LEU A 225 -32.41 -14.94 14.57
N ASN A 226 -32.56 -13.98 15.49
CA ASN A 226 -33.76 -13.93 16.32
C ASN A 226 -35.01 -13.80 15.46
N LYS A 227 -35.03 -12.83 14.55
CA LYS A 227 -36.17 -12.67 13.66
C LYS A 227 -36.51 -13.97 12.95
N ILE A 228 -35.49 -14.69 12.46
CA ILE A 228 -35.73 -15.94 11.77
C ILE A 228 -36.32 -16.97 12.73
N LEU A 229 -35.70 -17.12 13.90
CA LEU A 229 -36.18 -18.09 14.88
C LEU A 229 -37.56 -17.72 15.41
N GLU A 230 -37.86 -16.43 15.52
CA GLU A 230 -39.15 -16.01 16.05
C GLU A 230 -40.28 -16.31 15.08
N ASN A 231 -40.15 -15.84 13.84
CA ASN A 231 -41.18 -16.08 12.84
C ASN A 231 -41.32 -17.56 12.50
N TYR A 232 -40.33 -18.38 12.85
CA TYR A 232 -40.38 -19.81 12.57
C TYR A 232 -41.06 -20.60 13.67
N LYS A 233 -41.18 -20.05 14.88
CA LYS A 233 -41.86 -20.75 15.97
C LYS A 233 -43.27 -21.17 15.56
N GLU A 234 -43.94 -20.33 14.77
CA GLU A 234 -45.31 -20.61 14.36
C GLU A 234 -45.40 -21.59 13.20
N LYS A 235 -44.29 -21.85 12.51
CA LYS A 235 -44.27 -22.82 11.43
C LYS A 235 -43.82 -24.20 11.89
N PHE A 236 -43.24 -24.31 13.08
CA PHE A 236 -42.71 -25.59 13.55
C PHE A 236 -43.84 -26.56 13.84
N ARG A 237 -43.64 -27.82 13.43
CA ARG A 237 -44.59 -28.88 13.68
C ARG A 237 -43.81 -30.14 14.09
N SER A 238 -44.35 -30.86 15.07
CA SER A 238 -43.63 -32.01 15.62
C SER A 238 -43.42 -33.10 14.57
N ASP A 239 -44.36 -33.28 13.66
CA ASP A 239 -44.26 -34.34 12.67
C ASP A 239 -43.45 -33.95 11.44
N SER A 240 -42.88 -32.74 11.42
CA SER A 240 -42.08 -32.26 10.30
C SER A 240 -40.69 -31.90 10.81
N ILE A 241 -39.75 -32.83 10.70
CA ILE A 241 -38.38 -32.65 11.15
C ILE A 241 -37.50 -32.78 9.91
N THR A 242 -37.20 -31.65 9.26
CA THR A 242 -36.50 -31.66 7.99
C THR A 242 -35.28 -30.75 7.95
N ASN A 243 -34.93 -30.08 9.04
CA ASN A 243 -33.77 -29.20 9.04
C ASN A 243 -33.26 -29.07 10.48
N MET A 244 -32.27 -28.20 10.67
CA MET A 244 -31.59 -28.13 11.97
C MET A 244 -32.47 -27.48 13.02
N LEU A 245 -33.17 -26.39 12.66
CA LEU A 245 -33.99 -25.72 13.66
C LEU A 245 -35.12 -26.62 14.13
N ASP A 246 -35.63 -27.50 13.26
CA ASP A 246 -36.60 -28.50 13.69
C ASP A 246 -35.99 -29.43 14.73
N THR A 247 -34.81 -29.97 14.43
CA THR A 247 -34.13 -30.88 15.34
C THR A 247 -33.97 -30.26 16.72
N LEU A 248 -33.64 -28.96 16.78
CA LEU A 248 -33.39 -28.31 18.06
C LEU A 248 -34.69 -28.02 18.80
N MET A 249 -35.75 -27.64 18.08
CA MET A 249 -37.03 -27.39 18.73
C MET A 249 -37.70 -28.68 19.16
N GLN A 250 -37.51 -29.77 18.41
CA GLN A 250 -38.01 -31.07 18.85
C GLN A 250 -37.37 -31.47 20.17
N ALA A 251 -36.06 -31.26 20.30
CA ALA A 251 -35.39 -31.57 21.56
C ALA A 251 -35.91 -30.70 22.70
N LYS A 252 -36.13 -29.40 22.43
CA LYS A 252 -36.71 -28.53 23.44
C LYS A 252 -38.12 -28.95 23.78
N MET A 253 -38.84 -29.55 22.83
CA MET A 253 -40.22 -29.95 23.05
C MET A 253 -40.30 -31.26 23.83
N ASN A 254 -39.48 -32.24 23.44
CA ASN A 254 -39.40 -33.50 24.19
C ASN A 254 -38.63 -33.36 25.49
N SER A 255 -38.24 -32.15 25.86
CA SER A 255 -37.53 -31.89 27.11
C SER A 255 -38.43 -31.37 28.22
N ASP A 256 -39.48 -30.62 27.86
CA ASP A 256 -40.39 -30.04 28.83
C ASP A 256 -41.49 -31.00 29.27
N ASN A 257 -41.33 -32.30 29.00
CA ASN A 257 -42.30 -33.29 29.45
C ASN A 257 -42.21 -33.47 30.96
N ASP A 265 -33.18 -31.10 31.06
CA ASP A 265 -32.16 -30.59 30.14
C ASP A 265 -32.73 -29.54 29.19
N SER A 266 -33.85 -28.93 29.59
CA SER A 266 -34.44 -27.85 28.79
C SER A 266 -33.75 -26.52 29.03
N GLU A 267 -33.01 -26.39 30.14
CA GLU A 267 -32.17 -25.21 30.33
C GLU A 267 -31.08 -25.14 29.27
N LEU A 268 -30.66 -26.28 28.74
CA LEU A 268 -29.66 -26.34 27.69
C LEU A 268 -30.25 -26.14 26.30
N LEU A 269 -31.53 -25.80 26.21
CA LEU A 269 -32.20 -25.61 24.92
C LEU A 269 -33.03 -24.32 24.92
N SER A 270 -32.59 -23.32 25.69
CA SER A 270 -33.25 -22.02 25.63
C SER A 270 -33.05 -21.42 24.24
N ASP A 271 -33.80 -20.35 23.97
CA ASP A 271 -33.70 -19.71 22.65
C ASP A 271 -32.28 -19.22 22.39
N ASN A 272 -31.61 -18.69 23.42
CA ASN A 272 -30.22 -18.27 23.25
C ASN A 272 -29.33 -19.45 22.87
N HIS A 273 -29.59 -20.63 23.45
CA HIS A 273 -28.79 -21.80 23.13
C HIS A 273 -29.03 -22.25 21.69
N ILE A 274 -30.28 -22.22 21.23
CA ILE A 274 -30.58 -22.60 19.86
C ILE A 274 -30.00 -21.60 18.88
N LEU A 275 -30.07 -20.31 19.21
CA LEU A 275 -29.58 -19.27 18.30
C LEU A 275 -28.08 -19.37 18.10
N THR A 276 -27.33 -19.48 19.20
CA THR A 276 -25.87 -19.52 19.10
C THR A 276 -25.40 -20.75 18.34
N THR A 277 -26.05 -21.89 18.55
CA THR A 277 -25.66 -23.10 17.83
C THR A 277 -25.90 -22.96 16.34
N ILE A 278 -27.03 -22.37 15.94
CA ILE A 278 -27.28 -22.16 14.53
C ILE A 278 -26.34 -21.10 13.97
N GLY A 279 -25.94 -20.13 14.79
CA GLY A 279 -24.94 -19.17 14.35
C GLY A 279 -23.62 -19.82 14.01
N ASP A 280 -23.18 -20.78 14.83
CA ASP A 280 -21.93 -21.48 14.56
C ASP A 280 -22.01 -22.26 13.25
N ILE A 281 -23.15 -22.92 13.01
CA ILE A 281 -23.32 -23.66 11.76
C ILE A 281 -23.41 -22.71 10.59
N PHE A 282 -24.16 -21.62 10.74
CA PHE A 282 -24.25 -20.64 9.66
C PHE A 282 -22.88 -20.06 9.34
N GLY A 283 -22.14 -19.67 10.37
CA GLY A 283 -20.82 -19.08 10.18
C GLY A 283 -19.82 -20.07 9.62
N ALA A 284 -19.63 -21.18 10.33
CA ALA A 284 -18.65 -22.17 9.90
C ALA A 284 -18.95 -22.68 8.50
N GLY A 285 -20.23 -22.92 8.19
CA GLY A 285 -20.60 -23.49 6.91
C GLY A 285 -20.30 -22.60 5.72
N VAL A 286 -20.16 -21.30 5.94
CA VAL A 286 -19.97 -20.34 4.85
C VAL A 286 -18.50 -19.94 4.75
N GLU A 287 -17.97 -19.33 5.80
CA GLU A 287 -16.62 -18.76 5.74
C GLU A 287 -15.57 -19.82 5.49
N THR A 288 -15.81 -21.05 5.93
CA THR A 288 -14.80 -22.09 5.79
C THR A 288 -14.73 -22.61 4.35
N THR A 289 -15.88 -22.83 3.72
CA THR A 289 -15.91 -23.39 2.37
C THR A 289 -15.51 -22.34 1.34
N THR A 290 -16.01 -21.11 1.49
CA THR A 290 -15.61 -20.04 0.59
C THR A 290 -14.10 -19.88 0.56
N SER A 291 -13.45 -19.93 1.74
CA SER A 291 -12.01 -19.72 1.80
C SER A 291 -11.26 -20.79 1.03
N VAL A 292 -11.63 -22.06 1.21
CA VAL A 292 -10.90 -23.15 0.58
C VAL A 292 -11.06 -23.09 -0.94
N VAL A 293 -12.27 -22.78 -1.42
CA VAL A 293 -12.47 -22.59 -2.86
C VAL A 293 -11.52 -21.52 -3.38
N LYS A 294 -11.45 -20.38 -2.69
CA LYS A 294 -10.57 -19.31 -3.12
C LYS A 294 -9.11 -19.76 -3.13
N TRP A 295 -8.70 -20.51 -2.10
CA TRP A 295 -7.35 -21.05 -2.06
C TRP A 295 -7.09 -21.99 -3.23
N THR A 296 -8.01 -22.93 -3.47
CA THR A 296 -7.81 -23.89 -4.55
C THR A 296 -7.67 -23.19 -5.89
N LEU A 297 -8.53 -22.20 -6.14
CA LEU A 297 -8.41 -21.40 -7.36
C LEU A 297 -7.03 -20.75 -7.45
N ALA A 298 -6.59 -20.12 -6.36
CA ALA A 298 -5.30 -19.44 -6.36
C ALA A 298 -4.17 -20.40 -6.75
N PHE A 299 -4.18 -21.61 -6.21
CA PHE A 299 -3.13 -22.57 -6.54
C PHE A 299 -3.19 -23.00 -8.00
N LEU A 300 -4.39 -23.19 -8.54
CA LEU A 300 -4.51 -23.55 -9.95
C LEU A 300 -3.98 -22.44 -10.85
N LEU A 301 -4.07 -21.18 -10.41
CA LEU A 301 -3.51 -20.08 -11.20
C LEU A 301 -2.00 -20.10 -11.21
N HIS A 302 -1.38 -20.50 -10.09
CA HIS A 302 0.07 -20.63 -10.03
C HIS A 302 0.57 -21.92 -10.65
N ASN A 303 -0.31 -22.86 -10.97
CA ASN A 303 0.06 -24.19 -11.44
C ASN A 303 -0.80 -24.56 -12.65
N PRO A 304 -0.58 -23.90 -13.78
CA PRO A 304 -1.37 -24.23 -14.99
C PRO A 304 -1.21 -25.66 -15.44
N GLN A 305 -0.07 -26.29 -15.18
CA GLN A 305 0.12 -27.69 -15.57
C GLN A 305 -0.88 -28.59 -14.87
N VAL A 306 -1.04 -28.40 -13.55
CA VAL A 306 -2.05 -29.17 -12.82
C VAL A 306 -3.45 -28.83 -13.32
N LYS A 307 -3.72 -27.54 -13.55
CA LYS A 307 -5.03 -27.14 -14.05
C LYS A 307 -5.35 -27.82 -15.38
N LYS A 308 -4.37 -27.87 -16.28
CA LYS A 308 -4.58 -28.48 -17.59
C LYS A 308 -4.97 -29.95 -17.45
N LYS A 309 -4.25 -30.70 -16.61
CA LYS A 309 -4.56 -32.11 -16.43
C LYS A 309 -5.93 -32.31 -15.79
N LEU A 310 -6.39 -31.35 -14.99
CA LEU A 310 -7.73 -31.45 -14.42
C LEU A 310 -8.81 -31.31 -15.50
N TYR A 311 -8.65 -30.34 -16.40
CA TYR A 311 -9.58 -30.21 -17.52
C TYR A 311 -9.67 -31.51 -18.30
N GLU A 312 -8.51 -32.09 -18.64
CA GLU A 312 -8.50 -33.37 -19.35
C GLU A 312 -9.21 -34.45 -18.55
N GLU A 313 -8.96 -34.50 -17.24
CA GLU A 313 -9.56 -35.54 -16.41
C GLU A 313 -11.08 -35.45 -16.43
N ILE A 314 -11.63 -34.25 -16.36
CA ILE A 314 -13.08 -34.11 -16.29
C ILE A 314 -13.71 -34.24 -17.67
N ASP A 315 -12.97 -33.89 -18.73
CA ASP A 315 -13.52 -34.06 -20.08
C ASP A 315 -13.57 -35.53 -20.48
N GLN A 316 -12.71 -36.35 -19.91
CA GLN A 316 -12.63 -37.76 -20.27
C GLN A 316 -13.49 -38.65 -19.39
N ASN A 317 -13.88 -38.18 -18.20
CA ASN A 317 -14.64 -38.99 -17.25
C ASN A 317 -16.06 -38.50 -17.00
N VAL A 318 -16.38 -37.25 -17.35
CA VAL A 318 -17.72 -36.72 -17.17
C VAL A 318 -18.21 -36.17 -18.51
N GLY A 319 -17.30 -35.51 -19.23
CA GLY A 319 -17.66 -34.94 -20.51
C GLY A 319 -18.61 -33.77 -20.36
N PHE A 320 -19.42 -33.55 -21.41
CA PHE A 320 -20.39 -32.46 -21.43
C PHE A 320 -21.82 -32.96 -21.62
N SER A 321 -22.05 -34.27 -21.51
CA SER A 321 -23.40 -34.80 -21.60
C SER A 321 -24.25 -34.44 -20.39
N ARG A 322 -23.60 -34.23 -19.24
CA ARG A 322 -24.29 -33.96 -17.99
C ARG A 322 -23.39 -33.09 -17.13
N THR A 323 -23.87 -32.78 -15.92
CA THR A 323 -23.07 -32.06 -14.95
C THR A 323 -22.43 -33.03 -13.96
N PRO A 324 -21.36 -32.63 -13.28
CA PRO A 324 -20.71 -33.54 -12.35
C PRO A 324 -21.64 -33.94 -11.21
N THR A 325 -21.43 -35.16 -10.71
CA THR A 325 -22.19 -35.70 -9.60
C THR A 325 -21.23 -36.18 -8.53
N ILE A 326 -21.76 -36.42 -7.33
CA ILE A 326 -20.92 -36.92 -6.24
C ILE A 326 -20.27 -38.23 -6.63
N SER A 327 -20.98 -39.07 -7.38
CA SER A 327 -20.43 -40.35 -7.79
C SER A 327 -19.14 -40.17 -8.59
N ASP A 328 -18.99 -39.04 -9.28
CA ASP A 328 -17.78 -38.78 -10.05
C ASP A 328 -16.53 -38.71 -9.17
N ARG A 329 -16.71 -38.63 -7.85
CA ARG A 329 -15.55 -38.59 -6.95
C ARG A 329 -14.69 -39.83 -7.08
N ASN A 330 -15.23 -40.92 -7.63
CA ASN A 330 -14.46 -42.13 -7.86
C ASN A 330 -13.68 -42.08 -9.17
N ARG A 331 -13.88 -41.04 -9.97
CA ARG A 331 -13.26 -40.93 -11.29
C ARG A 331 -12.39 -39.69 -11.45
N LEU A 332 -12.69 -38.61 -10.73
CA LEU A 332 -11.88 -37.39 -10.79
C LEU A 332 -10.88 -37.41 -9.63
N LEU A 333 -9.90 -38.30 -9.77
CA LEU A 333 -8.96 -38.55 -8.68
C LEU A 333 -8.01 -37.37 -8.49
N LEU A 334 -7.48 -36.81 -9.59
CA LEU A 334 -6.57 -35.68 -9.46
C LEU A 334 -7.27 -34.48 -8.85
N LEU A 335 -8.55 -34.28 -9.18
CA LEU A 335 -9.32 -33.23 -8.53
C LEU A 335 -9.43 -33.49 -7.04
N GLU A 336 -9.69 -34.74 -6.66
CA GLU A 336 -9.74 -35.10 -5.23
C GLU A 336 -8.38 -34.93 -4.59
N ALA A 337 -7.31 -35.28 -5.31
CA ALA A 337 -5.96 -35.10 -4.77
C ALA A 337 -5.60 -33.63 -4.63
N THR A 338 -6.11 -32.78 -5.50
CA THR A 338 -5.84 -31.34 -5.39
C THR A 338 -6.46 -30.77 -4.13
N ILE A 339 -7.71 -31.14 -3.84
CA ILE A 339 -8.37 -30.64 -2.64
C ILE A 339 -7.62 -31.10 -1.39
N ARG A 340 -7.15 -32.35 -1.40
CA ARG A 340 -6.36 -32.84 -0.27
C ARG A 340 -5.09 -32.04 -0.09
N GLU A 341 -4.47 -31.64 -1.21
CA GLU A 341 -3.19 -30.93 -1.12
C GLU A 341 -3.38 -29.50 -0.63
N VAL A 342 -4.46 -28.84 -1.05
CA VAL A 342 -4.76 -27.50 -0.54
C VAL A 342 -5.04 -27.56 0.95
N LEU A 343 -5.79 -28.57 1.40
CA LEU A 343 -6.08 -28.72 2.83
C LEU A 343 -4.84 -29.09 3.62
N ARG A 344 -3.81 -29.66 2.98
CA ARG A 344 -2.53 -29.86 3.65
C ARG A 344 -1.72 -28.58 3.68
N LEU A 345 -1.55 -27.95 2.52
CA LEU A 345 -0.61 -26.84 2.40
C LEU A 345 -1.12 -25.59 3.12
N ARG A 346 -2.42 -25.32 3.03
CA ARG A 346 -3.04 -24.16 3.65
C ARG A 346 -4.26 -24.65 4.44
N PRO A 347 -4.03 -25.26 5.61
CA PRO A 347 -5.16 -25.73 6.40
C PRO A 347 -6.08 -24.59 6.81
N VAL A 348 -7.37 -24.89 6.87
CA VAL A 348 -8.36 -23.89 7.28
C VAL A 348 -8.03 -23.37 8.67
N ALA A 349 -7.54 -24.25 9.55
CA ALA A 349 -7.17 -23.90 10.92
C ALA A 349 -5.76 -24.39 11.15
N PRO A 350 -4.74 -23.58 10.85
CA PRO A 350 -3.35 -24.02 11.04
C PRO A 350 -3.06 -24.54 12.43
N MET A 351 -3.81 -24.11 13.43
CA MET A 351 -3.62 -24.55 14.81
C MET A 351 -4.95 -25.00 15.41
N LEU A 352 -5.81 -25.61 14.58
CA LEU A 352 -7.11 -26.05 15.04
C LEU A 352 -7.80 -24.94 15.82
N ILE A 353 -8.73 -25.28 16.70
CA ILE A 353 -9.20 -24.35 17.71
C ILE A 353 -8.49 -24.73 19.00
N PRO A 354 -8.10 -23.78 19.86
CA PRO A 354 -7.35 -24.16 21.06
C PRO A 354 -8.11 -25.15 21.92
N HIS A 355 -7.36 -26.04 22.56
CA HIS A 355 -7.90 -27.03 23.47
C HIS A 355 -7.52 -26.67 24.91
N LYS A 356 -8.15 -27.36 25.85
CA LYS A 356 -7.90 -27.17 27.27
C LYS A 356 -8.00 -28.51 27.98
N ALA A 357 -7.10 -28.73 28.94
CA ALA A 357 -7.12 -29.95 29.73
C ALA A 357 -8.25 -29.85 30.76
N ASN A 358 -9.19 -30.79 30.70
CA ASN A 358 -10.27 -30.84 31.67
C ASN A 358 -9.79 -31.38 33.01
N VAL A 359 -8.80 -32.25 33.01
CA VAL A 359 -8.23 -32.84 34.22
C VAL A 359 -6.72 -32.84 34.08
N ASP A 360 -6.04 -33.14 35.20
CA ASP A 360 -4.62 -33.40 35.13
C ASP A 360 -4.38 -34.60 34.22
N SER A 361 -3.45 -34.45 33.28
CA SER A 361 -3.19 -35.50 32.31
C SER A 361 -1.73 -35.39 31.89
N SER A 362 -1.40 -35.92 30.71
CA SER A 362 -0.03 -35.87 30.24
C SER A 362 0.00 -35.98 28.72
N ILE A 363 1.10 -35.49 28.15
CA ILE A 363 1.36 -35.58 26.72
C ILE A 363 2.82 -35.99 26.57
N GLY A 364 3.06 -37.11 25.90
CA GLY A 364 4.40 -37.68 25.89
C GLY A 364 4.95 -37.93 27.28
N GLU A 365 4.07 -38.21 28.24
CA GLU A 365 4.39 -38.47 29.64
C GLU A 365 4.87 -37.22 30.38
N PHE A 366 4.78 -36.04 29.76
CA PHE A 366 4.99 -34.79 30.47
C PHE A 366 3.71 -34.40 31.19
N ALA A 367 3.85 -33.89 32.41
CA ALA A 367 2.69 -33.47 33.19
C ALA A 367 2.00 -32.28 32.53
N VAL A 368 0.66 -32.30 32.55
CA VAL A 368 -0.15 -31.19 32.07
C VAL A 368 -1.25 -30.97 33.10
N ASP A 369 -1.20 -29.84 33.79
CA ASP A 369 -2.17 -29.55 34.84
C ASP A 369 -3.53 -29.21 34.24
N LYS A 370 -4.58 -29.49 35.02
CA LYS A 370 -5.92 -29.10 34.61
C LYS A 370 -5.98 -27.60 34.33
N GLY A 371 -6.73 -27.23 33.29
CA GLY A 371 -6.87 -25.85 32.90
C GLY A 371 -5.83 -25.36 31.93
N THR A 372 -4.74 -26.09 31.74
CA THR A 372 -3.72 -25.70 30.78
C THR A 372 -4.31 -25.65 29.38
N GLU A 373 -4.02 -24.57 28.65
CA GLU A 373 -4.39 -24.47 27.26
C GLU A 373 -3.41 -25.29 26.42
N VAL A 374 -3.95 -26.11 25.53
CA VAL A 374 -3.16 -26.99 24.67
C VAL A 374 -3.47 -26.64 23.22
N ILE A 375 -2.42 -26.48 22.42
CA ILE A 375 -2.55 -26.04 21.04
C ILE A 375 -1.86 -27.05 20.14
N ILE A 376 -2.58 -27.55 19.15
CA ILE A 376 -2.06 -28.50 18.17
C ILE A 376 -1.64 -27.71 16.94
N ASN A 377 -0.33 -27.68 16.69
CA ASN A 377 0.20 -26.97 15.52
C ASN A 377 0.05 -27.86 14.30
N LEU A 378 -1.14 -27.81 13.68
CA LEU A 378 -1.38 -28.62 12.48
C LEU A 378 -0.44 -28.22 11.35
N TRP A 379 -0.07 -26.94 11.28
CA TRP A 379 0.89 -26.50 10.27
C TRP A 379 2.19 -27.30 10.38
N ALA A 380 2.67 -27.53 11.60
CA ALA A 380 3.88 -28.33 11.78
C ALA A 380 3.68 -29.75 11.29
N LEU A 381 2.54 -30.36 11.64
CA LEU A 381 2.26 -31.72 11.17
C LEU A 381 2.30 -31.81 9.65
N HIS A 382 1.73 -30.80 8.98
CA HIS A 382 1.59 -30.85 7.53
C HIS A 382 2.85 -30.45 6.78
N HIS A 383 3.85 -29.90 7.48
CA HIS A 383 5.11 -29.52 6.84
C HIS A 383 6.31 -30.28 7.41
N ASN A 384 6.07 -31.28 8.26
CA ASN A 384 7.17 -32.09 8.77
C ASN A 384 7.95 -32.71 7.61
N GLU A 385 9.24 -32.41 7.53
CA GLU A 385 10.03 -32.82 6.39
C GLU A 385 10.36 -34.31 6.41
N LYS A 386 10.24 -34.96 7.58
CA LYS A 386 10.40 -36.40 7.63
C LYS A 386 9.15 -37.16 7.21
N GLU A 387 8.00 -36.47 7.18
CA GLU A 387 6.73 -37.10 6.85
C GLU A 387 6.24 -36.76 5.45
N TRP A 388 6.83 -35.77 4.78
CA TRP A 388 6.38 -35.34 3.47
C TRP A 388 7.58 -35.10 2.57
N HIS A 389 7.37 -35.32 1.27
CA HIS A 389 8.38 -35.04 0.26
C HIS A 389 8.20 -33.61 -0.24
N GLN A 390 9.20 -32.76 0.01
CA GLN A 390 9.13 -31.36 -0.38
C GLN A 390 7.83 -30.76 0.12
N PRO A 391 7.70 -30.51 1.42
CA PRO A 391 6.39 -30.16 1.99
C PRO A 391 5.86 -28.81 1.53
N ASP A 392 6.73 -27.88 1.15
CA ASP A 392 6.31 -26.54 0.76
C ASP A 392 5.93 -26.45 -0.71
N GLN A 393 5.90 -27.57 -1.43
CA GLN A 393 5.53 -27.60 -2.84
C GLN A 393 4.09 -28.09 -2.99
N PHE A 394 3.34 -27.43 -3.86
CA PHE A 394 1.99 -27.84 -4.20
C PHE A 394 2.07 -29.01 -5.16
N MET A 395 1.86 -30.22 -4.65
CA MET A 395 1.99 -31.45 -5.44
C MET A 395 0.79 -32.33 -5.17
N PRO A 396 -0.32 -32.13 -5.89
CA PRO A 396 -1.43 -33.09 -5.81
C PRO A 396 -1.00 -34.53 -6.08
N GLU A 397 0.13 -34.75 -6.76
CA GLU A 397 0.60 -36.10 -7.03
C GLU A 397 0.86 -36.88 -5.75
N ARG A 398 1.26 -36.19 -4.67
CA ARG A 398 1.63 -36.87 -3.44
C ARG A 398 0.50 -37.72 -2.88
N PHE A 399 -0.74 -37.41 -3.23
CA PHE A 399 -1.90 -38.17 -2.78
C PHE A 399 -2.37 -39.20 -3.81
N LEU A 400 -1.57 -39.47 -4.83
CA LEU A 400 -1.89 -40.48 -5.83
C LEU A 400 -0.73 -41.45 -5.96
N ASN A 401 -1.07 -42.71 -6.25
CA ASN A 401 -0.05 -43.69 -6.56
C ASN A 401 0.68 -43.28 -7.83
N PRO A 402 1.87 -43.84 -8.08
CA PRO A 402 2.65 -43.38 -9.25
C PRO A 402 1.88 -43.47 -10.56
N ALA A 403 1.05 -44.50 -10.73
CA ALA A 403 0.26 -44.62 -11.95
C ALA A 403 -0.77 -43.51 -12.07
N GLY A 404 -1.25 -42.99 -10.95
CA GLY A 404 -2.33 -42.03 -10.97
C GLY A 404 -3.71 -42.66 -11.02
N THR A 405 -3.86 -43.89 -10.57
CA THR A 405 -5.10 -44.64 -10.72
C THR A 405 -5.84 -44.85 -9.41
N GLN A 406 -5.29 -44.40 -8.28
CA GLN A 406 -6.01 -44.50 -7.01
C GLN A 406 -5.39 -43.54 -6.00
N LEU A 407 -6.25 -43.02 -5.13
CA LEU A 407 -5.81 -42.14 -4.06
C LEU A 407 -5.05 -42.92 -3.00
N ILE A 408 -4.09 -42.26 -2.35
CA ILE A 408 -3.28 -42.85 -1.30
C ILE A 408 -3.11 -41.85 -0.17
N SER A 409 -2.81 -42.38 1.02
CA SER A 409 -2.49 -41.56 2.18
C SER A 409 -0.99 -41.58 2.41
N PRO A 410 -0.23 -40.68 1.78
CA PRO A 410 1.23 -40.76 1.87
C PRO A 410 1.77 -40.59 3.28
N SER A 411 1.04 -39.92 4.17
CA SER A 411 1.56 -39.58 5.49
C SER A 411 0.48 -39.78 6.54
N VAL A 412 0.92 -40.18 7.73
CA VAL A 412 0.03 -40.23 8.89
C VAL A 412 -0.06 -38.89 9.60
N SER A 413 0.79 -37.92 9.21
CA SER A 413 0.78 -36.59 9.82
C SER A 413 -0.10 -35.65 9.00
N TYR A 414 -1.37 -36.02 8.92
CA TYR A 414 -2.34 -35.32 8.06
C TYR A 414 -3.69 -35.36 8.76
N LEU A 415 -4.13 -34.21 9.27
CA LEU A 415 -5.38 -34.10 10.02
C LEU A 415 -6.09 -32.80 9.67
N PRO A 416 -6.49 -32.64 8.42
CA PRO A 416 -7.13 -31.36 8.02
C PRO A 416 -8.38 -31.02 8.81
N PHE A 417 -9.15 -32.03 9.24
CA PHE A 417 -10.39 -31.82 9.97
C PHE A 417 -10.26 -32.15 11.44
N GLY A 418 -9.05 -32.19 11.97
CA GLY A 418 -8.86 -32.59 13.35
C GLY A 418 -9.25 -34.05 13.53
N ALA A 419 -9.49 -34.41 14.79
CA ALA A 419 -9.85 -35.78 15.13
C ALA A 419 -10.30 -35.83 16.58
N GLY A 420 -11.08 -36.85 16.91
CA GLY A 420 -11.50 -37.07 18.26
C GLY A 420 -12.71 -36.24 18.66
N PRO A 421 -12.86 -36.00 19.96
CA PRO A 421 -14.12 -35.37 20.45
C PRO A 421 -14.47 -34.05 19.79
N ARG A 422 -13.49 -33.16 19.57
CA ARG A 422 -13.77 -31.83 19.04
C ARG A 422 -13.56 -31.74 17.53
N SER A 423 -13.59 -32.87 16.82
CA SER A 423 -13.30 -32.85 15.40
C SER A 423 -14.41 -32.13 14.65
N CYS A 424 -14.13 -31.82 13.38
CA CYS A 424 -15.09 -31.10 12.54
C CYS A 424 -16.36 -31.90 12.35
N ILE A 425 -17.51 -31.25 12.56
CA ILE A 425 -18.80 -31.90 12.37
C ILE A 425 -19.39 -31.63 10.98
N GLY A 426 -18.84 -30.67 10.24
CA GLY A 426 -19.32 -30.38 8.90
C GLY A 426 -18.42 -30.94 7.82
N GLU A 427 -17.72 -32.03 8.14
CA GLU A 427 -16.74 -32.56 7.21
C GLU A 427 -17.39 -33.11 5.94
N ILE A 428 -18.49 -33.84 6.09
CA ILE A 428 -19.17 -34.40 4.92
C ILE A 428 -19.67 -33.27 4.02
N LEU A 429 -20.24 -32.22 4.62
CA LEU A 429 -20.71 -31.09 3.84
C LEU A 429 -19.56 -30.43 3.09
N ALA A 430 -18.47 -30.14 3.79
CA ALA A 430 -17.35 -29.43 3.17
C ALA A 430 -16.80 -30.21 1.99
N ARG A 431 -16.54 -31.50 2.18
CA ARG A 431 -15.93 -32.30 1.12
C ARG A 431 -16.82 -32.34 -0.12
N GLN A 432 -18.13 -32.45 0.06
CA GLN A 432 -19.02 -32.53 -1.09
C GLN A 432 -19.17 -31.17 -1.76
N GLU A 433 -19.27 -30.09 -0.98
CA GLU A 433 -19.30 -28.75 -1.57
C GLU A 433 -18.02 -28.47 -2.35
N LEU A 434 -16.86 -28.71 -1.73
CA LEU A 434 -15.59 -28.42 -2.40
C LEU A 434 -15.47 -29.20 -3.70
N PHE A 435 -15.77 -30.51 -3.67
CA PHE A 435 -15.61 -31.32 -4.87
C PHE A 435 -16.57 -30.86 -5.97
N LEU A 436 -17.83 -30.62 -5.62
CA LEU A 436 -18.82 -30.27 -6.64
C LEU A 436 -18.57 -28.88 -7.21
N ILE A 437 -18.22 -27.91 -6.35
CA ILE A 437 -17.95 -26.55 -6.83
C ILE A 437 -16.84 -26.59 -7.88
N MET A 438 -15.71 -27.22 -7.53
CA MET A 438 -14.57 -27.25 -8.46
C MET A 438 -14.90 -28.04 -9.72
N ALA A 439 -15.61 -29.17 -9.57
CA ALA A 439 -15.97 -29.97 -10.74
C ALA A 439 -16.82 -29.17 -11.72
N TRP A 440 -17.87 -28.52 -11.21
CA TRP A 440 -18.76 -27.75 -12.07
C TRP A 440 -18.02 -26.58 -12.70
N LEU A 441 -17.19 -25.88 -11.94
CA LEU A 441 -16.46 -24.73 -12.47
C LEU A 441 -15.50 -25.15 -13.57
N LEU A 442 -14.74 -26.23 -13.34
CA LEU A 442 -13.76 -26.68 -14.32
C LEU A 442 -14.42 -27.20 -15.60
N GLN A 443 -15.58 -27.83 -15.47
CA GLN A 443 -16.30 -28.31 -16.65
C GLN A 443 -16.65 -27.16 -17.59
N ARG A 444 -17.02 -26.01 -17.02
CA ARG A 444 -17.68 -24.97 -17.78
C ARG A 444 -16.83 -23.73 -18.04
N PHE A 445 -15.76 -23.51 -17.29
CA PHE A 445 -15.03 -22.24 -17.33
C PHE A 445 -13.53 -22.45 -17.45
N ASP A 446 -12.92 -21.65 -18.34
CA ASP A 446 -11.50 -21.39 -18.27
C ASP A 446 -11.23 -20.33 -17.21
N LEU A 447 -10.31 -20.61 -16.31
CA LEU A 447 -9.99 -19.72 -15.19
C LEU A 447 -8.52 -19.35 -15.30
N GLU A 448 -8.24 -18.08 -15.57
CA GLU A 448 -6.90 -17.67 -15.97
C GLU A 448 -6.50 -16.39 -15.24
N VAL A 449 -5.21 -16.08 -15.32
CA VAL A 449 -4.68 -14.84 -14.73
C VAL A 449 -5.40 -13.65 -15.35
N PRO A 450 -5.80 -12.64 -14.57
CA PRO A 450 -6.40 -11.45 -15.18
C PRO A 450 -5.40 -10.73 -16.08
N ASP A 451 -5.93 -9.82 -16.88
CA ASP A 451 -5.11 -9.20 -17.92
C ASP A 451 -3.98 -8.34 -17.37
N ASP A 452 -4.11 -7.84 -16.14
CA ASP A 452 -3.01 -7.10 -15.53
C ASP A 452 -1.85 -7.99 -15.13
N GLY A 453 -2.03 -9.31 -15.16
CA GLY A 453 -0.95 -10.24 -14.91
C GLY A 453 -0.69 -10.57 -13.46
N GLN A 454 -1.43 -9.97 -12.52
CA GLN A 454 -1.19 -10.23 -11.11
C GLN A 454 -1.59 -11.65 -10.75
N LEU A 455 -0.73 -12.33 -10.02
CA LEU A 455 -1.05 -13.62 -9.44
C LEU A 455 -1.47 -13.45 -7.99
N PRO A 456 -2.37 -14.29 -7.48
CA PRO A 456 -2.75 -14.18 -6.07
C PRO A 456 -1.56 -14.46 -5.15
N SER A 457 -1.52 -13.74 -4.04
CA SER A 457 -0.51 -13.99 -3.01
C SER A 457 -0.92 -15.22 -2.20
N LEU A 458 -0.04 -16.22 -2.14
CA LEU A 458 -0.30 -17.44 -1.43
C LEU A 458 0.22 -17.42 0.00
N GLU A 459 0.66 -16.25 0.49
CA GLU A 459 1.15 -16.16 1.86
C GLU A 459 0.02 -16.40 2.85
N GLY A 460 -1.14 -15.81 2.61
CA GLY A 460 -2.29 -16.00 3.47
C GLY A 460 -2.39 -14.96 4.58
N ILE A 461 -3.58 -14.91 5.18
CA ILE A 461 -3.86 -14.00 6.28
C ILE A 461 -4.38 -14.81 7.46
N PRO A 462 -3.56 -15.09 8.48
CA PRO A 462 -4.06 -15.87 9.62
C PRO A 462 -5.10 -15.12 10.44
N LYS A 463 -6.36 -15.56 10.36
CA LYS A 463 -7.40 -15.08 11.27
C LYS A 463 -7.96 -16.30 12.00
N VAL A 464 -9.21 -16.22 12.48
CA VAL A 464 -9.83 -17.42 13.01
C VAL A 464 -9.89 -18.50 11.94
N VAL A 465 -9.92 -18.09 10.68
CA VAL A 465 -9.73 -18.97 9.53
C VAL A 465 -8.52 -18.46 8.75
N PHE A 466 -7.79 -19.39 8.15
CA PHE A 466 -6.61 -19.04 7.35
C PHE A 466 -7.09 -18.53 6.00
N LEU A 467 -7.19 -17.21 5.86
CA LEU A 467 -7.75 -16.59 4.68
C LEU A 467 -6.67 -16.28 3.64
N ILE A 468 -7.11 -16.06 2.41
CA ILE A 468 -6.24 -15.62 1.32
C ILE A 468 -6.61 -14.19 0.96
N ASP A 469 -5.61 -13.42 0.55
CA ASP A 469 -5.85 -12.09 0.02
C ASP A 469 -6.81 -12.15 -1.15
N SER A 470 -7.70 -11.16 -1.24
CA SER A 470 -8.64 -11.11 -2.36
C SER A 470 -7.88 -10.95 -3.67
N PHE A 471 -8.36 -11.61 -4.71
CA PHE A 471 -7.73 -11.58 -6.01
C PHE A 471 -8.81 -11.72 -7.08
N LYS A 472 -8.40 -11.60 -8.34
CA LYS A 472 -9.33 -11.67 -9.45
C LYS A 472 -8.92 -12.79 -10.41
N VAL A 473 -9.91 -13.30 -11.13
CA VAL A 473 -9.71 -14.34 -12.13
C VAL A 473 -10.45 -13.94 -13.40
N LYS A 474 -9.79 -14.10 -14.54
CA LYS A 474 -10.46 -13.93 -15.82
C LYS A 474 -11.25 -15.20 -16.12
N ILE A 475 -12.57 -15.06 -16.22
CA ILE A 475 -13.46 -16.20 -16.40
C ILE A 475 -13.97 -16.19 -17.84
N LYS A 476 -13.87 -17.33 -18.50
CA LYS A 476 -14.28 -17.50 -19.88
C LYS A 476 -15.03 -18.81 -20.01
N VAL A 477 -16.17 -18.79 -20.70
CA VAL A 477 -16.88 -20.03 -21.01
C VAL A 477 -16.00 -20.86 -21.94
N ARG A 478 -15.70 -22.09 -21.53
CA ARG A 478 -14.87 -22.96 -22.34
C ARG A 478 -15.52 -23.21 -23.70
N GLN A 479 -14.69 -23.21 -24.74
CA GLN A 479 -15.19 -23.49 -26.08
C GLN A 479 -15.81 -24.88 -26.15
N ALA A 480 -15.17 -25.86 -25.51
CA ALA A 480 -15.69 -27.23 -25.52
C ALA A 480 -17.10 -27.28 -24.96
N TRP A 481 -17.33 -26.61 -23.83
CA TRP A 481 -18.67 -26.57 -23.23
C TRP A 481 -19.65 -25.87 -24.16
N ARG A 482 -19.18 -24.85 -24.88
CA ARG A 482 -20.07 -24.11 -25.79
C ARG A 482 -20.46 -24.97 -26.97
N GLU A 483 -19.48 -25.58 -27.64
CA GLU A 483 -19.77 -26.37 -28.84
C GLU A 483 -20.83 -27.42 -28.57
N ALA A 484 -20.85 -27.99 -27.37
CA ALA A 484 -21.93 -28.87 -26.97
C ALA A 484 -23.15 -28.05 -26.59
N GLN A 485 -24.33 -28.56 -26.93
CA GLN A 485 -25.58 -27.85 -26.69
C GLN A 485 -25.57 -26.50 -27.39
N LEU B 13 33.41 27.94 -20.79
CA LEU B 13 32.86 26.59 -20.71
C LEU B 13 31.45 26.58 -21.32
N LEU B 14 31.24 25.67 -22.28
CA LEU B 14 30.04 25.68 -23.09
C LEU B 14 28.85 25.09 -22.35
N SER B 15 27.66 25.49 -22.78
CA SER B 15 26.41 24.95 -22.25
C SER B 15 25.92 23.81 -23.16
N LEU B 16 25.24 22.86 -22.54
CA LEU B 16 24.85 21.65 -23.26
C LEU B 16 23.79 21.97 -24.31
N PRO B 17 23.85 21.33 -25.48
CA PRO B 17 22.72 21.43 -26.42
C PRO B 17 21.47 20.85 -25.78
N LEU B 18 20.35 21.54 -25.96
CA LEU B 18 19.09 21.16 -25.32
C LEU B 18 18.17 20.56 -26.37
N VAL B 19 17.86 19.28 -26.20
CA VAL B 19 17.02 18.55 -27.14
C VAL B 19 15.54 18.61 -26.77
N GLY B 20 15.22 18.85 -25.51
CA GLY B 20 13.84 18.83 -25.06
C GLY B 20 13.72 19.50 -23.72
N SER B 21 12.53 20.03 -23.44
CA SER B 21 12.30 20.79 -22.21
C SER B 21 10.83 20.73 -21.84
N LEU B 22 10.54 20.33 -20.60
CA LEU B 22 9.20 20.39 -20.07
C LEU B 22 9.20 21.17 -18.77
N PRO B 23 8.14 21.94 -18.49
CA PRO B 23 8.18 22.83 -17.32
C PRO B 23 8.06 22.12 -15.99
N PHE B 24 7.55 20.89 -15.95
CA PHE B 24 7.44 20.16 -14.70
C PHE B 24 7.56 18.67 -14.98
N LEU B 25 7.69 17.89 -13.90
CA LEU B 25 7.93 16.46 -14.02
C LEU B 25 6.67 15.73 -14.46
N PRO B 26 6.74 14.85 -15.45
CA PRO B 26 5.57 14.03 -15.79
C PRO B 26 5.23 13.05 -14.67
N ARG B 27 3.94 12.76 -14.55
CA ARG B 27 3.43 11.78 -13.57
C ARG B 27 3.83 12.16 -12.14
N HIS B 28 3.76 13.45 -11.85
CA HIS B 28 4.08 13.97 -10.52
C HIS B 28 3.09 15.08 -10.20
N GLY B 29 2.19 14.82 -9.26
CA GLY B 29 1.10 15.72 -8.97
C GLY B 29 0.03 15.64 -10.03
N HIS B 30 -1.09 16.32 -9.76
CA HIS B 30 -2.20 16.33 -10.69
C HIS B 30 -1.94 17.32 -11.81
N MET B 31 -2.15 16.89 -13.05
CA MET B 31 -1.85 17.71 -14.21
C MET B 31 -2.54 19.07 -14.11
N HIS B 32 -3.83 19.07 -13.75
CA HIS B 32 -4.58 20.33 -13.70
C HIS B 32 -3.99 21.30 -12.70
N ASN B 33 -3.42 20.80 -11.60
CA ASN B 33 -2.76 21.68 -10.65
C ASN B 33 -1.38 22.11 -11.12
N ASN B 34 -0.66 21.20 -11.80
CA ASN B 34 0.66 21.55 -12.31
C ASN B 34 0.57 22.72 -13.29
N PHE B 35 -0.39 22.68 -14.21
CA PHE B 35 -0.61 23.81 -15.10
C PHE B 35 -0.96 25.06 -14.30
N PHE B 36 -1.83 24.90 -13.30
CA PHE B 36 -2.25 26.04 -12.48
C PHE B 36 -1.06 26.72 -11.83
N LYS B 37 -0.15 25.93 -11.25
CA LYS B 37 1.03 26.50 -10.60
C LYS B 37 1.93 27.22 -11.59
N LEU B 38 1.93 26.80 -12.86
CA LEU B 38 2.77 27.45 -13.86
C LEU B 38 2.29 28.86 -14.17
N GLN B 39 1.00 29.14 -13.96
CA GLN B 39 0.49 30.47 -14.28
C GLN B 39 1.22 31.56 -13.49
N LYS B 40 1.69 31.24 -12.28
CA LYS B 40 2.47 32.20 -11.51
C LYS B 40 3.75 32.60 -12.22
N LYS B 41 4.23 31.78 -13.15
CA LYS B 41 5.49 32.02 -13.85
C LYS B 41 5.28 32.48 -15.28
N TYR B 42 4.25 31.98 -15.96
CA TYR B 42 4.08 32.21 -17.39
C TYR B 42 2.78 32.89 -17.76
N GLY B 43 1.85 33.09 -16.82
CA GLY B 43 0.62 33.78 -17.11
C GLY B 43 -0.55 32.84 -17.33
N PRO B 44 -1.72 33.41 -17.64
CA PRO B 44 -2.94 32.58 -17.73
C PRO B 44 -3.05 31.77 -19.01
N ILE B 45 -2.16 31.94 -19.98
CA ILE B 45 -2.26 31.22 -21.25
C ILE B 45 -0.85 30.98 -21.77
N TYR B 46 -0.56 29.73 -22.12
CA TYR B 46 0.73 29.33 -22.65
C TYR B 46 0.54 28.03 -23.41
N SER B 47 1.60 27.60 -24.09
CA SER B 47 1.51 26.46 -24.99
C SER B 47 2.70 25.52 -24.80
N VAL B 48 2.50 24.28 -25.20
CA VAL B 48 3.53 23.25 -25.21
C VAL B 48 3.51 22.57 -26.57
N ARG B 49 4.69 22.20 -27.07
CA ARG B 49 4.81 21.52 -28.35
C ARG B 49 5.36 20.12 -28.13
N MET B 50 4.75 19.15 -28.81
CA MET B 50 5.11 17.72 -28.65
C MET B 50 5.14 17.12 -30.05
N GLY B 51 6.29 17.23 -30.71
CA GLY B 51 6.40 16.87 -32.11
C GLY B 51 5.83 17.97 -32.98
N THR B 52 4.83 17.64 -33.80
CA THR B 52 4.09 18.61 -34.58
C THR B 52 2.86 19.13 -33.85
N LYS B 53 2.57 18.58 -32.66
CA LYS B 53 1.33 18.87 -31.95
C LYS B 53 1.55 20.00 -30.96
N THR B 54 0.71 21.03 -31.05
CA THR B 54 0.74 22.16 -30.13
C THR B 54 -0.52 22.14 -29.28
N THR B 55 -0.36 22.29 -27.97
CA THR B 55 -1.47 22.40 -27.04
C THR B 55 -1.40 23.75 -26.32
N VAL B 56 -2.55 24.39 -26.19
CA VAL B 56 -2.68 25.68 -25.50
C VAL B 56 -3.54 25.47 -24.26
N ILE B 57 -3.03 25.91 -23.12
CA ILE B 57 -3.72 25.77 -21.84
C ILE B 57 -4.17 27.16 -21.40
N VAL B 58 -5.45 27.28 -21.05
CA VAL B 58 -6.06 28.56 -20.70
C VAL B 58 -6.57 28.47 -19.26
N GLY B 59 -6.15 29.40 -18.42
CA GLY B 59 -6.47 29.35 -17.01
C GLY B 59 -7.04 30.63 -16.43
N HIS B 60 -7.85 31.35 -17.20
CA HIS B 60 -8.53 32.54 -16.69
C HIS B 60 -9.91 32.61 -17.34
N HIS B 61 -10.90 33.07 -16.57
CA HIS B 61 -12.28 32.97 -17.03
C HIS B 61 -12.52 33.79 -18.29
N GLN B 62 -11.92 34.99 -18.37
CA GLN B 62 -12.10 35.81 -19.56
C GLN B 62 -11.64 35.06 -20.81
N LEU B 63 -10.39 34.59 -20.81
CA LEU B 63 -9.89 33.81 -21.93
C LEU B 63 -10.72 32.54 -22.10
N ALA B 64 -11.17 31.95 -20.99
CA ALA B 64 -11.96 30.74 -21.08
C ALA B 64 -13.29 30.99 -21.79
N LYS B 65 -13.97 32.09 -21.44
CA LYS B 65 -15.26 32.38 -22.07
C LYS B 65 -15.08 32.75 -23.54
N GLU B 66 -13.92 33.27 -23.92
CA GLU B 66 -13.65 33.50 -25.34
C GLU B 66 -13.60 32.19 -26.11
N VAL B 67 -12.92 31.18 -25.54
CA VAL B 67 -12.80 29.89 -26.23
C VAL B 67 -14.14 29.17 -26.27
N LEU B 68 -14.90 29.23 -25.18
CA LEU B 68 -16.12 28.43 -25.07
C LEU B 68 -17.34 29.11 -25.67
N ILE B 69 -17.44 30.44 -25.58
CA ILE B 69 -18.65 31.14 -26.00
C ILE B 69 -18.35 32.06 -27.18
N LYS B 70 -17.63 33.16 -26.92
CA LYS B 70 -17.46 34.20 -27.94
C LYS B 70 -16.98 33.62 -29.27
N LYS B 71 -15.89 32.87 -29.24
CA LYS B 71 -15.42 32.13 -30.40
C LYS B 71 -15.72 30.64 -30.29
N GLY B 72 -16.85 30.31 -29.66
CA GLY B 72 -17.15 28.92 -29.33
C GLY B 72 -17.09 27.98 -30.53
N LYS B 73 -17.46 28.47 -31.71
CA LYS B 73 -17.51 27.60 -32.87
C LYS B 73 -16.13 27.36 -33.46
N ASP B 74 -15.23 28.33 -33.34
CA ASP B 74 -13.85 28.13 -33.79
C ASP B 74 -13.15 27.03 -33.00
N PHE B 75 -13.48 26.90 -31.71
CA PHE B 75 -12.80 25.98 -30.81
C PHE B 75 -13.72 24.83 -30.37
N SER B 76 -14.66 24.45 -31.22
CA SER B 76 -15.62 23.40 -30.90
C SER B 76 -15.19 22.02 -31.39
N GLY B 77 -13.97 21.88 -31.90
CA GLY B 77 -13.49 20.59 -32.33
C GLY B 77 -12.95 19.77 -31.18
N ARG B 78 -12.74 18.48 -31.46
CA ARG B 78 -12.10 17.56 -30.53
C ARG B 78 -10.86 16.97 -31.18
N PRO B 79 -9.73 16.90 -30.47
CA PRO B 79 -8.57 16.20 -31.01
C PRO B 79 -8.80 14.69 -31.01
N GLN B 80 -8.13 14.00 -31.94
CA GLN B 80 -8.24 12.56 -32.03
C GLN B 80 -7.12 11.92 -31.22
N MET B 81 -7.48 10.97 -30.37
CA MET B 81 -6.53 10.20 -29.58
C MET B 81 -6.81 8.73 -29.80
N ALA B 82 -5.75 7.93 -29.91
CA ALA B 82 -5.90 6.51 -30.18
C ALA B 82 -6.85 5.86 -29.18
N THR B 83 -6.82 6.30 -27.92
CA THR B 83 -7.66 5.68 -26.91
C THR B 83 -9.12 6.10 -27.10
N LEU B 84 -9.37 7.37 -27.39
CA LEU B 84 -10.75 7.83 -27.57
C LEU B 84 -11.37 7.26 -28.82
N ASP B 85 -10.56 6.98 -29.85
CA ASP B 85 -11.09 6.33 -31.05
C ASP B 85 -11.77 5.03 -30.71
N ILE B 86 -11.13 4.20 -29.88
CA ILE B 86 -11.70 2.90 -29.53
C ILE B 86 -13.00 3.08 -28.76
N ALA B 87 -12.97 3.93 -27.73
CA ALA B 87 -14.15 4.10 -26.88
C ALA B 87 -15.32 4.69 -27.67
N SER B 88 -15.04 5.58 -28.62
CA SER B 88 -16.09 6.25 -29.38
C SER B 88 -16.37 5.56 -30.71
N ASN B 89 -15.91 4.32 -30.89
CA ASN B 89 -16.10 3.59 -32.13
C ASN B 89 -15.66 4.45 -33.32
N ASN B 90 -14.46 5.01 -33.21
CA ASN B 90 -13.87 5.86 -34.23
C ASN B 90 -14.63 7.17 -34.37
N ARG B 91 -14.67 7.95 -33.28
CA ARG B 91 -15.14 9.34 -33.31
C ARG B 91 -16.62 9.43 -33.70
N LYS B 92 -17.41 8.46 -33.25
CA LYS B 92 -18.86 8.57 -33.31
C LYS B 92 -19.38 9.08 -31.97
N GLY B 93 -20.70 9.13 -31.82
CA GLY B 93 -21.28 9.61 -30.59
C GLY B 93 -21.26 11.13 -30.49
N ILE B 94 -21.14 11.62 -29.27
CA ILE B 94 -21.24 13.05 -28.99
C ILE B 94 -19.93 13.57 -28.39
N ALA B 95 -19.55 13.03 -27.24
CA ALA B 95 -18.50 13.66 -26.43
C ALA B 95 -17.16 13.70 -27.16
N PHE B 96 -16.77 12.60 -27.79
CA PHE B 96 -15.47 12.49 -28.43
C PHE B 96 -15.55 12.61 -29.94
N ALA B 97 -16.71 13.01 -30.48
CA ALA B 97 -16.83 13.24 -31.91
C ALA B 97 -16.36 14.64 -32.25
N ASP B 98 -15.63 14.75 -33.36
CA ASP B 98 -15.19 16.06 -33.83
C ASP B 98 -16.39 16.89 -34.25
N SER B 99 -16.20 18.21 -34.27
CA SER B 99 -17.25 19.10 -34.75
C SER B 99 -17.54 18.79 -36.21
N GLY B 100 -18.82 18.63 -36.54
CA GLY B 100 -19.19 18.28 -37.89
C GLY B 100 -20.65 17.89 -37.97
N ALA B 101 -20.97 17.12 -39.02
CA ALA B 101 -22.37 16.77 -39.28
C ALA B 101 -22.88 15.75 -38.27
N HIS B 102 -22.08 14.74 -37.94
CA HIS B 102 -22.52 13.71 -37.01
C HIS B 102 -22.77 14.31 -35.64
N TRP B 103 -21.78 15.01 -35.09
CA TRP B 103 -21.89 15.57 -33.75
C TRP B 103 -23.12 16.45 -33.62
N GLN B 104 -23.29 17.39 -34.56
CA GLN B 104 -24.40 18.34 -34.48
C GLN B 104 -25.75 17.62 -34.45
N LEU B 105 -25.92 16.62 -35.30
CA LEU B 105 -27.18 15.89 -35.35
C LEU B 105 -27.46 15.15 -34.06
N HIS B 106 -26.52 14.30 -33.63
CA HIS B 106 -26.75 13.45 -32.47
C HIS B 106 -26.88 14.29 -31.20
N ARG B 107 -26.04 15.31 -31.03
CA ARG B 107 -26.18 16.21 -29.89
C ARG B 107 -27.59 16.80 -29.86
N ARG B 108 -28.05 17.32 -30.99
CA ARG B 108 -29.41 17.86 -31.07
C ARG B 108 -30.44 16.80 -30.69
N LEU B 109 -30.34 15.62 -31.31
CA LEU B 109 -31.30 14.56 -31.05
C LEU B 109 -31.30 14.16 -29.57
N ALA B 110 -30.12 14.13 -28.95
CA ALA B 110 -30.05 13.80 -27.54
C ALA B 110 -30.67 14.89 -26.67
N MET B 111 -30.47 16.16 -27.06
CA MET B 111 -31.09 17.25 -26.33
C MET B 111 -32.60 17.23 -26.48
N ALA B 112 -33.09 16.89 -27.68
CA ALA B 112 -34.53 16.80 -27.89
C ALA B 112 -35.16 15.75 -26.99
N THR B 113 -34.48 14.60 -26.83
CA THR B 113 -35.00 13.55 -25.96
C THR B 113 -35.20 14.05 -24.54
N PHE B 114 -34.27 14.87 -24.04
CA PHE B 114 -34.40 15.35 -22.67
C PHE B 114 -35.62 16.24 -22.50
N ALA B 115 -35.99 17.00 -23.53
CA ALA B 115 -37.16 17.84 -23.47
C ALA B 115 -38.44 17.04 -23.73
N LEU B 116 -38.43 15.77 -23.34
CA LEU B 116 -39.64 14.95 -23.31
C LEU B 116 -40.07 14.60 -21.89
N PHE B 117 -39.19 14.79 -20.91
CA PHE B 117 -39.50 14.52 -19.51
C PHE B 117 -39.83 15.80 -18.76
N LYS B 118 -40.43 16.76 -19.46
CA LYS B 118 -40.85 18.04 -18.89
C LYS B 118 -42.37 18.10 -18.91
N ASP B 119 -43.02 17.03 -18.46
CA ASP B 119 -44.46 16.88 -18.58
C ASP B 119 -44.97 16.06 -17.40
N GLY B 120 -46.27 16.24 -17.10
CA GLY B 120 -46.88 15.68 -15.91
C GLY B 120 -46.83 14.16 -15.80
N ASP B 121 -46.38 13.50 -16.86
CA ASP B 121 -46.13 12.06 -16.82
C ASP B 121 -44.83 11.83 -17.56
N GLN B 122 -44.07 10.84 -17.07
CA GLN B 122 -42.67 10.65 -17.46
C GLN B 122 -41.78 11.72 -16.87
N LYS B 123 -42.29 12.51 -15.92
CA LYS B 123 -41.49 13.55 -15.29
C LYS B 123 -40.16 13.00 -14.84
N LEU B 124 -39.08 13.70 -15.20
CA LEU B 124 -37.75 13.29 -14.75
C LEU B 124 -37.72 13.11 -13.24
N GLU B 125 -38.46 13.96 -12.52
CA GLU B 125 -38.51 13.85 -11.07
C GLU B 125 -39.01 12.49 -10.61
N LYS B 126 -40.07 11.98 -11.25
CA LYS B 126 -40.66 10.73 -10.80
C LYS B 126 -39.85 9.52 -11.28
N ILE B 127 -39.19 9.62 -12.44
CA ILE B 127 -38.21 8.60 -12.81
C ILE B 127 -37.16 8.49 -11.71
N ILE B 128 -36.62 9.64 -11.30
CA ILE B 128 -35.55 9.66 -10.30
C ILE B 128 -36.07 9.21 -8.94
N CYS B 129 -37.18 9.82 -8.49
CA CYS B 129 -37.68 9.51 -7.15
C CYS B 129 -38.03 8.04 -7.01
N GLN B 130 -38.49 7.39 -8.08
CA GLN B 130 -38.77 5.96 -8.01
C GLN B 130 -37.51 5.17 -7.68
N GLU B 131 -36.40 5.52 -8.31
CA GLU B 131 -35.15 4.78 -8.11
C GLU B 131 -34.47 5.15 -6.80
N ILE B 132 -34.62 6.40 -6.35
CA ILE B 132 -34.10 6.77 -5.03
C ILE B 132 -34.86 6.03 -3.95
N SER B 133 -36.15 5.78 -4.15
CA SER B 133 -36.94 5.04 -3.16
C SER B 133 -36.41 3.64 -2.98
N THR B 134 -36.03 2.97 -4.08
CA THR B 134 -35.44 1.65 -3.98
C THR B 134 -34.05 1.72 -3.35
N LEU B 135 -33.26 2.72 -3.71
CA LEU B 135 -31.94 2.89 -3.12
C LEU B 135 -32.04 2.99 -1.60
N CYS B 136 -32.91 3.87 -1.10
CA CYS B 136 -33.00 4.10 0.34
C CYS B 136 -33.49 2.86 1.07
N ASP B 137 -34.42 2.11 0.45
CA ASP B 137 -34.86 0.85 1.05
C ASP B 137 -33.68 -0.11 1.21
N MET B 138 -32.85 -0.23 0.16
CA MET B 138 -31.68 -1.10 0.23
C MET B 138 -30.73 -0.65 1.34
N LEU B 139 -30.36 0.63 1.32
CA LEU B 139 -29.39 1.13 2.29
C LEU B 139 -29.90 0.96 3.72
N ALA B 140 -31.21 1.05 3.93
CA ALA B 140 -31.76 0.90 5.27
C ALA B 140 -31.48 -0.48 5.84
N THR B 141 -31.37 -1.50 4.97
CA THR B 141 -31.10 -2.85 5.46
C THR B 141 -29.72 -2.92 6.12
N HIS B 142 -28.81 -2.03 5.72
CA HIS B 142 -27.48 -1.95 6.30
C HIS B 142 -27.46 -1.09 7.57
N ASN B 143 -28.59 -0.95 8.25
CA ASN B 143 -28.67 -0.12 9.45
C ASN B 143 -27.62 -0.56 10.47
N GLY B 144 -26.78 0.39 10.88
CA GLY B 144 -25.76 0.12 11.87
C GLY B 144 -24.46 -0.41 11.33
N GLN B 145 -24.29 -0.47 10.01
CA GLN B 145 -23.10 -1.02 9.39
C GLN B 145 -22.37 0.06 8.58
N SER B 146 -21.09 -0.20 8.32
CA SER B 146 -20.27 0.64 7.47
C SER B 146 -20.16 0.02 6.09
N ILE B 147 -20.47 0.80 5.05
CA ILE B 147 -20.54 0.29 3.69
C ILE B 147 -19.96 1.29 2.71
N ASP B 148 -19.57 0.77 1.55
CA ASP B 148 -19.29 1.58 0.38
C ASP B 148 -20.57 1.72 -0.43
N ILE B 149 -21.00 2.96 -0.66
CA ILE B 149 -22.31 3.21 -1.26
C ILE B 149 -22.19 3.33 -2.78
N SER B 150 -21.02 3.00 -3.32
CA SER B 150 -20.78 3.16 -4.76
C SER B 150 -21.80 2.38 -5.58
N PHE B 151 -21.82 1.06 -5.42
CA PHE B 151 -22.67 0.23 -6.26
C PHE B 151 -24.15 0.52 -6.09
N PRO B 152 -24.69 0.68 -4.88
CA PRO B 152 -26.11 1.04 -4.77
C PRO B 152 -26.47 2.31 -5.51
N VAL B 153 -25.70 3.38 -5.34
CA VAL B 153 -25.93 4.60 -6.12
C VAL B 153 -25.79 4.31 -7.59
N PHE B 154 -24.78 3.53 -7.97
CA PHE B 154 -24.57 3.14 -9.37
C PHE B 154 -25.82 2.50 -9.95
N VAL B 155 -26.47 1.62 -9.19
CA VAL B 155 -27.68 0.96 -9.68
C VAL B 155 -28.78 1.98 -9.90
N ALA B 156 -28.99 2.88 -8.94
CA ALA B 156 -30.09 3.83 -9.02
C ALA B 156 -29.98 4.69 -10.27
N VAL B 157 -28.80 5.26 -10.52
CA VAL B 157 -28.64 6.14 -11.68
C VAL B 157 -28.61 5.36 -12.98
N THR B 158 -28.16 4.10 -12.94
CA THR B 158 -28.20 3.27 -14.14
C THR B 158 -29.63 3.01 -14.57
N ASN B 159 -30.53 2.79 -13.61
CA ASN B 159 -31.94 2.55 -13.94
C ASN B 159 -32.59 3.80 -14.52
N VAL B 160 -32.19 4.98 -14.06
CA VAL B 160 -32.74 6.22 -14.60
C VAL B 160 -32.40 6.34 -16.09
N ILE B 161 -31.10 6.28 -16.41
CA ILE B 161 -30.68 6.45 -17.79
C ILE B 161 -31.19 5.32 -18.66
N SER B 162 -31.30 4.11 -18.10
CA SER B 162 -31.92 3.01 -18.85
C SER B 162 -33.37 3.35 -19.19
N LEU B 163 -34.09 3.94 -18.24
CA LEU B 163 -35.46 4.36 -18.51
C LEU B 163 -35.51 5.48 -19.54
N ILE B 164 -34.54 6.40 -19.50
CA ILE B 164 -34.50 7.49 -20.46
C ILE B 164 -34.13 6.98 -21.85
N CYS B 165 -33.22 6.01 -21.92
CA CYS B 165 -32.74 5.52 -23.21
C CYS B 165 -33.68 4.47 -23.79
N PHE B 166 -34.21 3.58 -22.96
CA PHE B 166 -34.94 2.41 -23.42
C PHE B 166 -36.31 2.23 -22.79
N ASN B 167 -36.68 3.01 -21.79
CA ASN B 167 -37.88 2.78 -20.99
C ASN B 167 -37.84 1.43 -20.28
N THR B 168 -36.64 0.87 -20.12
CA THR B 168 -36.43 -0.35 -19.35
C THR B 168 -35.54 -0.04 -18.16
N SER B 169 -35.58 -0.92 -17.17
CA SER B 169 -34.69 -0.84 -16.02
C SER B 169 -34.38 -2.26 -15.57
N TYR B 170 -33.35 -2.38 -14.74
CA TYR B 170 -32.90 -3.68 -14.24
C TYR B 170 -33.55 -3.95 -12.89
N LYS B 171 -34.06 -5.16 -12.71
CA LYS B 171 -34.61 -5.55 -11.43
C LYS B 171 -33.49 -5.81 -10.43
N ASN B 172 -33.85 -5.74 -9.15
CA ASN B 172 -32.90 -6.00 -8.08
C ASN B 172 -32.15 -7.30 -8.32
N GLY B 173 -30.82 -7.23 -8.34
CA GLY B 173 -29.99 -8.41 -8.45
C GLY B 173 -29.67 -8.87 -9.86
N ASP B 174 -30.07 -8.11 -10.88
CA ASP B 174 -29.78 -8.49 -12.26
C ASP B 174 -28.27 -8.52 -12.47
N PRO B 175 -27.68 -9.65 -12.89
CA PRO B 175 -26.22 -9.70 -13.04
C PRO B 175 -25.68 -8.77 -14.09
N GLU B 176 -26.50 -8.36 -15.08
CA GLU B 176 -26.00 -7.46 -16.11
C GLU B 176 -25.47 -6.17 -15.50
N LEU B 177 -26.01 -5.77 -14.34
CA LEU B 177 -25.50 -4.59 -13.64
C LEU B 177 -24.03 -4.77 -13.28
N ASN B 178 -23.66 -5.94 -12.77
CA ASN B 178 -22.26 -6.17 -12.41
C ASN B 178 -21.38 -6.23 -13.65
N VAL B 179 -21.90 -6.74 -14.76
CA VAL B 179 -21.15 -6.73 -16.02
C VAL B 179 -20.88 -5.30 -16.46
N ILE B 180 -21.89 -4.43 -16.35
CA ILE B 180 -21.71 -3.03 -16.74
C ILE B 180 -20.69 -2.35 -15.84
N GLN B 181 -20.81 -2.57 -14.52
CA GLN B 181 -19.83 -2.02 -13.59
C GLN B 181 -18.41 -2.46 -13.97
N ASN B 182 -18.25 -3.73 -14.32
CA ASN B 182 -16.92 -4.26 -14.60
C ASN B 182 -16.28 -3.53 -15.78
N TYR B 183 -17.00 -3.38 -16.89
CA TYR B 183 -16.37 -2.75 -18.05
C TYR B 183 -16.36 -1.24 -17.96
N ASN B 184 -17.29 -0.62 -17.23
CA ASN B 184 -17.18 0.80 -16.94
C ASN B 184 -15.85 1.09 -16.25
N GLU B 185 -15.52 0.33 -15.21
CA GLU B 185 -14.24 0.47 -14.53
C GLU B 185 -13.07 0.15 -15.45
N GLY B 186 -13.25 -0.81 -16.37
CA GLY B 186 -12.19 -1.15 -17.28
C GLY B 186 -11.87 -0.04 -18.26
N ILE B 187 -12.91 0.52 -18.89
CA ILE B 187 -12.71 1.63 -19.83
C ILE B 187 -12.08 2.81 -19.11
N ILE B 188 -12.68 3.26 -18.02
CA ILE B 188 -12.15 4.41 -17.30
C ILE B 188 -10.71 4.16 -16.88
N ASP B 189 -10.40 2.94 -16.45
CA ASP B 189 -9.04 2.63 -16.03
C ASP B 189 -8.04 2.81 -17.17
N ASN B 190 -8.39 2.35 -18.37
CA ASN B 190 -7.46 2.31 -19.49
C ASN B 190 -7.63 3.45 -20.48
N LEU B 191 -8.68 4.27 -20.34
CA LEU B 191 -8.85 5.40 -21.25
C LEU B 191 -7.67 6.35 -21.14
N SER B 192 -7.20 6.59 -19.93
CA SER B 192 -6.02 7.41 -19.70
C SER B 192 -5.40 6.98 -18.37
N LYS B 193 -4.07 7.07 -18.29
CA LYS B 193 -3.40 6.77 -17.03
C LYS B 193 -3.91 7.71 -15.94
N ASP B 194 -3.72 9.01 -16.13
CA ASP B 194 -4.30 10.01 -15.25
C ASP B 194 -5.41 10.74 -16.00
N SER B 195 -5.21 12.02 -16.31
CA SER B 195 -6.23 12.78 -17.03
C SER B 195 -6.12 12.49 -18.53
N LEU B 196 -7.04 13.07 -19.31
CA LEU B 196 -6.97 12.92 -20.76
C LEU B 196 -5.79 13.69 -21.34
N VAL B 197 -5.41 14.81 -20.72
CA VAL B 197 -4.25 15.57 -21.17
C VAL B 197 -3.01 14.80 -20.73
N ASP B 198 -2.26 14.29 -21.70
CA ASP B 198 -1.02 13.56 -21.45
C ASP B 198 0.07 14.21 -22.28
N LEU B 199 0.95 14.98 -21.63
CA LEU B 199 2.02 15.67 -22.35
C LEU B 199 2.79 14.68 -23.22
N VAL B 200 3.55 13.80 -22.58
CA VAL B 200 4.33 12.81 -23.32
C VAL B 200 3.39 11.69 -23.76
N PRO B 201 3.43 11.23 -25.19
CA PRO B 201 2.63 10.08 -25.65
C PRO B 201 3.28 8.73 -25.29
N TRP B 202 3.10 8.34 -24.03
CA TRP B 202 3.73 7.11 -23.54
C TRP B 202 3.22 5.88 -24.27
N LEU B 203 1.96 5.91 -24.74
CA LEU B 203 1.41 4.76 -25.44
C LEU B 203 2.26 4.38 -26.65
N LYS B 204 2.63 5.35 -27.46
CA LYS B 204 3.34 5.11 -28.71
C LYS B 204 4.85 5.05 -28.54
N ILE B 205 5.36 5.12 -27.31
CA ILE B 205 6.79 5.10 -27.06
C ILE B 205 7.24 3.73 -26.61
N PHE B 206 6.63 3.20 -25.55
CA PHE B 206 7.05 1.92 -24.99
C PHE B 206 6.00 0.85 -25.25
N PRO B 207 6.41 -0.43 -25.33
CA PRO B 207 5.44 -1.50 -25.52
C PRO B 207 4.50 -1.62 -24.32
N ASN B 208 3.22 -1.83 -24.60
CA ASN B 208 2.21 -1.92 -23.55
C ASN B 208 0.94 -2.54 -24.13
N LYS B 209 0.03 -2.91 -23.22
CA LYS B 209 -1.22 -3.56 -23.58
C LYS B 209 -2.44 -2.68 -23.33
N THR B 210 -2.25 -1.36 -23.25
CA THR B 210 -3.35 -0.48 -22.88
C THR B 210 -4.48 -0.55 -23.90
N LEU B 211 -4.15 -0.38 -25.18
CA LEU B 211 -5.19 -0.39 -26.21
C LEU B 211 -5.81 -1.78 -26.33
N GLU B 212 -5.01 -2.83 -26.18
CA GLU B 212 -5.55 -4.18 -26.20
C GLU B 212 -6.62 -4.36 -25.11
N LYS B 213 -6.29 -3.98 -23.88
CA LYS B 213 -7.28 -4.06 -22.79
C LYS B 213 -8.50 -3.20 -23.09
N LEU B 214 -8.28 -1.97 -23.56
CA LEU B 214 -9.38 -1.05 -23.82
C LEU B 214 -10.35 -1.64 -24.84
N LYS B 215 -9.82 -2.18 -25.94
CA LYS B 215 -10.69 -2.83 -26.93
C LYS B 215 -11.49 -3.95 -26.30
N SER B 216 -10.85 -4.78 -25.48
CA SER B 216 -11.54 -5.91 -24.86
C SER B 216 -12.75 -5.46 -24.06
N HIS B 217 -12.58 -4.40 -23.26
CA HIS B 217 -13.71 -3.88 -22.49
C HIS B 217 -14.75 -3.25 -23.41
N VAL B 218 -14.32 -2.50 -24.42
CA VAL B 218 -15.26 -1.85 -25.32
C VAL B 218 -16.09 -2.88 -26.07
N LYS B 219 -15.46 -4.00 -26.46
CA LYS B 219 -16.20 -5.04 -27.18
C LYS B 219 -17.35 -5.56 -26.34
N ILE B 220 -17.09 -5.88 -25.07
CA ILE B 220 -18.15 -6.34 -24.18
C ILE B 220 -19.25 -5.30 -24.09
N ARG B 221 -18.87 -4.03 -24.00
CA ARG B 221 -19.87 -2.96 -23.92
C ARG B 221 -20.66 -2.85 -25.22
N ASN B 222 -19.96 -2.83 -26.36
CA ASN B 222 -20.65 -2.74 -27.65
C ASN B 222 -21.55 -3.95 -27.86
N ASP B 223 -21.06 -5.15 -27.55
CA ASP B 223 -21.89 -6.35 -27.68
C ASP B 223 -23.16 -6.23 -26.86
N LEU B 224 -23.04 -5.76 -25.62
CA LEU B 224 -24.22 -5.62 -24.77
C LEU B 224 -25.22 -4.64 -25.39
N LEU B 225 -24.74 -3.49 -25.85
CA LEU B 225 -25.65 -2.50 -26.42
C LEU B 225 -26.20 -2.95 -27.77
N ASN B 226 -25.42 -3.68 -28.56
CA ASN B 226 -25.93 -4.20 -29.82
C ASN B 226 -27.10 -5.15 -29.58
N LYS B 227 -27.03 -5.91 -28.48
CA LYS B 227 -28.13 -6.81 -28.12
C LYS B 227 -29.40 -6.03 -27.81
N ILE B 228 -29.27 -4.94 -27.05
CA ILE B 228 -30.44 -4.13 -26.70
C ILE B 228 -31.07 -3.56 -27.97
N LEU B 229 -30.26 -2.91 -28.81
CA LEU B 229 -30.80 -2.24 -29.99
C LEU B 229 -31.40 -3.24 -30.97
N GLU B 230 -30.76 -4.39 -31.16
CA GLU B 230 -31.31 -5.42 -32.03
C GLU B 230 -32.69 -5.84 -31.55
N ASN B 231 -32.82 -6.13 -30.25
CA ASN B 231 -34.10 -6.55 -29.69
C ASN B 231 -35.11 -5.41 -29.63
N TYR B 232 -34.70 -4.17 -29.92
CA TYR B 232 -35.62 -3.04 -29.90
C TYR B 232 -36.18 -2.71 -31.28
N LYS B 233 -35.54 -3.18 -32.34
CA LYS B 233 -36.12 -3.02 -33.68
C LYS B 233 -37.50 -3.65 -33.78
N GLU B 234 -37.80 -4.64 -32.94
CA GLU B 234 -39.12 -5.24 -32.92
C GLU B 234 -40.10 -4.44 -32.09
N LYS B 235 -39.61 -3.74 -31.05
CA LYS B 235 -40.48 -2.97 -30.17
C LYS B 235 -40.77 -1.57 -30.72
N PHE B 236 -39.92 -1.05 -31.60
CA PHE B 236 -40.06 0.32 -32.04
C PHE B 236 -41.36 0.52 -32.81
N ARG B 237 -42.08 1.58 -32.47
CA ARG B 237 -43.32 1.93 -33.16
C ARG B 237 -43.33 3.44 -33.33
N SER B 238 -43.48 3.89 -34.58
CA SER B 238 -43.30 5.30 -34.92
C SER B 238 -44.34 6.20 -34.26
N ASP B 239 -45.50 5.66 -33.90
CA ASP B 239 -46.52 6.46 -33.23
C ASP B 239 -46.26 6.62 -31.73
N SER B 240 -45.07 6.24 -31.25
CA SER B 240 -44.78 6.30 -29.81
C SER B 240 -43.29 6.58 -29.65
N ILE B 241 -42.96 7.86 -29.53
CA ILE B 241 -41.61 8.30 -29.21
C ILE B 241 -41.61 8.71 -27.74
N THR B 242 -40.93 7.92 -26.91
CA THR B 242 -40.93 8.16 -25.47
C THR B 242 -39.53 8.12 -24.84
N ASN B 243 -38.51 7.68 -25.56
CA ASN B 243 -37.17 7.57 -25.02
C ASN B 243 -36.16 7.98 -26.09
N MET B 244 -34.88 7.85 -25.75
CA MET B 244 -33.83 8.33 -26.64
C MET B 244 -33.71 7.46 -27.89
N LEU B 245 -33.80 6.13 -27.72
CA LEU B 245 -33.67 5.25 -28.86
C LEU B 245 -34.81 5.45 -29.85
N ASP B 246 -36.02 5.76 -29.36
CA ASP B 246 -37.11 6.15 -30.24
C ASP B 246 -36.72 7.38 -31.06
N THR B 247 -36.27 8.44 -30.39
CA THR B 247 -35.85 9.65 -31.07
C THR B 247 -34.83 9.35 -32.16
N LEU B 248 -33.81 8.55 -31.82
CA LEU B 248 -32.76 8.24 -32.79
C LEU B 248 -33.31 7.41 -33.95
N MET B 249 -34.06 6.35 -33.64
CA MET B 249 -34.61 5.52 -34.70
C MET B 249 -35.63 6.29 -35.54
N GLN B 250 -36.40 7.19 -34.91
CA GLN B 250 -37.34 8.01 -35.65
C GLN B 250 -36.63 8.85 -36.70
N ALA B 251 -35.45 9.39 -36.36
CA ALA B 251 -34.72 10.24 -37.30
C ALA B 251 -34.15 9.42 -38.46
N LYS B 252 -33.55 8.27 -38.16
CA LYS B 252 -33.08 7.38 -39.22
C LYS B 252 -34.22 7.03 -40.18
N MET B 253 -35.43 6.86 -39.63
CA MET B 253 -36.58 6.51 -40.44
C MET B 253 -37.01 7.67 -41.33
N ASN B 254 -37.22 8.84 -40.73
CA ASN B 254 -37.73 9.99 -41.46
C ASN B 254 -36.74 10.56 -42.48
N SER B 255 -35.47 10.15 -42.44
CA SER B 255 -34.50 10.64 -43.40
C SER B 255 -34.44 9.78 -44.65
N ASP B 256 -34.95 8.55 -44.60
CA ASP B 256 -34.99 7.66 -45.76
C ASP B 256 -36.42 7.70 -46.30
N ASN B 257 -36.58 8.29 -47.48
CA ASN B 257 -37.91 8.47 -48.08
C ASN B 257 -38.81 9.24 -47.12
N GLN B 264 -29.04 11.42 -46.80
CA GLN B 264 -28.42 12.57 -46.18
C GLN B 264 -27.97 12.22 -44.75
N ASP B 265 -28.91 12.23 -43.81
CA ASP B 265 -28.62 11.82 -42.44
C ASP B 265 -28.63 10.30 -42.27
N SER B 266 -29.01 9.57 -43.32
CA SER B 266 -28.94 8.10 -43.25
C SER B 266 -27.53 7.64 -42.92
N GLU B 267 -26.53 8.18 -43.63
CA GLU B 267 -25.14 7.92 -43.28
C GLU B 267 -24.85 8.34 -41.84
N LEU B 268 -25.51 9.40 -41.36
CA LEU B 268 -25.22 9.93 -40.04
C LEU B 268 -25.95 9.20 -38.92
N LEU B 269 -26.95 8.39 -39.25
CA LEU B 269 -27.74 7.67 -38.25
C LEU B 269 -27.69 6.16 -38.50
N SER B 270 -26.53 5.65 -38.87
CA SER B 270 -26.37 4.21 -39.01
C SER B 270 -26.50 3.53 -37.64
N ASP B 271 -26.60 2.21 -37.67
CA ASP B 271 -26.72 1.46 -36.41
C ASP B 271 -25.55 1.75 -35.48
N ASN B 272 -24.35 1.88 -36.04
CA ASN B 272 -23.18 2.09 -35.19
C ASN B 272 -23.14 3.52 -34.66
N HIS B 273 -23.67 4.49 -35.41
CA HIS B 273 -23.78 5.84 -34.89
C HIS B 273 -24.79 5.91 -33.75
N ILE B 274 -25.92 5.22 -33.90
CA ILE B 274 -26.93 5.21 -32.84
C ILE B 274 -26.38 4.53 -31.60
N LEU B 275 -25.68 3.41 -31.77
CA LEU B 275 -25.10 2.71 -30.63
C LEU B 275 -24.18 3.60 -29.83
N THR B 276 -23.20 4.23 -30.50
CA THR B 276 -22.19 5.01 -29.79
C THR B 276 -22.84 6.15 -29.01
N THR B 277 -23.82 6.82 -29.61
CA THR B 277 -24.50 7.92 -28.92
C THR B 277 -25.22 7.42 -27.67
N ILE B 278 -25.90 6.28 -27.78
CA ILE B 278 -26.48 5.65 -26.60
C ILE B 278 -25.39 5.33 -25.60
N GLY B 279 -24.26 4.81 -26.08
CA GLY B 279 -23.15 4.50 -25.19
C GLY B 279 -22.65 5.71 -24.42
N ASP B 280 -22.50 6.84 -25.10
CA ASP B 280 -22.06 8.07 -24.44
C ASP B 280 -23.04 8.46 -23.34
N ILE B 281 -24.34 8.49 -23.65
CA ILE B 281 -25.34 8.86 -22.66
C ILE B 281 -25.33 7.88 -21.51
N PHE B 282 -25.31 6.58 -21.82
CA PHE B 282 -25.29 5.55 -20.78
C PHE B 282 -24.07 5.74 -19.88
N GLY B 283 -22.92 6.04 -20.46
CA GLY B 283 -21.71 6.21 -19.65
C GLY B 283 -21.74 7.46 -18.80
N ALA B 284 -21.99 8.61 -19.43
CA ALA B 284 -21.93 9.88 -18.70
C ALA B 284 -23.01 9.96 -17.62
N GLY B 285 -24.19 9.42 -17.89
CA GLY B 285 -25.28 9.53 -16.94
C GLY B 285 -25.07 8.75 -15.67
N VAL B 286 -24.19 7.76 -15.68
CA VAL B 286 -23.93 6.93 -14.51
C VAL B 286 -22.66 7.38 -13.78
N GLU B 287 -21.55 7.48 -14.50
CA GLU B 287 -20.25 7.65 -13.85
C GLU B 287 -20.09 9.04 -13.27
N THR B 288 -20.63 10.07 -13.93
CA THR B 288 -20.49 11.43 -13.42
C THR B 288 -21.34 11.64 -12.17
N THR B 289 -22.62 11.26 -12.24
CA THR B 289 -23.52 11.47 -11.10
C THR B 289 -23.09 10.64 -9.90
N THR B 290 -22.75 9.37 -10.12
CA THR B 290 -22.26 8.54 -9.03
C THR B 290 -21.06 9.19 -8.35
N SER B 291 -20.16 9.78 -9.14
CA SER B 291 -18.93 10.33 -8.59
C SER B 291 -19.23 11.55 -7.72
N VAL B 292 -20.01 12.51 -8.24
CA VAL B 292 -20.31 13.71 -7.46
C VAL B 292 -21.02 13.34 -6.15
N VAL B 293 -21.85 12.29 -6.19
CA VAL B 293 -22.54 11.86 -4.97
C VAL B 293 -21.53 11.42 -3.91
N LYS B 294 -20.54 10.63 -4.32
CA LYS B 294 -19.53 10.15 -3.37
C LYS B 294 -18.67 11.31 -2.88
N TRP B 295 -18.29 12.22 -3.78
CA TRP B 295 -17.54 13.40 -3.36
C TRP B 295 -18.29 14.18 -2.28
N THR B 296 -19.58 14.44 -2.51
CA THR B 296 -20.37 15.23 -1.57
C THR B 296 -20.41 14.54 -0.21
N LEU B 297 -20.73 13.25 -0.20
CA LEU B 297 -20.64 12.46 1.02
C LEU B 297 -19.32 12.69 1.73
N ALA B 298 -18.21 12.56 1.00
CA ALA B 298 -16.90 12.65 1.62
C ALA B 298 -16.70 13.99 2.31
N PHE B 299 -17.07 15.09 1.64
CA PHE B 299 -16.93 16.41 2.26
C PHE B 299 -17.77 16.52 3.52
N LEU B 300 -18.98 15.94 3.51
CA LEU B 300 -19.84 16.03 4.68
C LEU B 300 -19.27 15.25 5.87
N LEU B 301 -18.51 14.20 5.61
CA LEU B 301 -17.83 13.51 6.70
C LEU B 301 -16.70 14.36 7.27
N HIS B 302 -16.07 15.19 6.45
CA HIS B 302 -15.03 16.09 6.91
C HIS B 302 -15.58 17.37 7.52
N ASN B 303 -16.89 17.60 7.43
CA ASN B 303 -17.51 18.84 7.91
C ASN B 303 -18.83 18.50 8.60
N PRO B 304 -18.77 17.98 9.82
CA PRO B 304 -20.03 17.66 10.53
C PRO B 304 -20.91 18.86 10.78
N GLN B 305 -20.32 20.06 10.89
CA GLN B 305 -21.12 21.25 11.15
C GLN B 305 -22.01 21.59 9.95
N VAL B 306 -21.47 21.47 8.73
CA VAL B 306 -22.30 21.63 7.54
C VAL B 306 -23.39 20.57 7.52
N LYS B 307 -23.00 19.30 7.73
CA LYS B 307 -23.97 18.21 7.72
C LYS B 307 -25.06 18.42 8.75
N LYS B 308 -24.67 18.84 9.97
CA LYS B 308 -25.66 19.13 11.01
C LYS B 308 -26.66 20.17 10.53
N LYS B 309 -26.21 21.21 9.84
CA LYS B 309 -27.12 22.25 9.38
C LYS B 309 -27.97 21.79 8.21
N LEU B 310 -27.50 20.81 7.44
CA LEU B 310 -28.34 20.25 6.39
C LEU B 310 -29.48 19.43 6.98
N TYR B 311 -29.22 18.73 8.09
CA TYR B 311 -30.28 17.99 8.77
C TYR B 311 -31.35 18.95 9.29
N GLU B 312 -30.94 20.01 9.99
CA GLU B 312 -31.88 20.97 10.51
C GLU B 312 -32.69 21.61 9.39
N GLU B 313 -32.04 21.91 8.26
CA GLU B 313 -32.73 22.57 7.15
C GLU B 313 -33.83 21.68 6.59
N ILE B 314 -33.53 20.40 6.35
CA ILE B 314 -34.49 19.52 5.71
C ILE B 314 -35.60 19.08 6.64
N ASP B 315 -35.37 19.11 7.96
CA ASP B 315 -36.44 18.79 8.90
C ASP B 315 -37.43 19.95 9.01
N GLN B 316 -36.93 21.18 8.97
CA GLN B 316 -37.77 22.36 9.15
C GLN B 316 -38.46 22.81 7.86
N ASN B 317 -38.03 22.32 6.70
CA ASN B 317 -38.63 22.70 5.43
C ASN B 317 -39.35 21.56 4.73
N VAL B 318 -39.02 20.30 5.03
CA VAL B 318 -39.68 19.15 4.42
C VAL B 318 -40.29 18.29 5.53
N GLY B 319 -39.61 18.22 6.67
CA GLY B 319 -40.11 17.41 7.76
C GLY B 319 -40.07 15.92 7.42
N PHE B 320 -41.04 15.19 7.98
CA PHE B 320 -41.13 13.75 7.78
C PHE B 320 -42.51 13.31 7.31
N SER B 321 -43.37 14.26 6.94
CA SER B 321 -44.70 13.91 6.42
C SER B 321 -44.63 13.37 5.00
N ARG B 322 -43.60 13.74 4.24
CA ARG B 322 -43.47 13.36 2.85
C ARG B 322 -42.01 13.23 2.50
N THR B 323 -41.74 12.75 1.28
CA THR B 323 -40.37 12.69 0.77
C THR B 323 -40.07 13.93 -0.07
N PRO B 324 -38.80 14.25 -0.27
CA PRO B 324 -38.45 15.47 -0.99
C PRO B 324 -38.87 15.44 -2.45
N THR B 325 -39.03 16.64 -3.00
CA THR B 325 -39.34 16.86 -4.40
C THR B 325 -38.43 17.96 -4.93
N ILE B 326 -38.27 18.02 -6.25
CA ILE B 326 -37.41 19.05 -6.83
C ILE B 326 -37.98 20.44 -6.56
N SER B 327 -39.28 20.52 -6.24
CA SER B 327 -39.83 21.80 -5.80
C SER B 327 -39.26 22.22 -4.46
N ASP B 328 -38.63 21.31 -3.72
CA ASP B 328 -37.98 21.65 -2.47
C ASP B 328 -36.66 22.39 -2.67
N ARG B 329 -36.15 22.45 -3.91
CA ARG B 329 -34.99 23.28 -4.19
C ARG B 329 -35.20 24.71 -3.70
N ASN B 330 -36.46 25.19 -3.74
CA ASN B 330 -36.75 26.57 -3.36
C ASN B 330 -36.44 26.84 -1.90
N ARG B 331 -36.38 25.83 -1.06
CA ARG B 331 -36.26 26.00 0.38
C ARG B 331 -35.04 25.33 0.99
N LEU B 332 -34.54 24.25 0.39
CA LEU B 332 -33.31 23.62 0.87
C LEU B 332 -32.11 24.29 0.19
N LEU B 333 -31.89 25.54 0.60
CA LEU B 333 -30.88 26.37 -0.05
C LEU B 333 -29.48 25.93 0.31
N LEU B 334 -29.25 25.55 1.58
CA LEU B 334 -27.92 25.10 1.97
C LEU B 334 -27.53 23.82 1.23
N LEU B 335 -28.50 22.97 0.91
CA LEU B 335 -28.21 21.78 0.14
C LEU B 335 -27.78 22.14 -1.28
N GLU B 336 -28.56 22.97 -1.96
CA GLU B 336 -28.16 23.45 -3.27
C GLU B 336 -26.81 24.16 -3.22
N ALA B 337 -26.57 24.92 -2.15
CA ALA B 337 -25.28 25.59 -2.00
C ALA B 337 -24.16 24.57 -1.87
N THR B 338 -24.38 23.52 -1.08
CA THR B 338 -23.38 22.47 -0.94
C THR B 338 -23.04 21.85 -2.29
N ILE B 339 -24.07 21.48 -3.07
CA ILE B 339 -23.84 20.89 -4.38
C ILE B 339 -23.02 21.85 -5.25
N ARG B 340 -23.35 23.14 -5.22
CA ARG B 340 -22.59 24.11 -5.98
C ARG B 340 -21.12 24.11 -5.56
N GLU B 341 -20.86 24.00 -4.25
CA GLU B 341 -19.49 24.08 -3.75
C GLU B 341 -18.68 22.84 -4.13
N VAL B 342 -19.31 21.67 -4.12
CA VAL B 342 -18.62 20.45 -4.54
C VAL B 342 -18.21 20.56 -6.00
N LEU B 343 -19.15 20.97 -6.86
CA LEU B 343 -18.85 21.11 -8.28
C LEU B 343 -17.77 22.13 -8.53
N ARG B 344 -17.59 23.09 -7.62
CA ARG B 344 -16.48 24.05 -7.73
C ARG B 344 -15.18 23.41 -7.26
N LEU B 345 -15.18 22.87 -6.05
CA LEU B 345 -13.94 22.44 -5.41
C LEU B 345 -13.38 21.18 -6.07
N ARG B 346 -14.25 20.30 -6.57
CA ARG B 346 -13.84 19.05 -7.19
C ARG B 346 -14.69 18.83 -8.43
N PRO B 347 -14.42 19.59 -9.50
CA PRO B 347 -15.22 19.43 -10.72
C PRO B 347 -15.05 18.04 -11.33
N VAL B 348 -16.10 17.57 -11.99
CA VAL B 348 -16.04 16.25 -12.62
C VAL B 348 -14.96 16.23 -13.69
N ALA B 349 -14.84 17.33 -14.44
CA ALA B 349 -13.85 17.48 -15.50
C ALA B 349 -13.01 18.71 -15.19
N PRO B 350 -11.94 18.58 -14.39
CA PRO B 350 -11.15 19.76 -14.02
C PRO B 350 -10.52 20.46 -15.21
N MET B 351 -10.43 19.80 -16.36
CA MET B 351 -9.95 20.40 -17.59
C MET B 351 -10.92 20.13 -18.73
N LEU B 352 -12.20 20.10 -18.41
CA LEU B 352 -13.28 19.85 -19.37
C LEU B 352 -12.89 18.64 -20.20
N ILE B 353 -13.29 18.62 -21.47
CA ILE B 353 -12.75 17.69 -22.47
C ILE B 353 -11.92 18.54 -23.42
N PRO B 354 -10.78 18.06 -23.89
CA PRO B 354 -9.94 18.90 -24.77
C PRO B 354 -10.72 19.44 -25.96
N HIS B 355 -10.44 20.69 -26.30
CA HIS B 355 -10.99 21.33 -27.48
C HIS B 355 -9.93 21.37 -28.57
N LYS B 356 -10.36 21.83 -29.75
CA LYS B 356 -9.46 21.93 -30.90
C LYS B 356 -9.93 23.07 -31.79
N ALA B 357 -8.97 23.82 -32.33
CA ALA B 357 -9.27 24.94 -33.22
C ALA B 357 -9.67 24.39 -34.58
N ASN B 358 -10.94 24.58 -34.95
CA ASN B 358 -11.42 24.15 -36.27
C ASN B 358 -10.87 25.02 -37.40
N VAL B 359 -10.47 26.26 -37.10
CA VAL B 359 -9.95 27.21 -38.08
C VAL B 359 -8.90 28.08 -37.40
N ASP B 360 -8.11 28.78 -38.21
CA ASP B 360 -7.22 29.79 -37.65
C ASP B 360 -8.02 30.79 -36.84
N SER B 361 -7.53 31.10 -35.65
CA SER B 361 -8.28 31.96 -34.75
C SER B 361 -7.32 32.58 -33.74
N SER B 362 -7.84 33.04 -32.61
CA SER B 362 -7.02 33.72 -31.62
C SER B 362 -7.66 33.59 -30.25
N ILE B 363 -6.83 33.68 -29.22
CA ILE B 363 -7.28 33.72 -27.84
C ILE B 363 -6.54 34.86 -27.14
N GLY B 364 -7.29 35.78 -26.55
CA GLY B 364 -6.69 36.92 -25.89
C GLY B 364 -5.72 37.66 -26.79
N GLU B 365 -6.00 37.64 -28.10
CA GLU B 365 -5.24 38.32 -29.15
C GLU B 365 -4.00 37.55 -29.58
N PHE B 366 -3.72 36.38 -29.00
CA PHE B 366 -2.63 35.55 -29.47
C PHE B 366 -3.13 34.65 -30.60
N ALA B 367 -2.30 34.48 -31.62
CA ALA B 367 -2.65 33.60 -32.73
C ALA B 367 -2.75 32.16 -32.26
N VAL B 368 -3.77 31.45 -32.75
CA VAL B 368 -3.94 30.02 -32.52
C VAL B 368 -4.29 29.38 -33.86
N ASP B 369 -3.42 28.51 -34.36
CA ASP B 369 -3.59 27.95 -35.67
C ASP B 369 -4.67 26.86 -35.69
N LYS B 370 -5.17 26.58 -36.89
CA LYS B 370 -6.10 25.49 -37.08
C LYS B 370 -5.47 24.18 -36.60
N GLY B 371 -6.30 23.35 -35.95
CA GLY B 371 -5.83 22.07 -35.47
C GLY B 371 -5.08 22.10 -34.16
N THR B 372 -4.92 23.27 -33.56
CA THR B 372 -4.24 23.37 -32.27
C THR B 372 -5.18 22.90 -31.16
N GLU B 373 -4.66 22.08 -30.27
CA GLU B 373 -5.44 21.61 -29.13
C GLU B 373 -5.49 22.70 -28.06
N VAL B 374 -6.66 22.86 -27.46
CA VAL B 374 -6.91 23.92 -26.49
C VAL B 374 -7.54 23.32 -25.25
N ILE B 375 -6.91 23.54 -24.09
CA ILE B 375 -7.36 22.98 -22.82
C ILE B 375 -7.81 24.13 -21.94
N ILE B 376 -9.06 24.05 -21.46
CA ILE B 376 -9.57 24.99 -20.47
C ILE B 376 -9.33 24.39 -19.10
N ASN B 377 -8.46 25.02 -18.33
CA ASN B 377 -8.15 24.54 -16.97
C ASN B 377 -9.21 25.07 -16.03
N LEU B 378 -10.30 24.29 -15.88
CA LEU B 378 -11.39 24.70 -15.01
C LEU B 378 -10.93 24.75 -13.55
N TRP B 379 -10.05 23.82 -13.16
CA TRP B 379 -9.49 23.85 -11.81
C TRP B 379 -8.91 25.22 -11.48
N ALA B 380 -8.14 25.78 -12.42
CA ALA B 380 -7.57 27.12 -12.19
C ALA B 380 -8.66 28.15 -12.01
N LEU B 381 -9.69 28.12 -12.86
CA LEU B 381 -10.81 29.06 -12.73
C LEU B 381 -11.43 28.97 -11.35
N HIS B 382 -11.63 27.76 -10.82
CA HIS B 382 -12.34 27.58 -9.57
C HIS B 382 -11.46 27.79 -8.33
N HIS B 383 -10.15 27.93 -8.51
CA HIS B 383 -9.24 28.19 -7.40
C HIS B 383 -8.51 29.52 -7.54
N ASN B 384 -8.96 30.39 -8.44
CA ASN B 384 -8.37 31.71 -8.59
C ASN B 384 -8.50 32.51 -7.30
N GLU B 385 -7.36 32.92 -6.74
CA GLU B 385 -7.36 33.63 -5.46
C GLU B 385 -8.13 34.94 -5.55
N LYS B 386 -8.10 35.60 -6.70
CA LYS B 386 -8.74 36.91 -6.85
C LYS B 386 -10.23 36.82 -7.13
N GLU B 387 -10.73 35.64 -7.49
CA GLU B 387 -12.15 35.45 -7.74
C GLU B 387 -12.87 34.74 -6.61
N TRP B 388 -12.14 34.06 -5.72
CA TRP B 388 -12.73 33.26 -4.67
C TRP B 388 -12.04 33.57 -3.34
N HIS B 389 -12.83 33.58 -2.26
CA HIS B 389 -12.30 33.77 -0.93
C HIS B 389 -11.89 32.41 -0.35
N GLN B 390 -10.61 32.27 -0.01
CA GLN B 390 -10.05 31.02 0.49
C GLN B 390 -10.53 29.87 -0.38
N PRO B 391 -10.07 29.81 -1.63
CA PRO B 391 -10.66 28.87 -2.60
C PRO B 391 -10.55 27.40 -2.23
N ASP B 392 -9.46 26.98 -1.60
CA ASP B 392 -9.28 25.56 -1.31
C ASP B 392 -10.08 25.09 -0.10
N GLN B 393 -10.99 25.91 0.40
CA GLN B 393 -11.82 25.55 1.55
C GLN B 393 -13.24 25.22 1.12
N PHE B 394 -13.75 24.13 1.68
CA PHE B 394 -15.15 23.73 1.48
C PHE B 394 -16.04 24.68 2.26
N MET B 395 -16.66 25.63 1.58
CA MET B 395 -17.50 26.65 2.20
C MET B 395 -18.78 26.78 1.39
N PRO B 396 -19.77 25.92 1.62
CA PRO B 396 -21.05 26.07 0.91
C PRO B 396 -21.67 27.44 1.05
N GLU B 397 -21.39 28.14 2.15
CA GLU B 397 -22.00 29.45 2.40
C GLU B 397 -21.54 30.53 1.43
N ARG B 398 -20.47 30.29 0.66
CA ARG B 398 -20.05 31.27 -0.33
C ARG B 398 -21.10 31.46 -1.42
N PHE B 399 -22.01 30.50 -1.60
CA PHE B 399 -23.09 30.60 -2.57
C PHE B 399 -24.40 31.08 -1.92
N LEU B 400 -24.35 31.56 -0.68
CA LEU B 400 -25.48 32.15 -0.01
C LEU B 400 -25.17 33.58 0.37
N ASN B 401 -26.21 34.42 0.45
CA ASN B 401 -26.05 35.77 0.94
C ASN B 401 -25.81 35.74 2.45
N PRO B 402 -25.37 36.84 3.04
CA PRO B 402 -24.97 36.79 4.46
C PRO B 402 -26.04 36.24 5.40
N ALA B 403 -27.32 36.45 5.08
CA ALA B 403 -28.42 35.99 5.93
C ALA B 403 -28.83 34.55 5.67
N GLY B 404 -28.25 33.90 4.66
CA GLY B 404 -28.62 32.55 4.33
C GLY B 404 -30.04 32.42 3.81
N THR B 405 -30.55 33.46 3.15
CA THR B 405 -31.93 33.50 2.71
C THR B 405 -32.11 33.23 1.22
N GLN B 406 -31.04 33.31 0.43
CA GLN B 406 -31.15 33.06 -1.00
C GLN B 406 -29.77 32.77 -1.56
N LEU B 407 -29.76 32.09 -2.71
CA LEU B 407 -28.51 31.71 -3.36
C LEU B 407 -27.95 32.87 -4.17
N ILE B 408 -26.63 32.99 -4.18
CA ILE B 408 -25.93 34.01 -4.95
C ILE B 408 -24.89 33.33 -5.83
N SER B 409 -24.39 34.09 -6.80
CA SER B 409 -23.27 33.66 -7.63
C SER B 409 -22.06 34.49 -7.23
N PRO B 410 -21.20 33.99 -6.33
CA PRO B 410 -20.14 34.86 -5.79
C PRO B 410 -19.07 35.24 -6.79
N SER B 411 -18.95 34.52 -7.90
CA SER B 411 -17.85 34.74 -8.82
C SER B 411 -18.31 34.41 -10.24
N VAL B 412 -17.72 35.13 -11.20
CA VAL B 412 -17.92 34.81 -12.61
C VAL B 412 -16.96 33.72 -13.09
N SER B 413 -16.00 33.33 -12.26
CA SER B 413 -15.03 32.30 -12.62
C SER B 413 -15.54 30.92 -12.17
N TYR B 414 -16.70 30.56 -12.72
CA TYR B 414 -17.42 29.36 -12.29
C TYR B 414 -18.14 28.77 -13.49
N LEU B 415 -17.70 27.61 -13.95
CA LEU B 415 -18.29 26.93 -15.11
C LEU B 415 -18.27 25.43 -14.92
N PRO B 416 -18.94 24.90 -13.89
CA PRO B 416 -18.87 23.44 -13.65
C PRO B 416 -19.33 22.62 -14.85
N PHE B 417 -20.31 23.09 -15.61
CA PHE B 417 -20.84 22.34 -16.73
C PHE B 417 -20.35 22.87 -18.08
N GLY B 418 -19.27 23.65 -18.07
CA GLY B 418 -18.79 24.24 -19.30
C GLY B 418 -19.74 25.32 -19.79
N ALA B 419 -19.67 25.58 -21.10
CA ALA B 419 -20.53 26.57 -21.74
C ALA B 419 -20.31 26.57 -23.25
N GLY B 420 -21.32 26.98 -24.01
CA GLY B 420 -21.18 27.09 -25.45
C GLY B 420 -21.55 25.81 -26.16
N PRO B 421 -21.00 25.62 -27.38
CA PRO B 421 -21.44 24.48 -28.20
C PRO B 421 -21.16 23.10 -27.60
N ARG B 422 -20.04 22.94 -26.90
CA ARG B 422 -19.68 21.64 -26.32
C ARG B 422 -20.13 21.50 -24.87
N SER B 423 -20.95 22.42 -24.38
CA SER B 423 -21.35 22.38 -22.98
C SER B 423 -22.10 21.09 -22.68
N CYS B 424 -22.18 20.76 -21.38
CA CYS B 424 -22.85 19.54 -20.95
C CYS B 424 -24.31 19.53 -21.41
N ILE B 425 -24.73 18.38 -21.94
CA ILE B 425 -26.13 18.19 -22.33
C ILE B 425 -26.95 17.49 -21.25
N GLY B 426 -26.30 16.97 -20.19
CA GLY B 426 -27.02 16.29 -19.13
C GLY B 426 -27.05 17.08 -17.84
N GLU B 427 -26.92 18.40 -17.93
CA GLU B 427 -26.89 19.24 -16.74
C GLU B 427 -28.20 19.17 -15.97
N ILE B 428 -29.33 19.18 -16.69
CA ILE B 428 -30.63 19.16 -16.03
C ILE B 428 -30.83 17.84 -15.28
N LEU B 429 -30.57 16.72 -15.96
CA LEU B 429 -30.67 15.42 -15.30
C LEU B 429 -29.72 15.34 -14.10
N ALA B 430 -28.51 15.88 -14.24
CA ALA B 430 -27.53 15.81 -13.16
C ALA B 430 -28.02 16.58 -11.94
N ARG B 431 -28.39 17.84 -12.12
CA ARG B 431 -28.73 18.68 -10.97
C ARG B 431 -29.93 18.14 -10.23
N GLN B 432 -30.89 17.56 -10.94
CA GLN B 432 -32.06 16.97 -10.26
C GLN B 432 -31.68 15.70 -9.53
N GLU B 433 -30.89 14.83 -10.17
CA GLU B 433 -30.44 13.61 -9.50
C GLU B 433 -29.62 13.94 -8.26
N LEU B 434 -28.62 14.83 -8.39
CA LEU B 434 -27.78 15.16 -7.26
C LEU B 434 -28.59 15.72 -6.10
N PHE B 435 -29.55 16.61 -6.40
CA PHE B 435 -30.33 17.23 -5.33
C PHE B 435 -31.26 16.22 -4.67
N LEU B 436 -31.94 15.40 -5.46
CA LEU B 436 -32.92 14.47 -4.91
C LEU B 436 -32.24 13.37 -4.10
N ILE B 437 -31.12 12.83 -4.60
CA ILE B 437 -30.40 11.79 -3.87
C ILE B 437 -30.00 12.30 -2.49
N MET B 438 -29.39 13.48 -2.43
CA MET B 438 -28.94 14.01 -1.15
C MET B 438 -30.11 14.38 -0.25
N ALA B 439 -31.20 14.87 -0.84
CA ALA B 439 -32.38 15.20 -0.04
C ALA B 439 -32.98 13.94 0.60
N TRP B 440 -33.11 12.88 -0.18
CA TRP B 440 -33.67 11.63 0.34
C TRP B 440 -32.74 11.00 1.37
N LEU B 441 -31.43 10.98 1.08
CA LEU B 441 -30.47 10.39 2.02
C LEU B 441 -30.47 11.15 3.34
N LEU B 442 -30.37 12.48 3.28
CA LEU B 442 -30.27 13.28 4.51
C LEU B 442 -31.54 13.15 5.35
N GLN B 443 -32.71 13.11 4.70
CA GLN B 443 -33.96 12.99 5.46
C GLN B 443 -33.99 11.70 6.27
N ARG B 444 -33.35 10.64 5.78
CA ARG B 444 -33.59 9.30 6.31
C ARG B 444 -32.44 8.73 7.11
N PHE B 445 -31.19 9.07 6.79
CA PHE B 445 -30.04 8.37 7.34
C PHE B 445 -29.09 9.32 8.06
N ASP B 446 -28.54 8.83 9.18
CA ASP B 446 -27.32 9.39 9.73
C ASP B 446 -26.14 8.81 8.97
N LEU B 447 -25.25 9.68 8.51
CA LEU B 447 -24.10 9.30 7.69
C LEU B 447 -22.84 9.73 8.42
N GLU B 448 -22.11 8.76 8.98
CA GLU B 448 -21.07 9.04 9.96
C GLU B 448 -19.79 8.30 9.60
N VAL B 449 -18.74 8.65 10.32
CA VAL B 449 -17.41 8.04 10.12
C VAL B 449 -17.48 6.58 10.53
N PRO B 450 -16.89 5.65 9.76
CA PRO B 450 -16.89 4.24 10.18
C PRO B 450 -16.16 4.05 11.49
N ASP B 451 -16.33 2.84 12.06
CA ASP B 451 -15.79 2.57 13.39
C ASP B 451 -14.27 2.63 13.43
N ASP B 452 -13.60 2.35 12.32
CA ASP B 452 -12.14 2.45 12.30
C ASP B 452 -11.66 3.90 12.35
N GLY B 453 -12.56 4.87 12.18
CA GLY B 453 -12.20 6.26 12.30
C GLY B 453 -11.57 6.88 11.07
N GLN B 454 -11.53 6.16 9.94
CA GLN B 454 -10.88 6.67 8.75
C GLN B 454 -11.77 7.67 8.02
N LEU B 455 -11.17 8.75 7.59
CA LEU B 455 -11.85 9.72 6.74
C LEU B 455 -11.47 9.52 5.28
N PRO B 456 -12.37 9.76 4.34
CA PRO B 456 -12.00 9.63 2.93
C PRO B 456 -10.94 10.65 2.55
N SER B 457 -10.03 10.24 1.66
CA SER B 457 -9.04 11.16 1.11
C SER B 457 -9.72 12.08 0.11
N LEU B 458 -9.63 13.39 0.35
CA LEU B 458 -10.19 14.39 -0.55
C LEU B 458 -9.22 14.78 -1.66
N GLU B 459 -8.11 14.04 -1.81
CA GLU B 459 -7.14 14.38 -2.84
C GLU B 459 -7.68 14.07 -4.24
N GLY B 460 -8.32 12.92 -4.40
CA GLY B 460 -8.93 12.57 -5.67
C GLY B 460 -8.01 11.79 -6.58
N ILE B 461 -8.61 11.21 -7.61
CA ILE B 461 -7.89 10.43 -8.62
C ILE B 461 -8.28 10.97 -9.99
N PRO B 462 -7.45 11.77 -10.65
CA PRO B 462 -7.87 12.33 -11.95
C PRO B 462 -7.86 11.30 -13.07
N LYS B 463 -9.05 10.92 -13.52
CA LYS B 463 -9.23 10.09 -14.70
C LYS B 463 -9.93 10.92 -15.77
N VAL B 464 -10.62 10.25 -16.71
CA VAL B 464 -11.52 10.98 -17.60
C VAL B 464 -12.54 11.73 -16.77
N VAL B 465 -12.90 11.19 -15.61
CA VAL B 465 -13.68 11.88 -14.60
C VAL B 465 -12.82 11.97 -13.35
N PHE B 466 -13.04 13.02 -12.57
CA PHE B 466 -12.26 13.27 -11.35
C PHE B 466 -12.87 12.43 -10.23
N LEU B 467 -12.31 11.23 -10.01
CA LEU B 467 -12.87 10.27 -9.07
C LEU B 467 -12.28 10.47 -7.68
N ILE B 468 -12.98 9.92 -6.69
CA ILE B 468 -12.51 9.88 -5.30
C ILE B 468 -12.17 8.44 -4.96
N ASP B 469 -11.16 8.27 -4.11
CA ASP B 469 -10.83 6.94 -3.61
C ASP B 469 -12.05 6.33 -2.93
N SER B 470 -12.16 5.00 -3.00
CA SER B 470 -13.23 4.30 -2.32
C SER B 470 -13.15 4.52 -0.82
N PHE B 471 -14.32 4.58 -0.17
CA PHE B 471 -14.38 4.79 1.26
C PHE B 471 -15.70 4.24 1.77
N LYS B 472 -15.80 4.12 3.09
CA LYS B 472 -16.97 3.52 3.73
C LYS B 472 -17.65 4.56 4.62
N VAL B 473 -18.96 4.37 4.81
CA VAL B 473 -19.76 5.24 5.67
C VAL B 473 -20.61 4.37 6.59
N LYS B 474 -20.66 4.73 7.86
CA LYS B 474 -21.59 4.12 8.80
C LYS B 474 -22.96 4.74 8.61
N ILE B 475 -23.93 3.93 8.19
CA ILE B 475 -25.27 4.42 7.89
C ILE B 475 -26.22 3.91 8.97
N LYS B 476 -27.02 4.83 9.52
CA LYS B 476 -28.00 4.50 10.54
C LYS B 476 -29.29 5.24 10.22
N VAL B 477 -30.42 4.54 10.31
CA VAL B 477 -31.70 5.21 10.15
C VAL B 477 -31.86 6.24 11.27
N ARG B 478 -32.30 7.44 10.89
CA ARG B 478 -32.37 8.54 11.84
C ARG B 478 -33.46 8.28 12.89
N GLN B 479 -33.14 8.64 14.13
CA GLN B 479 -34.15 8.61 15.19
C GLN B 479 -35.43 9.33 14.75
N ALA B 480 -35.29 10.58 14.32
CA ALA B 480 -36.46 11.39 13.97
C ALA B 480 -37.27 10.76 12.85
N TRP B 481 -36.63 9.97 11.97
CA TRP B 481 -37.35 9.35 10.87
C TRP B 481 -38.12 8.12 11.32
N ARG B 482 -37.55 7.32 12.22
CA ARG B 482 -38.22 6.09 12.64
C ARG B 482 -39.37 6.40 13.59
N GLU B 483 -39.20 7.38 14.48
CA GLU B 483 -40.28 7.78 15.38
C GLU B 483 -41.30 8.67 14.67
N ALA B 484 -41.53 8.41 13.38
CA ALA B 484 -42.57 9.10 12.64
C ALA B 484 -43.35 8.13 11.76
N GLN B 485 -43.26 6.83 12.02
CA GLN B 485 -43.94 5.81 11.22
C GLN B 485 -45.03 5.13 12.05
N LEU C 13 5.25 -36.98 36.12
CA LEU C 13 6.52 -36.82 36.83
C LEU C 13 7.49 -35.94 36.06
N LEU C 14 7.40 -36.00 34.73
CA LEU C 14 8.27 -35.22 33.86
C LEU C 14 7.63 -33.87 33.56
N SER C 15 8.48 -32.86 33.38
CA SER C 15 8.04 -31.49 33.19
C SER C 15 8.45 -30.97 31.82
N LEU C 16 7.51 -30.30 31.15
CA LEU C 16 7.78 -29.75 29.83
C LEU C 16 8.84 -28.66 29.89
N PRO C 17 9.52 -28.41 28.77
CA PRO C 17 10.39 -27.23 28.69
C PRO C 17 9.56 -25.95 28.66
N LEU C 18 9.94 -24.99 29.50
CA LEU C 18 9.31 -23.67 29.54
C LEU C 18 10.22 -22.70 28.81
N VAL C 19 9.84 -22.32 27.59
CA VAL C 19 10.70 -21.56 26.70
C VAL C 19 10.23 -20.12 26.55
N GLY C 20 9.25 -19.69 27.32
CA GLY C 20 8.80 -18.31 27.31
C GLY C 20 8.00 -17.99 28.55
N SER C 21 8.25 -16.83 29.16
CA SER C 21 7.60 -16.50 30.41
C SER C 21 7.49 -14.98 30.58
N LEU C 22 6.28 -14.53 30.92
CA LEU C 22 6.04 -13.17 31.38
C LEU C 22 5.26 -13.30 32.68
N PRO C 23 5.95 -13.55 33.81
CA PRO C 23 5.25 -13.95 35.03
C PRO C 23 4.18 -12.97 35.48
N PHE C 24 4.34 -11.69 35.18
CA PHE C 24 3.37 -10.67 35.55
C PHE C 24 2.85 -9.97 34.30
N LEU C 25 1.69 -9.34 34.45
CA LEU C 25 1.06 -8.63 33.35
C LEU C 25 0.47 -7.33 33.87
N PRO C 26 0.57 -6.24 33.08
CA PRO C 26 0.18 -4.92 33.58
C PRO C 26 -1.20 -4.87 34.25
N ARG C 27 -1.22 -4.74 35.57
CA ARG C 27 -2.44 -4.34 36.25
C ARG C 27 -2.79 -2.93 35.79
N HIS C 28 -4.01 -2.77 35.28
CA HIS C 28 -4.32 -1.66 34.38
C HIS C 28 -3.79 -0.32 34.90
N GLY C 29 -3.36 0.50 33.96
CA GLY C 29 -2.62 1.71 34.26
C GLY C 29 -1.65 2.00 33.12
N HIS C 30 -0.98 3.14 33.23
CA HIS C 30 -0.02 3.53 32.21
C HIS C 30 1.27 2.73 32.37
N MET C 31 1.97 2.54 31.25
CA MET C 31 3.16 1.69 31.26
C MET C 31 4.16 2.17 32.30
N HIS C 32 4.37 3.48 32.40
CA HIS C 32 5.36 3.99 33.35
C HIS C 32 4.95 3.69 34.79
N ASN C 33 3.65 3.61 35.06
CA ASN C 33 3.20 3.19 36.39
C ASN C 33 3.55 1.74 36.65
N ASN C 34 3.25 0.85 35.69
CA ASN C 34 3.51 -0.56 35.88
C ASN C 34 5.00 -0.86 35.99
N PHE C 35 5.82 -0.22 35.13
CA PHE C 35 7.27 -0.36 35.26
C PHE C 35 7.75 0.11 36.62
N PHE C 36 7.09 1.11 37.19
CA PHE C 36 7.50 1.62 38.50
C PHE C 36 7.09 0.65 39.60
N LYS C 37 5.83 0.20 39.59
CA LYS C 37 5.39 -0.79 40.57
C LYS C 37 6.22 -2.06 40.49
N LEU C 38 6.77 -2.36 39.31
CA LEU C 38 7.58 -3.55 39.13
C LEU C 38 8.93 -3.45 39.82
N GLN C 39 9.37 -2.24 40.19
CA GLN C 39 10.67 -2.08 40.83
C GLN C 39 10.66 -2.64 42.25
N LYS C 40 9.51 -2.65 42.93
CA LYS C 40 9.47 -3.16 44.28
C LYS C 40 9.91 -4.62 44.34
N LYS C 41 9.73 -5.37 43.25
CA LYS C 41 10.12 -6.77 43.21
C LYS C 41 11.45 -7.02 42.51
N TYR C 42 11.85 -6.14 41.58
CA TYR C 42 13.04 -6.38 40.77
C TYR C 42 14.12 -5.32 40.92
N GLY C 43 13.87 -4.25 41.65
CA GLY C 43 14.85 -3.20 41.80
C GLY C 43 14.73 -2.14 40.73
N PRO C 44 15.68 -1.20 40.70
CA PRO C 44 15.57 -0.04 39.81
C PRO C 44 16.00 -0.28 38.38
N ILE C 45 16.52 -1.46 38.05
CA ILE C 45 16.95 -1.75 36.67
C ILE C 45 16.67 -3.22 36.39
N TYR C 46 15.98 -3.47 35.28
CA TYR C 46 15.65 -4.82 34.85
C TYR C 46 15.41 -4.80 33.35
N SER C 47 15.29 -6.00 32.76
CA SER C 47 15.25 -6.13 31.31
C SER C 47 14.15 -7.10 30.89
N VAL C 48 13.72 -6.95 29.64
CA VAL C 48 12.82 -7.87 28.98
C VAL C 48 13.46 -8.28 27.66
N ARG C 49 13.24 -9.52 27.26
CA ARG C 49 13.82 -10.05 26.03
C ARG C 49 12.73 -10.68 25.17
N MET C 50 12.73 -10.34 23.89
CA MET C 50 11.81 -10.94 22.93
C MET C 50 12.60 -11.24 21.66
N GLY C 51 12.62 -12.51 21.27
CA GLY C 51 13.51 -12.91 20.19
C GLY C 51 14.93 -12.56 20.55
N THR C 52 15.61 -11.86 19.64
CA THR C 52 16.96 -11.37 19.89
C THR C 52 16.98 -9.96 20.47
N LYS C 53 15.83 -9.31 20.62
CA LYS C 53 15.78 -7.95 21.12
C LYS C 53 15.79 -7.94 22.65
N THR C 54 16.52 -6.98 23.21
CA THR C 54 16.56 -6.75 24.65
C THR C 54 16.22 -5.30 24.93
N THR C 55 15.46 -5.08 26.00
CA THR C 55 15.09 -3.73 26.45
C THR C 55 15.38 -3.62 27.94
N VAL C 56 16.00 -2.52 28.34
CA VAL C 56 16.32 -2.25 29.74
C VAL C 56 15.52 -1.04 30.20
N ILE C 57 14.98 -1.13 31.40
CA ILE C 57 14.21 -0.05 32.02
C ILE C 57 14.95 0.39 33.27
N VAL C 58 15.19 1.70 33.38
CA VAL C 58 15.95 2.28 34.48
C VAL C 58 15.02 3.21 35.26
N GLY C 59 14.97 3.02 36.57
CA GLY C 59 14.04 3.77 37.39
C GLY C 59 14.67 4.41 38.63
N HIS C 60 15.97 4.71 38.56
CA HIS C 60 16.65 5.42 39.64
C HIS C 60 17.55 6.48 39.03
N HIS C 61 17.62 7.64 39.70
CA HIS C 61 18.30 8.80 39.12
C HIS C 61 19.79 8.56 38.94
N GLN C 62 20.42 7.77 39.81
CA GLN C 62 21.84 7.50 39.68
C GLN C 62 22.14 6.73 38.40
N LEU C 63 21.40 5.64 38.16
CA LEU C 63 21.59 4.88 36.94
C LEU C 63 21.18 5.69 35.71
N ALA C 64 20.12 6.48 35.84
CA ALA C 64 19.65 7.28 34.71
C ALA C 64 20.71 8.28 34.26
N LYS C 65 21.37 8.94 35.22
CA LYS C 65 22.38 9.94 34.87
C LYS C 65 23.63 9.28 34.30
N GLU C 66 23.89 8.02 34.65
CA GLU C 66 24.96 7.28 33.99
C GLU C 66 24.62 7.05 32.52
N VAL C 67 23.36 6.74 32.24
CA VAL C 67 22.93 6.57 30.84
C VAL C 67 22.92 7.91 30.11
N LEU C 68 22.38 8.95 30.75
CA LEU C 68 22.16 10.21 30.05
C LEU C 68 23.40 11.08 30.01
N ILE C 69 24.25 11.02 31.03
CA ILE C 69 25.37 11.97 31.15
C ILE C 69 26.71 11.24 31.09
N LYS C 70 27.05 10.51 32.16
CA LYS C 70 28.40 9.97 32.28
C LYS C 70 28.75 9.07 31.09
N LYS C 71 27.83 8.24 30.65
CA LYS C 71 27.99 7.43 29.45
C LYS C 71 27.03 7.90 28.35
N GLY C 72 26.90 9.23 28.22
CA GLY C 72 25.90 9.77 27.31
C GLY C 72 26.12 9.34 25.87
N LYS C 73 27.36 9.40 25.40
CA LYS C 73 27.65 9.01 24.03
C LYS C 73 27.38 7.52 23.80
N ASP C 74 27.68 6.69 24.81
CA ASP C 74 27.43 5.26 24.68
C ASP C 74 25.96 4.95 24.43
N PHE C 75 25.06 5.75 25.01
CA PHE C 75 23.63 5.48 24.95
C PHE C 75 22.87 6.57 24.20
N SER C 76 23.52 7.24 23.26
CA SER C 76 22.90 8.33 22.52
C SER C 76 22.15 7.85 21.28
N GLY C 77 21.96 6.55 21.11
CA GLY C 77 21.28 6.03 19.96
C GLY C 77 19.78 5.98 20.13
N ARG C 78 19.08 5.87 19.00
CA ARG C 78 17.64 5.66 18.99
C ARG C 78 17.33 4.31 18.35
N PRO C 79 16.40 3.53 18.92
CA PRO C 79 16.06 2.25 18.31
C PRO C 79 15.11 2.45 17.14
N GLN C 80 15.33 1.67 16.08
CA GLN C 80 14.40 1.70 14.95
C GLN C 80 13.06 1.13 15.37
N MET C 81 12.00 1.84 15.04
CA MET C 81 10.64 1.40 15.31
C MET C 81 9.80 1.61 14.06
N ALA C 82 8.98 0.63 13.72
CA ALA C 82 8.15 0.72 12.52
C ALA C 82 7.31 1.98 12.54
N THR C 83 6.72 2.32 13.70
CA THR C 83 5.87 3.49 13.78
C THR C 83 6.67 4.78 13.61
N LEU C 84 7.91 4.82 14.10
CA LEU C 84 8.73 6.02 14.00
C LEU C 84 9.33 6.20 12.61
N ASP C 85 9.58 5.10 11.90
CA ASP C 85 10.05 5.20 10.51
C ASP C 85 9.08 6.02 9.67
N ILE C 86 7.78 5.79 9.84
CA ILE C 86 6.78 6.53 9.09
C ILE C 86 6.77 7.99 9.52
N ALA C 87 6.72 8.23 10.84
CA ALA C 87 6.64 9.59 11.34
C ALA C 87 7.88 10.40 10.98
N SER C 88 9.06 9.77 10.99
CA SER C 88 10.31 10.48 10.83
C SER C 88 10.87 10.41 9.41
N ASN C 89 10.06 9.97 8.44
CA ASN C 89 10.53 9.80 7.06
C ASN C 89 11.80 8.97 7.02
N ASN C 90 11.74 7.79 7.65
CA ASN C 90 12.86 6.85 7.70
C ASN C 90 14.04 7.42 8.49
N ARG C 91 13.77 7.85 9.71
CA ARG C 91 14.81 8.18 10.69
C ARG C 91 15.60 9.43 10.31
N LYS C 92 14.94 10.39 9.65
CA LYS C 92 15.51 11.72 9.49
C LYS C 92 15.01 12.61 10.63
N GLY C 93 15.38 13.89 10.58
CA GLY C 93 15.01 14.80 11.64
C GLY C 93 16.00 14.76 12.79
N ILE C 94 15.49 14.96 14.00
CA ILE C 94 16.33 15.02 15.19
C ILE C 94 15.85 14.01 16.24
N ALA C 95 14.59 14.14 16.66
CA ALA C 95 14.11 13.40 17.82
C ALA C 95 14.24 11.90 17.62
N PHE C 96 13.86 11.40 16.45
CA PHE C 96 13.81 9.98 16.19
C PHE C 96 14.94 9.51 15.28
N ALA C 97 15.89 10.39 14.98
CA ALA C 97 17.06 10.00 14.22
C ALA C 97 18.06 9.28 15.13
N ASP C 98 18.68 8.24 14.59
CA ASP C 98 19.74 7.57 15.33
C ASP C 98 20.96 8.49 15.43
N SER C 99 21.78 8.25 16.45
CA SER C 99 23.02 8.99 16.59
C SER C 99 23.85 8.85 15.32
N GLY C 100 24.69 9.85 15.06
CA GLY C 100 25.53 9.85 13.90
C GLY C 100 25.62 11.24 13.30
N ALA C 101 26.17 11.30 12.09
CA ALA C 101 26.47 12.59 11.46
C ALA C 101 25.20 13.38 11.17
N HIS C 102 24.22 12.74 10.50
CA HIS C 102 22.97 13.41 10.18
C HIS C 102 22.35 14.05 11.42
N TRP C 103 22.17 13.26 12.47
CA TRP C 103 21.55 13.78 13.69
C TRP C 103 22.41 14.86 14.33
N GLN C 104 23.73 14.65 14.38
CA GLN C 104 24.62 15.62 14.98
C GLN C 104 24.54 16.96 14.26
N LEU C 105 24.55 16.94 12.93
CA LEU C 105 24.52 18.18 12.17
C LEU C 105 23.22 18.94 12.40
N HIS C 106 22.08 18.26 12.21
CA HIS C 106 20.80 18.95 12.28
C HIS C 106 20.47 19.42 13.70
N ARG C 107 20.94 18.70 14.72
CA ARG C 107 20.77 19.18 16.09
C ARG C 107 21.60 20.44 16.33
N ARG C 108 22.82 20.46 15.80
CA ARG C 108 23.67 21.64 15.90
C ARG C 108 23.02 22.84 15.22
N LEU C 109 22.58 22.67 13.97
CA LEU C 109 21.99 23.78 13.23
C LEU C 109 20.71 24.28 13.92
N ALA C 110 19.90 23.37 14.46
CA ALA C 110 18.69 23.78 15.15
C ALA C 110 19.02 24.59 16.40
N MET C 111 19.99 24.13 17.18
CA MET C 111 20.40 24.87 18.38
C MET C 111 20.92 26.25 18.01
N ALA C 112 21.72 26.34 16.94
CA ALA C 112 22.31 27.61 16.56
C ALA C 112 21.26 28.62 16.11
N THR C 113 20.11 28.13 15.61
CA THR C 113 19.03 29.04 15.22
C THR C 113 18.41 29.70 16.44
N PHE C 114 18.12 28.90 17.47
CA PHE C 114 17.56 29.45 18.71
C PHE C 114 18.46 30.56 19.25
N ALA C 115 19.76 30.50 18.97
CA ALA C 115 20.66 31.56 19.39
C ALA C 115 20.34 32.88 18.70
N LEU C 116 19.75 32.82 17.50
CA LEU C 116 19.39 34.03 16.78
C LEU C 116 18.27 34.82 17.45
N PHE C 117 17.68 34.31 18.53
CA PHE C 117 16.53 34.92 19.16
C PHE C 117 16.85 35.34 20.58
N LYS C 118 18.08 35.79 20.80
CA LYS C 118 18.48 36.48 22.01
C LYS C 118 18.83 37.94 21.78
N ASP C 119 19.28 38.28 20.57
CA ASP C 119 19.86 39.59 20.28
C ASP C 119 18.98 40.30 19.26
N GLY C 120 18.38 41.40 19.65
CA GLY C 120 17.72 42.28 18.71
C GLY C 120 16.21 42.40 18.84
N ASP C 121 15.56 42.78 17.76
CA ASP C 121 14.13 43.05 17.78
C ASP C 121 13.29 41.81 17.52
N GLN C 122 13.89 40.74 16.98
CA GLN C 122 13.17 39.47 16.88
C GLN C 122 13.45 38.69 18.15
N LYS C 123 13.70 39.40 19.25
CA LYS C 123 13.89 38.77 20.55
C LYS C 123 12.80 37.75 20.80
N LEU C 124 13.21 36.60 21.33
CA LEU C 124 12.25 35.52 21.59
C LEU C 124 11.08 36.01 22.43
N GLU C 125 11.36 36.81 23.47
CA GLU C 125 10.31 37.27 24.36
C GLU C 125 9.29 38.12 23.62
N LYS C 126 9.74 38.90 22.64
CA LYS C 126 8.83 39.76 21.89
C LYS C 126 7.87 38.93 21.05
N ILE C 127 8.39 37.95 20.32
CA ILE C 127 7.54 37.06 19.52
C ILE C 127 6.46 36.45 20.40
N ILE C 128 6.84 35.94 21.57
CA ILE C 128 5.90 35.23 22.43
C ILE C 128 4.81 36.17 22.91
N CYS C 129 5.20 37.29 23.53
CA CYS C 129 4.21 38.23 24.06
C CYS C 129 3.29 38.74 22.97
N GLN C 130 3.81 38.93 21.76
CA GLN C 130 2.97 39.30 20.63
C GLN C 130 1.81 38.32 20.48
N GLU C 131 2.12 37.02 20.41
CA GLU C 131 1.08 36.01 20.21
C GLU C 131 0.26 35.77 21.47
N ILE C 132 0.83 36.02 22.65
CA ILE C 132 0.05 35.91 23.87
C ILE C 132 -0.98 37.04 23.94
N SER C 133 -0.64 38.20 23.40
CA SER C 133 -1.60 39.31 23.39
C SER C 133 -2.85 38.93 22.61
N THR C 134 -2.67 38.40 21.40
CA THR C 134 -3.81 37.90 20.63
C THR C 134 -4.56 36.82 21.41
N LEU C 135 -3.83 35.93 22.08
CA LEU C 135 -4.45 34.86 22.84
C LEU C 135 -5.39 35.41 23.90
N CYS C 136 -4.92 36.39 24.67
CA CYS C 136 -5.74 36.93 25.76
C CYS C 136 -6.98 37.63 25.21
N ASP C 137 -6.84 38.36 24.11
CA ASP C 137 -8.00 39.02 23.51
C ASP C 137 -9.03 38.00 23.05
N MET C 138 -8.58 36.92 22.40
CA MET C 138 -9.52 35.90 21.93
C MET C 138 -10.28 35.28 23.09
N LEU C 139 -9.60 35.02 24.21
CA LEU C 139 -10.29 34.47 25.37
C LEU C 139 -11.22 35.49 26.02
N ALA C 140 -10.92 36.79 25.86
CA ALA C 140 -11.80 37.81 26.41
C ALA C 140 -13.19 37.74 25.80
N THR C 141 -13.28 37.46 24.50
CA THR C 141 -14.57 37.40 23.82
C THR C 141 -15.43 36.26 24.32
N HIS C 142 -14.88 35.33 25.10
CA HIS C 142 -15.65 34.26 25.73
C HIS C 142 -15.91 34.54 27.20
N ASN C 143 -15.86 35.81 27.61
CA ASN C 143 -16.07 36.18 29.00
C ASN C 143 -17.38 35.63 29.52
N GLY C 144 -17.31 34.83 30.59
CA GLY C 144 -18.47 34.25 31.23
C GLY C 144 -18.79 32.83 30.82
N GLN C 145 -18.20 32.34 29.74
CA GLN C 145 -18.50 31.03 29.21
C GLN C 145 -17.51 29.99 29.71
N SER C 146 -17.92 28.73 29.65
CA SER C 146 -17.07 27.59 30.00
C SER C 146 -16.61 26.93 28.71
N ILE C 147 -15.31 27.01 28.43
CA ILE C 147 -14.77 26.63 27.13
C ILE C 147 -13.55 25.73 27.31
N ASP C 148 -13.18 25.06 26.21
CA ASP C 148 -11.92 24.35 26.09
C ASP C 148 -10.94 25.30 25.40
N ILE C 149 -9.81 25.57 26.06
CA ILE C 149 -8.87 26.59 25.61
C ILE C 149 -7.77 25.98 24.75
N SER C 150 -8.01 24.76 24.26
CA SER C 150 -6.97 24.04 23.51
C SER C 150 -6.58 24.82 22.25
N PHE C 151 -7.56 25.15 21.41
CA PHE C 151 -7.24 25.72 20.10
C PHE C 151 -6.63 27.11 20.22
N PRO C 152 -7.17 28.04 21.03
CA PRO C 152 -6.54 29.37 21.11
C PRO C 152 -5.10 29.33 21.58
N VAL C 153 -4.78 28.45 22.54
CA VAL C 153 -3.39 28.26 22.94
C VAL C 153 -2.58 27.67 21.79
N PHE C 154 -3.12 26.64 21.15
CA PHE C 154 -2.47 26.05 19.99
C PHE C 154 -2.08 27.10 18.96
N VAL C 155 -3.01 28.03 18.66
CA VAL C 155 -2.73 29.04 17.65
C VAL C 155 -1.54 29.89 18.06
N ALA C 156 -1.52 30.33 19.32
CA ALA C 156 -0.43 31.19 19.79
C ALA C 156 0.91 30.48 19.66
N VAL C 157 1.00 29.25 20.17
CA VAL C 157 2.25 28.51 20.11
C VAL C 157 2.64 28.22 18.66
N THR C 158 1.63 27.93 17.81
CA THR C 158 1.90 27.67 16.40
C THR C 158 2.56 28.88 15.74
N ASN C 159 2.01 30.07 15.97
CA ASN C 159 2.56 31.27 15.34
C ASN C 159 3.99 31.53 15.82
N VAL C 160 4.26 31.28 17.10
CA VAL C 160 5.61 31.48 17.63
C VAL C 160 6.60 30.60 16.88
N ILE C 161 6.29 29.31 16.74
CA ILE C 161 7.22 28.40 16.09
C ILE C 161 7.25 28.65 14.59
N SER C 162 6.13 29.09 14.01
CA SER C 162 6.11 29.42 12.60
C SER C 162 7.03 30.61 12.29
N LEU C 163 7.05 31.59 13.19
CA LEU C 163 7.95 32.72 13.01
C LEU C 163 9.41 32.30 13.16
N ILE C 164 9.69 31.43 14.12
CA ILE C 164 11.06 30.93 14.31
C ILE C 164 11.50 30.12 13.10
N CYS C 165 10.58 29.41 12.46
CA CYS C 165 10.93 28.53 11.35
C CYS C 165 10.92 29.24 10.00
N PHE C 166 9.96 30.14 9.77
CA PHE C 166 9.80 30.76 8.46
C PHE C 166 9.63 32.28 8.51
N ASN C 167 9.60 32.89 9.71
CA ASN C 167 9.25 34.30 9.85
C ASN C 167 7.87 34.57 9.25
N THR C 168 6.93 33.69 9.55
CA THR C 168 5.54 33.86 9.15
C THR C 168 4.63 33.44 10.30
N SER C 169 3.44 34.03 10.34
CA SER C 169 2.44 33.68 11.32
C SER C 169 1.07 33.68 10.64
N TYR C 170 0.08 33.13 11.34
CA TYR C 170 -1.25 32.93 10.78
C TYR C 170 -2.23 33.93 11.37
N LYS C 171 -2.99 34.59 10.50
CA LYS C 171 -4.11 35.39 10.94
C LYS C 171 -5.20 34.50 11.52
N ASN C 172 -5.92 35.03 12.50
CA ASN C 172 -6.99 34.28 13.13
C ASN C 172 -8.03 33.88 12.10
N GLY C 173 -8.47 32.62 12.15
CA GLY C 173 -9.40 32.08 11.20
C GLY C 173 -8.77 31.46 9.97
N ASP C 174 -7.46 31.56 9.83
CA ASP C 174 -6.78 30.95 8.70
C ASP C 174 -6.98 29.43 8.75
N PRO C 175 -7.57 28.81 7.74
CA PRO C 175 -7.87 27.38 7.83
C PRO C 175 -6.63 26.50 7.92
N GLU C 176 -5.47 27.00 7.50
CA GLU C 176 -4.25 26.21 7.65
C GLU C 176 -3.97 25.90 9.11
N LEU C 177 -4.45 26.74 10.04
CA LEU C 177 -4.30 26.44 11.46
C LEU C 177 -5.01 25.15 11.83
N ASN C 178 -6.23 24.94 11.30
CA ASN C 178 -6.94 23.69 11.57
C ASN C 178 -6.27 22.51 10.90
N VAL C 179 -5.74 22.70 9.69
CA VAL C 179 -4.99 21.64 9.02
C VAL C 179 -3.85 21.17 9.91
N ILE C 180 -3.05 22.11 10.43
CA ILE C 180 -1.90 21.76 11.24
C ILE C 180 -2.32 20.98 12.47
N GLN C 181 -3.28 21.51 13.23
CA GLN C 181 -3.70 20.87 14.46
C GLN C 181 -4.23 19.46 14.20
N ASN C 182 -4.92 19.27 13.08
CA ASN C 182 -5.55 17.99 12.81
C ASN C 182 -4.52 16.90 12.54
N TYR C 183 -3.59 17.14 11.61
CA TYR C 183 -2.60 16.11 11.32
C TYR C 183 -1.60 15.97 12.47
N ASN C 184 -1.38 17.03 13.23
CA ASN C 184 -0.57 16.91 14.44
C ASN C 184 -1.27 16.03 15.47
N GLU C 185 -2.55 16.29 15.73
CA GLU C 185 -3.32 15.42 16.60
C GLU C 185 -3.38 14.00 16.05
N GLY C 186 -3.48 13.87 14.72
CA GLY C 186 -3.59 12.55 14.13
C GLY C 186 -2.31 11.74 14.25
N ILE C 187 -1.15 12.38 14.06
CA ILE C 187 0.12 11.66 14.16
C ILE C 187 0.34 11.20 15.59
N ILE C 188 0.16 12.10 16.56
CA ILE C 188 0.33 11.73 17.96
C ILE C 188 -0.62 10.59 18.32
N ASP C 189 -1.88 10.68 17.88
CA ASP C 189 -2.88 9.71 18.30
C ASP C 189 -2.59 8.32 17.75
N ASN C 190 -2.08 8.24 16.52
CA ASN C 190 -1.84 6.95 15.87
C ASN C 190 -0.40 6.47 16.01
N LEU C 191 0.51 7.29 16.54
CA LEU C 191 1.90 6.86 16.66
C LEU C 191 2.04 5.72 17.67
N SER C 192 1.25 5.74 18.73
CA SER C 192 1.34 4.71 19.75
C SER C 192 0.10 4.80 20.63
N LYS C 193 -0.02 3.83 21.54
CA LYS C 193 -1.08 3.81 22.54
C LYS C 193 -0.53 3.95 23.95
N ASP C 194 0.74 4.28 24.10
CA ASP C 194 1.38 4.57 25.37
C ASP C 194 2.75 5.16 25.03
N SER C 195 3.60 5.32 26.04
CA SER C 195 4.95 5.81 25.79
C SER C 195 5.68 4.88 24.82
N LEU C 196 6.61 5.44 24.06
CA LEU C 196 7.31 4.66 23.05
C LEU C 196 8.19 3.60 23.68
N VAL C 197 8.13 2.39 23.13
CA VAL C 197 9.04 1.31 23.49
C VAL C 197 9.02 0.28 22.37
N ASP C 198 10.20 -0.16 21.93
CA ASP C 198 10.31 -1.03 20.77
C ASP C 198 9.80 -2.45 21.03
N LEU C 199 9.62 -2.83 22.30
CA LEU C 199 9.06 -4.14 22.62
C LEU C 199 7.65 -4.30 22.08
N VAL C 200 6.94 -3.20 21.82
CA VAL C 200 5.54 -3.26 21.40
C VAL C 200 5.50 -3.04 19.88
N PRO C 201 4.91 -3.97 19.11
CA PRO C 201 4.70 -3.70 17.68
C PRO C 201 3.46 -2.85 17.46
N TRP C 202 3.62 -1.53 17.56
CA TRP C 202 2.48 -0.63 17.69
C TRP C 202 1.52 -0.76 16.50
N LEU C 203 2.06 -0.89 15.29
CA LEU C 203 1.22 -0.91 14.10
C LEU C 203 0.47 -2.22 13.89
N LYS C 204 0.74 -3.25 14.70
CA LYS C 204 0.22 -4.58 14.45
C LYS C 204 -0.52 -5.21 15.62
N ILE C 205 -0.65 -4.53 16.75
CA ILE C 205 -1.25 -5.16 17.92
C ILE C 205 -2.76 -5.25 17.81
N PHE C 206 -3.40 -4.27 17.17
CA PHE C 206 -4.85 -4.30 17.06
C PHE C 206 -5.30 -4.23 15.61
N PRO C 207 -6.58 -4.77 15.28
CA PRO C 207 -7.18 -4.57 13.93
C PRO C 207 -7.97 -3.27 13.86
N ASN C 208 -7.26 -2.15 13.74
CA ASN C 208 -7.90 -0.85 13.87
C ASN C 208 -7.33 0.21 12.92
N LYS C 209 -6.57 -0.19 11.90
CA LYS C 209 -6.16 0.70 10.82
C LYS C 209 -5.21 1.80 11.26
N THR C 210 -4.49 1.63 12.39
CA THR C 210 -3.60 2.69 12.85
C THR C 210 -2.49 2.98 11.84
N LEU C 211 -2.06 1.97 11.09
CA LEU C 211 -1.07 2.20 10.06
C LEU C 211 -1.62 3.11 8.96
N GLU C 212 -2.77 2.74 8.41
CA GLU C 212 -3.39 3.55 7.36
C GLU C 212 -3.58 4.99 7.83
N LYS C 213 -4.10 5.16 9.06
CA LYS C 213 -4.38 6.50 9.55
C LYS C 213 -3.10 7.28 9.78
N LEU C 214 -2.07 6.64 10.34
CA LEU C 214 -0.80 7.33 10.57
C LEU C 214 -0.21 7.82 9.26
N LYS C 215 -0.16 6.95 8.25
CA LYS C 215 0.36 7.36 6.94
C LYS C 215 -0.42 8.55 6.39
N SER C 216 -1.74 8.54 6.55
CA SER C 216 -2.56 9.59 5.94
C SER C 216 -2.29 10.94 6.58
N HIS C 217 -2.07 10.98 7.90
CA HIS C 217 -1.72 12.24 8.55
C HIS C 217 -0.30 12.66 8.21
N VAL C 218 0.63 11.71 8.14
CA VAL C 218 2.00 12.04 7.74
C VAL C 218 2.03 12.60 6.33
N LYS C 219 1.19 12.08 5.45
CA LYS C 219 1.15 12.58 4.08
C LYS C 219 0.71 14.05 4.05
N ILE C 220 -0.27 14.41 4.88
CA ILE C 220 -0.73 15.79 4.91
C ILE C 220 0.37 16.71 5.43
N ARG C 221 1.07 16.28 6.49
CA ARG C 221 2.19 17.07 7.00
C ARG C 221 3.25 17.28 5.93
N ASN C 222 3.71 16.19 5.32
CA ASN C 222 4.80 16.29 4.35
C ASN C 222 4.41 17.17 3.17
N ASP C 223 3.17 17.03 2.68
CA ASP C 223 2.74 17.82 1.53
C ASP C 223 2.73 19.31 1.85
N LEU C 224 2.26 19.67 3.05
CA LEU C 224 2.25 21.08 3.44
C LEU C 224 3.66 21.60 3.62
N LEU C 225 4.50 20.86 4.34
CA LEU C 225 5.88 21.30 4.54
C LEU C 225 6.62 21.45 3.22
N ASN C 226 6.35 20.55 2.26
CA ASN C 226 6.96 20.67 0.95
C ASN C 226 6.47 21.93 0.23
N LYS C 227 5.18 22.22 0.33
CA LYS C 227 4.65 23.46 -0.23
C LYS C 227 5.36 24.67 0.34
N ILE C 228 5.60 24.68 1.66
CA ILE C 228 6.26 25.81 2.29
C ILE C 228 7.72 25.88 1.87
N LEU C 229 8.41 24.74 1.83
CA LEU C 229 9.82 24.74 1.44
C LEU C 229 10.00 25.12 -0.03
N GLU C 230 9.11 24.64 -0.91
CA GLU C 230 9.20 25.01 -2.31
C GLU C 230 9.00 26.51 -2.50
N ASN C 231 8.00 27.08 -1.83
CA ASN C 231 7.72 28.51 -1.96
C ASN C 231 8.80 29.37 -1.35
N TYR C 232 9.58 28.84 -0.41
CA TYR C 232 10.60 29.63 0.26
C TYR C 232 11.89 29.71 -0.53
N LYS C 233 12.10 28.81 -1.50
CA LYS C 233 13.34 28.83 -2.28
C LYS C 233 13.56 30.18 -2.95
N GLU C 234 12.49 30.87 -3.34
CA GLU C 234 12.63 32.17 -3.99
C GLU C 234 12.77 33.31 -2.99
N LYS C 235 12.56 33.07 -1.70
CA LYS C 235 12.75 34.09 -0.68
C LYS C 235 14.13 34.04 -0.04
N PHE C 236 14.79 32.90 -0.06
CA PHE C 236 16.03 32.73 0.70
C PHE C 236 17.09 33.72 0.25
N ARG C 237 17.80 34.29 1.21
CA ARG C 237 18.87 35.24 0.98
C ARG C 237 20.09 34.84 1.79
N SER C 238 21.22 34.59 1.12
CA SER C 238 22.44 34.22 1.83
C SER C 238 22.80 35.26 2.89
N ASP C 239 22.53 36.53 2.62
CA ASP C 239 22.95 37.62 3.51
C ASP C 239 21.92 37.95 4.58
N SER C 240 20.90 37.11 4.76
CA SER C 240 19.86 37.40 5.76
C SER C 240 19.38 36.06 6.33
N ILE C 241 20.06 35.61 7.39
CA ILE C 241 19.73 34.36 8.06
C ILE C 241 19.03 34.73 9.36
N THR C 242 17.70 34.56 9.40
CA THR C 242 16.91 34.97 10.55
C THR C 242 15.93 33.91 11.03
N ASN C 243 15.92 32.72 10.44
CA ASN C 243 14.99 31.69 10.87
C ASN C 243 15.61 30.32 10.63
N MET C 244 14.92 29.28 11.09
CA MET C 244 15.49 27.94 11.05
C MET C 244 15.70 27.47 9.61
N LEU C 245 14.76 27.78 8.72
CA LEU C 245 14.90 27.33 7.33
C LEU C 245 16.06 28.05 6.64
N ASP C 246 16.27 29.33 6.96
CA ASP C 246 17.45 30.02 6.47
C ASP C 246 18.72 29.29 6.89
N THR C 247 18.82 28.95 8.18
CA THR C 247 20.01 28.30 8.69
C THR C 247 20.28 26.99 7.96
N LEU C 248 19.24 26.18 7.75
CA LEU C 248 19.41 24.90 7.07
C LEU C 248 19.77 25.09 5.60
N MET C 249 19.13 26.06 4.94
CA MET C 249 19.44 26.31 3.53
C MET C 249 20.84 26.90 3.37
N GLN C 250 21.26 27.76 4.29
CA GLN C 250 22.63 28.28 4.24
C GLN C 250 23.64 27.15 4.40
N ALA C 251 23.40 26.24 5.35
CA ALA C 251 24.28 25.11 5.52
C ALA C 251 24.36 24.27 4.26
N LYS C 252 23.21 24.06 3.60
CA LYS C 252 23.20 23.32 2.34
C LYS C 252 23.99 24.07 1.26
N MET C 253 23.76 25.39 1.16
CA MET C 253 24.51 26.19 0.20
C MET C 253 26.01 26.09 0.46
N ASN C 254 26.44 26.41 1.68
CA ASN C 254 27.86 26.42 2.01
C ASN C 254 28.50 25.05 1.90
N SER C 255 27.72 23.97 1.99
CA SER C 255 28.30 22.64 1.88
C SER C 255 28.66 22.32 0.43
N ASP C 256 27.84 22.76 -0.52
CA ASP C 256 28.17 22.61 -1.93
C ASP C 256 29.24 23.61 -2.35
N ASN C 257 29.27 24.79 -1.73
CA ASN C 257 30.24 25.81 -2.05
C ASN C 257 31.65 25.35 -1.65
N GLY C 258 32.65 26.06 -2.17
CA GLY C 258 34.01 25.90 -1.72
C GLY C 258 34.83 24.99 -2.62
N ASN C 259 36.15 25.16 -2.53
CA ASN C 259 37.07 24.25 -3.21
C ASN C 259 36.99 22.87 -2.58
N ALA C 260 37.41 21.86 -3.35
CA ALA C 260 37.24 20.45 -3.01
C ALA C 260 35.78 20.03 -3.09
N GLY C 261 34.89 20.91 -3.54
CA GLY C 261 33.51 20.55 -3.76
C GLY C 261 32.74 20.27 -2.49
N PRO C 262 31.67 19.48 -2.60
CA PRO C 262 30.84 19.18 -1.44
C PRO C 262 31.61 18.41 -0.37
N ASP C 263 31.38 18.77 0.88
CA ASP C 263 31.94 18.06 2.01
C ASP C 263 30.91 17.04 2.53
N GLN C 264 31.17 16.50 3.72
CA GLN C 264 30.33 15.42 4.24
C GLN C 264 28.89 15.87 4.44
N ASP C 265 28.68 17.16 4.71
CA ASP C 265 27.38 17.65 5.13
C ASP C 265 26.39 17.80 3.97
N SER C 266 26.86 17.82 2.73
CA SER C 266 25.98 18.07 1.60
C SER C 266 24.88 17.03 1.52
N GLU C 267 25.25 15.75 1.48
CA GLU C 267 24.26 14.68 1.42
C GLU C 267 23.34 14.68 2.63
N LEU C 268 23.81 15.17 3.77
CA LEU C 268 23.02 15.22 5.00
C LEU C 268 21.99 16.34 5.01
N LEU C 269 21.98 17.21 4.00
CA LEU C 269 21.11 18.37 3.97
C LEU C 269 20.19 18.35 2.74
N SER C 270 19.77 17.16 2.33
CA SER C 270 18.79 17.08 1.25
C SER C 270 17.48 17.72 1.69
N ASP C 271 16.61 17.99 0.72
CA ASP C 271 15.33 18.62 1.04
C ASP C 271 14.51 17.78 2.00
N ASN C 272 14.59 16.45 1.88
CA ASN C 272 13.87 15.59 2.83
C ASN C 272 14.44 15.72 4.23
N HIS C 273 15.77 15.76 4.37
CA HIS C 273 16.37 16.00 5.67
C HIS C 273 15.93 17.34 6.23
N ILE C 274 16.06 18.41 5.45
CA ILE C 274 15.65 19.74 5.89
C ILE C 274 14.18 19.72 6.29
N LEU C 275 13.34 19.06 5.49
CA LEU C 275 11.91 19.04 5.76
C LEU C 275 11.61 18.34 7.09
N THR C 276 12.29 17.23 7.36
CA THR C 276 11.96 16.45 8.56
C THR C 276 12.40 17.16 9.82
N THR C 277 13.55 17.84 9.79
CA THR C 277 13.98 18.63 10.94
C THR C 277 12.98 19.74 11.23
N ILE C 278 12.62 20.52 10.20
CA ILE C 278 11.57 21.52 10.36
C ILE C 278 10.33 20.88 10.97
N GLY C 279 9.91 19.74 10.43
CA GLY C 279 8.75 19.05 10.96
C GLY C 279 8.90 18.67 12.43
N ASP C 280 10.11 18.25 12.82
CA ASP C 280 10.35 17.94 14.23
C ASP C 280 10.20 19.17 15.10
N ILE C 281 10.80 20.29 14.69
CA ILE C 281 10.74 21.52 15.49
C ILE C 281 9.32 22.06 15.51
N PHE C 282 8.65 22.10 14.36
CA PHE C 282 7.29 22.61 14.31
C PHE C 282 6.35 21.75 15.15
N GLY C 283 6.45 20.43 15.01
CA GLY C 283 5.57 19.55 15.77
C GLY C 283 5.80 19.64 17.26
N ALA C 284 7.05 19.50 17.69
CA ALA C 284 7.37 19.61 19.11
C ALA C 284 7.04 20.99 19.65
N GLY C 285 7.30 22.03 18.84
CA GLY C 285 7.08 23.39 19.29
C GLY C 285 5.65 23.68 19.70
N VAL C 286 4.68 22.93 19.19
CA VAL C 286 3.27 23.23 19.38
C VAL C 286 2.59 22.24 20.31
N GLU C 287 2.92 20.96 20.22
CA GLU C 287 2.19 19.95 20.97
C GLU C 287 2.65 19.88 22.43
N THR C 288 3.96 20.00 22.66
CA THR C 288 4.47 19.87 24.02
C THR C 288 4.05 21.06 24.88
N THR C 289 4.34 22.29 24.42
CA THR C 289 3.97 23.48 25.17
C THR C 289 2.46 23.50 25.45
N THR C 290 1.66 23.23 24.43
CA THR C 290 0.21 23.27 24.60
C THR C 290 -0.24 22.32 25.70
N SER C 291 0.35 21.13 25.76
CA SER C 291 -0.09 20.14 26.74
C SER C 291 0.26 20.57 28.16
N VAL C 292 1.47 21.11 28.36
CA VAL C 292 1.87 21.54 29.70
C VAL C 292 0.96 22.64 30.21
N VAL C 293 0.59 23.58 29.34
CA VAL C 293 -0.33 24.64 29.74
C VAL C 293 -1.65 24.03 30.21
N LYS C 294 -2.21 23.13 29.40
CA LYS C 294 -3.47 22.49 29.77
C LYS C 294 -3.35 21.72 31.08
N TRP C 295 -2.19 21.09 31.30
CA TRP C 295 -1.97 20.39 32.56
C TRP C 295 -1.94 21.36 33.74
N THR C 296 -1.26 22.50 33.56
CA THR C 296 -1.16 23.48 34.65
C THR C 296 -2.54 24.04 35.00
N LEU C 297 -3.38 24.30 33.99
CA LEU C 297 -4.73 24.78 34.25
C LEU C 297 -5.53 23.74 35.04
N ALA C 298 -5.49 22.49 34.61
CA ALA C 298 -6.24 21.44 35.31
C ALA C 298 -5.81 21.31 36.76
N PHE C 299 -4.52 21.53 37.04
CA PHE C 299 -4.02 21.40 38.41
C PHE C 299 -4.48 22.58 39.28
N LEU C 300 -4.55 23.78 38.72
CA LEU C 300 -5.01 24.92 39.50
C LEU C 300 -6.49 24.79 39.86
N LEU C 301 -7.30 24.28 38.93
CA LEU C 301 -8.69 24.01 39.23
C LEU C 301 -8.84 22.98 40.36
N HIS C 302 -7.85 22.12 40.56
CA HIS C 302 -7.87 21.16 41.64
C HIS C 302 -7.30 21.73 42.94
N ASN C 303 -6.54 22.82 42.87
CA ASN C 303 -5.90 23.43 44.03
C ASN C 303 -6.20 24.91 44.01
N PRO C 304 -7.35 25.33 44.54
CA PRO C 304 -7.69 26.77 44.53
C PRO C 304 -6.83 27.57 45.49
N GLN C 305 -6.29 26.96 46.55
CA GLN C 305 -5.36 27.66 47.42
C GLN C 305 -4.15 28.14 46.64
N VAL C 306 -3.54 27.24 45.87
CA VAL C 306 -2.37 27.61 45.06
C VAL C 306 -2.76 28.70 44.07
N LYS C 307 -3.93 28.56 43.42
CA LYS C 307 -4.34 29.54 42.42
C LYS C 307 -4.54 30.91 43.05
N LYS C 308 -5.15 30.96 44.24
CA LYS C 308 -5.40 32.25 44.88
C LYS C 308 -4.10 32.94 45.25
N LYS C 309 -3.10 32.18 45.68
CA LYS C 309 -1.82 32.80 46.03
C LYS C 309 -1.03 33.21 44.79
N LEU C 310 -1.30 32.61 43.64
CA LEU C 310 -0.66 33.06 42.40
C LEU C 310 -1.23 34.40 41.95
N TYR C 311 -2.55 34.58 42.07
CA TYR C 311 -3.14 35.88 41.79
C TYR C 311 -2.51 36.96 42.67
N GLU C 312 -2.39 36.69 43.96
CA GLU C 312 -1.79 37.66 44.87
C GLU C 312 -0.35 37.98 44.43
N GLU C 313 0.43 36.95 44.11
CA GLU C 313 1.83 37.15 43.76
C GLU C 313 1.98 38.07 42.56
N ILE C 314 1.19 37.85 41.50
CA ILE C 314 1.37 38.63 40.28
C ILE C 314 0.86 40.05 40.48
N ASP C 315 -0.21 40.22 41.26
CA ASP C 315 -0.68 41.57 41.55
C ASP C 315 0.34 42.34 42.38
N GLN C 316 0.97 41.66 43.34
CA GLN C 316 1.94 42.33 44.21
C GLN C 316 3.23 42.68 43.47
N ASN C 317 3.61 41.88 42.47
CA ASN C 317 4.90 42.04 41.81
C ASN C 317 4.82 42.63 40.41
N VAL C 318 3.69 42.49 39.72
CA VAL C 318 3.52 43.02 38.37
C VAL C 318 2.45 44.09 38.32
N GLY C 319 1.33 43.89 39.01
CA GLY C 319 0.26 44.88 39.01
C GLY C 319 -0.55 44.83 37.73
N PHE C 320 -1.01 46.00 37.30
CA PHE C 320 -1.85 46.12 36.11
C PHE C 320 -1.40 47.25 35.18
N SER C 321 -0.27 47.90 35.46
CA SER C 321 0.22 48.97 34.60
C SER C 321 1.01 48.46 33.42
N ARG C 322 1.34 47.17 33.39
CA ARG C 322 2.07 46.58 32.27
C ARG C 322 1.72 45.09 32.21
N THR C 323 2.15 44.45 31.14
CA THR C 323 1.98 43.02 30.99
C THR C 323 3.25 42.28 31.41
N PRO C 324 3.13 41.01 31.80
CA PRO C 324 4.31 40.28 32.30
C PRO C 324 5.45 40.27 31.29
N THR C 325 6.67 40.32 31.82
CA THR C 325 7.88 40.20 31.04
C THR C 325 8.67 38.99 31.54
N ILE C 326 9.62 38.53 30.71
CA ILE C 326 10.42 37.38 31.12
C ILE C 326 11.25 37.71 32.35
N SER C 327 11.56 39.00 32.55
CA SER C 327 12.28 39.41 33.75
C SER C 327 11.46 39.17 35.01
N ASP C 328 10.13 39.06 34.89
CA ASP C 328 9.30 38.76 36.04
C ASP C 328 9.49 37.33 36.55
N ARG C 329 10.26 36.50 35.85
CA ARG C 329 10.61 35.19 36.38
C ARG C 329 11.38 35.30 37.69
N ASN C 330 12.05 36.43 37.93
CA ASN C 330 12.77 36.68 39.17
C ASN C 330 11.88 37.20 40.29
N ARG C 331 10.57 37.27 40.07
CA ARG C 331 9.65 37.84 41.05
C ARG C 331 8.44 36.94 41.24
N LEU C 332 8.00 36.27 40.18
CA LEU C 332 6.88 35.32 40.26
C LEU C 332 7.42 33.92 40.56
N LEU C 333 7.97 33.79 41.77
CA LEU C 333 8.64 32.56 42.16
C LEU C 333 7.66 31.40 42.31
N LEU C 334 6.47 31.68 42.85
CA LEU C 334 5.49 30.60 43.02
C LEU C 334 5.01 30.08 41.67
N LEU C 335 4.86 30.98 40.70
CA LEU C 335 4.49 30.54 39.35
C LEU C 335 5.57 29.65 38.76
N GLU C 336 6.83 30.09 38.82
CA GLU C 336 7.94 29.25 38.40
C GLU C 336 7.93 27.91 39.11
N ALA C 337 7.66 27.91 40.42
CA ALA C 337 7.62 26.67 41.17
C ALA C 337 6.44 25.79 40.76
N THR C 338 5.31 26.42 40.41
CA THR C 338 4.15 25.66 39.93
C THR C 338 4.49 24.93 38.64
N ILE C 339 5.13 25.62 37.69
CA ILE C 339 5.49 25.00 36.43
C ILE C 339 6.46 23.85 36.66
N ARG C 340 7.43 24.04 37.55
CA ARG C 340 8.34 22.94 37.89
C ARG C 340 7.57 21.75 38.45
N GLU C 341 6.56 22.03 39.29
CA GLU C 341 5.82 20.95 39.95
C GLU C 341 4.96 20.19 38.95
N VAL C 342 4.39 20.89 37.97
CA VAL C 342 3.61 20.21 36.94
C VAL C 342 4.53 19.34 36.08
N LEU C 343 5.73 19.83 35.78
CA LEU C 343 6.67 19.07 34.97
C LEU C 343 7.28 17.90 35.74
N ARG C 344 7.17 17.87 37.07
CA ARG C 344 7.61 16.68 37.79
C ARG C 344 6.48 15.69 38.01
N LEU C 345 5.28 16.20 38.32
CA LEU C 345 4.15 15.33 38.62
C LEU C 345 3.53 14.76 37.35
N ARG C 346 3.60 15.49 36.25
CA ARG C 346 3.07 15.03 34.96
C ARG C 346 4.08 15.40 33.87
N PRO C 347 5.23 14.73 33.84
CA PRO C 347 6.23 15.04 32.82
C PRO C 347 5.67 14.84 31.43
N VAL C 348 6.15 15.66 30.49
CA VAL C 348 5.64 15.58 29.12
C VAL C 348 6.09 14.28 28.47
N ALA C 349 7.23 13.74 28.92
CA ALA C 349 7.78 12.49 28.41
C ALA C 349 8.11 11.60 29.61
N PRO C 350 7.10 10.96 30.20
CA PRO C 350 7.36 10.16 31.42
C PRO C 350 8.34 9.03 31.22
N MET C 351 8.63 8.65 29.98
CA MET C 351 9.66 7.67 29.67
C MET C 351 10.65 8.24 28.66
N LEU C 352 10.82 9.56 28.67
CA LEU C 352 11.69 10.25 27.73
C LEU C 352 11.38 9.77 26.31
N ILE C 353 12.41 9.68 25.48
CA ILE C 353 12.34 8.99 24.20
C ILE C 353 13.30 7.80 24.31
N PRO C 354 12.99 6.64 23.75
CA PRO C 354 13.86 5.47 23.96
C PRO C 354 15.29 5.74 23.52
N HIS C 355 16.24 5.27 24.32
CA HIS C 355 17.65 5.29 23.98
C HIS C 355 18.10 3.92 23.50
N LYS C 356 19.34 3.86 23.01
CA LYS C 356 19.91 2.61 22.53
C LYS C 356 21.41 2.63 22.80
N ALA C 357 21.94 1.46 23.18
CA ALA C 357 23.38 1.33 23.39
C ALA C 357 24.09 1.29 22.05
N ASN C 358 24.95 2.27 21.79
CA ASN C 358 25.74 2.31 20.57
C ASN C 358 26.91 1.33 20.61
N VAL C 359 27.36 0.94 21.81
CA VAL C 359 28.46 0.00 21.98
C VAL C 359 28.15 -0.89 23.17
N ASP C 360 28.94 -1.94 23.33
CA ASP C 360 28.91 -2.70 24.57
C ASP C 360 29.29 -1.77 25.72
N SER C 361 28.51 -1.80 26.79
CA SER C 361 28.72 -0.88 27.89
C SER C 361 28.10 -1.49 29.15
N SER C 362 27.80 -0.64 30.13
CA SER C 362 27.23 -1.11 31.38
C SER C 362 26.47 0.02 32.05
N ILE C 363 25.52 -0.36 32.90
CA ILE C 363 24.77 0.56 33.73
C ILE C 363 24.80 0.02 35.15
N GLY C 364 25.22 0.84 36.09
CA GLY C 364 25.46 0.33 37.43
C GLY C 364 26.57 -0.69 37.37
N GLU C 365 26.25 -1.95 37.70
CA GLU C 365 27.20 -3.05 37.62
C GLU C 365 26.66 -4.17 36.73
N PHE C 366 25.81 -3.83 35.79
CA PHE C 366 25.25 -4.78 34.83
C PHE C 366 25.74 -4.45 33.43
N ALA C 367 26.07 -5.50 32.67
CA ALA C 367 26.52 -5.32 31.30
C ALA C 367 25.32 -5.07 30.39
N VAL C 368 25.54 -4.26 29.35
CA VAL C 368 24.53 -3.96 28.34
C VAL C 368 25.13 -4.23 26.98
N ASP C 369 24.50 -5.12 26.22
CA ASP C 369 24.96 -5.43 24.88
C ASP C 369 24.68 -4.28 23.92
N LYS C 370 25.57 -4.10 22.95
CA LYS C 370 25.33 -3.16 21.87
C LYS C 370 23.97 -3.43 21.22
N GLY C 371 23.27 -2.35 20.87
CA GLY C 371 21.97 -2.47 20.26
C GLY C 371 20.82 -2.60 21.24
N THR C 372 21.10 -2.74 22.53
CA THR C 372 20.04 -2.86 23.52
C THR C 372 19.28 -1.54 23.63
N GLU C 373 17.95 -1.65 23.70
CA GLU C 373 17.10 -0.50 23.97
C GLU C 373 17.13 -0.19 25.46
N VAL C 374 17.30 1.09 25.79
CA VAL C 374 17.34 1.54 27.17
C VAL C 374 16.29 2.62 27.35
N ILE C 375 15.44 2.46 28.37
CA ILE C 375 14.37 3.39 28.66
C ILE C 375 14.56 3.93 30.07
N ILE C 376 14.60 5.25 30.18
CA ILE C 376 14.61 5.92 31.47
C ILE C 376 13.16 6.12 31.89
N ASN C 377 12.80 5.56 33.04
CA ASN C 377 11.47 5.78 33.60
C ASN C 377 11.53 7.05 34.44
N LEU C 378 11.38 8.19 33.75
CA LEU C 378 11.42 9.48 34.43
C LEU C 378 10.34 9.56 35.50
N TRP C 379 9.18 8.96 35.23
CA TRP C 379 8.13 8.91 36.24
C TRP C 379 8.65 8.32 37.55
N ALA C 380 9.36 7.20 37.46
CA ALA C 380 9.93 6.59 38.65
C ALA C 380 10.86 7.56 39.39
N LEU C 381 11.68 8.29 38.63
CA LEU C 381 12.56 9.28 39.25
C LEU C 381 11.77 10.36 39.98
N HIS C 382 10.69 10.84 39.36
CA HIS C 382 9.93 11.95 39.91
C HIS C 382 9.00 11.53 41.03
N HIS C 383 8.86 10.23 41.30
CA HIS C 383 8.03 9.75 42.40
C HIS C 383 8.79 8.87 43.38
N ASN C 384 10.12 8.85 43.29
CA ASN C 384 10.94 8.16 44.28
C ASN C 384 10.71 8.77 45.65
N GLU C 385 10.24 7.96 46.60
CA GLU C 385 9.87 8.49 47.91
C GLU C 385 11.07 8.76 48.80
N LYS C 386 12.20 8.09 48.56
CA LYS C 386 13.43 8.44 49.26
C LYS C 386 14.00 9.79 48.81
N GLU C 387 13.47 10.34 47.70
CA GLU C 387 13.99 11.59 47.14
C GLU C 387 12.99 12.73 47.12
N TRP C 388 11.69 12.45 47.28
CA TRP C 388 10.67 13.47 47.26
C TRP C 388 9.78 13.34 48.49
N HIS C 389 9.35 14.48 49.03
CA HIS C 389 8.42 14.52 50.15
C HIS C 389 7.00 14.44 49.58
N GLN C 390 6.30 13.34 49.88
CA GLN C 390 4.95 13.13 49.38
C GLN C 390 4.93 13.28 47.87
N PRO C 391 5.43 12.29 47.12
CA PRO C 391 5.53 12.46 45.66
C PRO C 391 4.19 12.57 44.96
N ASP C 392 3.15 11.91 45.48
CA ASP C 392 1.86 11.96 44.82
C ASP C 392 1.13 13.28 45.00
N GLN C 393 1.70 14.24 45.71
CA GLN C 393 1.02 15.46 46.09
C GLN C 393 1.51 16.65 45.28
N PHE C 394 0.57 17.46 44.81
CA PHE C 394 0.89 18.71 44.12
C PHE C 394 1.29 19.76 45.15
N MET C 395 2.59 20.04 45.24
CA MET C 395 3.12 20.98 46.22
C MET C 395 4.17 21.86 45.55
N PRO C 396 3.75 22.94 44.88
CA PRO C 396 4.73 23.86 44.30
C PRO C 396 5.75 24.35 45.31
N GLU C 397 5.37 24.40 46.60
CA GLU C 397 6.25 24.96 47.63
C GLU C 397 7.52 24.14 47.81
N ARG C 398 7.53 22.89 47.34
CA ARG C 398 8.74 22.08 47.48
C ARG C 398 9.92 22.67 46.73
N PHE C 399 9.66 23.56 45.77
CA PHE C 399 10.71 24.23 45.02
C PHE C 399 11.03 25.63 45.55
N LEU C 400 10.57 25.95 46.76
CA LEU C 400 10.80 27.25 47.36
C LEU C 400 11.38 27.08 48.76
N ASN C 401 12.27 28.00 49.14
CA ASN C 401 12.79 28.04 50.49
C ASN C 401 11.64 28.34 51.46
N PRO C 402 11.85 28.19 52.77
CA PRO C 402 10.73 28.43 53.70
C PRO C 402 10.13 29.82 53.60
N ALA C 403 10.95 30.84 53.33
CA ALA C 403 10.46 32.21 53.25
C ALA C 403 9.84 32.55 51.90
N GLY C 404 9.92 31.65 50.93
CA GLY C 404 9.34 31.91 49.63
C GLY C 404 10.01 33.04 48.86
N THR C 405 11.29 33.28 49.12
CA THR C 405 12.04 34.34 48.46
C THR C 405 13.05 33.81 47.44
N GLN C 406 13.15 32.49 47.29
CA GLN C 406 14.14 31.93 46.38
C GLN C 406 13.72 30.53 45.94
N LEU C 407 13.94 30.24 44.66
CA LEU C 407 13.72 28.89 44.14
C LEU C 407 14.88 27.99 44.51
N ILE C 408 14.56 26.73 44.82
CA ILE C 408 15.56 25.76 45.24
C ILE C 408 15.29 24.43 44.52
N SER C 409 16.33 23.59 44.45
CA SER C 409 16.22 22.28 43.84
C SER C 409 16.08 21.24 44.96
N PRO C 410 14.87 20.82 45.31
CA PRO C 410 14.71 19.90 46.44
C PRO C 410 15.34 18.53 46.23
N SER C 411 15.57 18.12 44.99
CA SER C 411 16.03 16.75 44.73
C SER C 411 16.91 16.72 43.50
N VAL C 412 17.80 15.73 43.46
CA VAL C 412 18.59 15.46 42.25
C VAL C 412 17.88 14.50 41.31
N SER C 413 16.75 13.92 41.73
CA SER C 413 15.97 13.01 40.90
C SER C 413 14.90 13.79 40.13
N TYR C 414 15.36 14.72 39.30
CA TYR C 414 14.48 15.65 38.60
C TYR C 414 15.11 15.97 37.26
N LEU C 415 14.53 15.47 36.18
CA LEU C 415 15.07 15.65 34.82
C LEU C 415 13.93 15.83 33.84
N PRO C 416 13.11 16.87 34.01
CA PRO C 416 11.95 17.05 33.12
C PRO C 416 12.33 17.23 31.66
N PHE C 417 13.51 17.77 31.37
CA PHE C 417 13.96 18.00 29.99
C PHE C 417 15.08 17.04 29.60
N GLY C 418 15.24 15.95 30.34
CA GLY C 418 16.31 15.03 30.04
C GLY C 418 17.66 15.61 30.43
N ALA C 419 18.70 15.08 29.77
CA ALA C 419 20.07 15.50 30.04
C ALA C 419 21.02 14.81 29.07
N GLY C 420 22.16 15.45 28.80
CA GLY C 420 23.18 14.86 27.97
C GLY C 420 22.95 15.06 26.49
N PRO C 421 23.52 14.17 25.67
CA PRO C 421 23.48 14.40 24.22
C PRO C 421 22.09 14.51 23.62
N ARG C 422 21.09 13.79 24.14
CA ARG C 422 19.75 13.79 23.57
C ARG C 422 18.80 14.70 24.32
N SER C 423 19.31 15.60 25.16
CA SER C 423 18.45 16.43 25.97
C SER C 423 17.62 17.38 25.09
N CYS C 424 16.52 17.87 25.66
CA CYS C 424 15.62 18.77 24.95
C CYS C 424 16.38 19.97 24.40
N ILE C 425 16.19 20.24 23.11
CA ILE C 425 16.79 21.42 22.49
C ILE C 425 15.86 22.63 22.51
N GLY C 426 14.60 22.46 22.91
CA GLY C 426 13.66 23.55 22.98
C GLY C 426 13.33 23.97 24.40
N GLU C 427 14.19 23.58 25.36
CA GLU C 427 13.94 23.92 26.75
C GLU C 427 13.81 25.42 26.94
N ILE C 428 14.66 26.20 26.28
CA ILE C 428 14.64 27.66 26.46
C ILE C 428 13.34 28.22 25.93
N LEU C 429 12.96 27.82 24.72
CA LEU C 429 11.67 28.24 24.16
C LEU C 429 10.52 27.82 25.08
N ALA C 430 10.54 26.56 25.51
CA ALA C 430 9.44 26.04 26.31
C ALA C 430 9.27 26.85 27.59
N ARG C 431 10.34 27.02 28.35
CA ARG C 431 10.23 27.66 29.65
C ARG C 431 9.70 29.09 29.52
N GLN C 432 10.14 29.81 28.50
CA GLN C 432 9.64 31.17 28.31
C GLN C 432 8.17 31.17 27.91
N GLU C 433 7.78 30.29 26.99
CA GLU C 433 6.38 30.21 26.59
C GLU C 433 5.50 29.85 27.78
N LEU C 434 5.90 28.84 28.55
CA LEU C 434 5.08 28.39 29.68
C LEU C 434 4.92 29.48 30.71
N PHE C 435 6.00 30.20 31.04
CA PHE C 435 5.92 31.24 32.05
C PHE C 435 5.04 32.40 31.58
N LEU C 436 5.25 32.86 30.34
CA LEU C 436 4.55 34.05 29.87
C LEU C 436 3.07 33.77 29.64
N ILE C 437 2.72 32.57 29.16
CA ILE C 437 1.32 32.25 28.98
C ILE C 437 0.59 32.27 30.32
N MET C 438 1.15 31.58 31.32
CA MET C 438 0.49 31.52 32.62
C MET C 438 0.46 32.90 33.28
N ALA C 439 1.52 33.68 33.13
CA ALA C 439 1.55 35.01 33.73
C ALA C 439 0.48 35.91 33.13
N TRP C 440 0.46 36.02 31.80
CA TRP C 440 -0.54 36.85 31.13
C TRP C 440 -1.96 36.35 31.42
N LEU C 441 -2.13 35.04 31.58
CA LEU C 441 -3.47 34.49 31.82
C LEU C 441 -3.94 34.76 33.24
N LEU C 442 -3.09 34.50 34.22
CA LEU C 442 -3.48 34.72 35.62
C LEU C 442 -3.64 36.21 35.92
N GLN C 443 -2.93 37.07 35.20
CA GLN C 443 -3.09 38.50 35.40
C GLN C 443 -4.49 38.96 35.02
N ARG C 444 -5.05 38.38 33.95
CA ARG C 444 -6.19 38.99 33.27
C ARG C 444 -7.50 38.23 33.42
N PHE C 445 -7.49 36.98 33.89
CA PHE C 445 -8.69 36.16 33.86
C PHE C 445 -8.85 35.37 35.15
N ASP C 446 -10.11 35.21 35.55
CA ASP C 446 -10.49 34.24 36.57
C ASP C 446 -10.80 32.91 35.88
N LEU C 447 -10.21 31.83 36.39
CA LEU C 447 -10.28 30.53 35.75
C LEU C 447 -10.83 29.54 36.76
N GLU C 448 -12.04 29.04 36.52
CA GLU C 448 -12.78 28.31 37.54
C GLU C 448 -13.42 27.07 36.94
N VAL C 449 -13.76 26.14 37.82
CA VAL C 449 -14.57 24.98 37.45
C VAL C 449 -15.80 25.50 36.73
N PRO C 450 -16.24 24.86 35.64
CA PRO C 450 -17.45 25.34 34.95
C PRO C 450 -18.62 25.52 35.90
N ASP C 451 -19.67 26.23 35.46
CA ASP C 451 -20.89 26.28 36.25
C ASP C 451 -21.43 24.86 36.48
N ASP C 452 -21.16 23.97 35.55
CA ASP C 452 -21.32 22.54 35.77
C ASP C 452 -20.28 22.06 36.80
N GLY C 453 -20.53 20.87 37.37
CA GLY C 453 -19.70 20.38 38.45
C GLY C 453 -18.42 19.66 38.06
N GLN C 454 -18.11 19.53 36.77
CA GLN C 454 -17.02 18.65 36.35
C GLN C 454 -15.65 19.26 36.65
N LEU C 455 -14.77 18.45 37.32
CA LEU C 455 -13.35 18.72 37.51
C LEU C 455 -12.54 18.00 36.44
N PRO C 456 -11.43 18.56 35.96
CA PRO C 456 -10.67 17.88 34.91
C PRO C 456 -9.99 16.62 35.43
N SER C 457 -10.05 15.57 34.63
CA SER C 457 -9.39 14.32 35.00
C SER C 457 -7.88 14.48 34.88
N LEU C 458 -7.18 14.15 35.97
CA LEU C 458 -5.72 14.16 35.98
C LEU C 458 -5.13 12.79 35.67
N GLU C 459 -5.95 11.84 35.25
CA GLU C 459 -5.46 10.51 34.93
C GLU C 459 -4.42 10.56 33.81
N GLY C 460 -4.72 11.29 32.73
CA GLY C 460 -3.79 11.46 31.63
C GLY C 460 -3.97 10.42 30.54
N ILE C 461 -3.43 10.75 29.37
CA ILE C 461 -3.50 9.87 28.21
C ILE C 461 -2.09 9.69 27.67
N PRO C 462 -1.43 8.55 27.93
CA PRO C 462 -0.02 8.40 27.52
C PRO C 462 0.15 8.25 26.02
N LYS C 463 0.80 9.23 25.40
CA LYS C 463 1.23 9.14 24.01
C LYS C 463 2.72 9.42 24.01
N VAL C 464 3.26 9.85 22.86
CA VAL C 464 4.63 10.34 22.85
C VAL C 464 4.73 11.63 23.65
N VAL C 465 3.62 12.35 23.79
CA VAL C 465 3.44 13.38 24.81
C VAL C 465 2.42 12.84 25.81
N PHE C 466 2.64 13.13 27.09
CA PHE C 466 1.69 12.74 28.13
C PHE C 466 0.54 13.73 28.09
N LEU C 467 -0.55 13.34 27.44
CA LEU C 467 -1.69 14.23 27.22
C LEU C 467 -2.65 14.17 28.41
N ILE C 468 -3.54 15.16 28.46
CA ILE C 468 -4.63 15.20 29.44
C ILE C 468 -5.95 15.13 28.71
N ASP C 469 -6.95 14.56 29.37
CA ASP C 469 -8.29 14.55 28.81
C ASP C 469 -8.81 15.97 28.65
N SER C 470 -9.50 16.21 27.54
CA SER C 470 -10.04 17.55 27.27
C SER C 470 -10.99 17.96 28.39
N PHE C 471 -10.98 19.25 28.72
CA PHE C 471 -11.81 19.77 29.79
C PHE C 471 -12.18 21.21 29.49
N LYS C 472 -13.22 21.70 30.16
CA LYS C 472 -13.70 23.05 29.99
C LYS C 472 -13.39 23.89 31.22
N VAL C 473 -13.14 25.18 31.00
CA VAL C 473 -12.79 26.11 32.06
C VAL C 473 -13.73 27.31 31.98
N LYS C 474 -14.41 27.61 33.09
CA LYS C 474 -15.16 28.85 33.18
C LYS C 474 -14.19 30.02 33.27
N ILE C 475 -14.18 30.87 32.26
CA ILE C 475 -13.24 31.98 32.17
C ILE C 475 -14.01 33.29 32.18
N LYS C 476 -13.45 34.29 32.85
CA LYS C 476 -14.03 35.62 32.87
C LYS C 476 -12.98 36.61 33.34
N VAL C 477 -12.97 37.79 32.72
CA VAL C 477 -11.99 38.81 33.07
C VAL C 477 -12.13 39.18 34.54
N ARG C 478 -10.99 39.25 35.23
CA ARG C 478 -11.00 39.68 36.62
C ARG C 478 -11.51 41.12 36.70
N GLN C 479 -12.33 41.39 37.72
CA GLN C 479 -12.74 42.76 37.99
C GLN C 479 -11.53 43.62 38.33
N ALA C 480 -10.56 43.04 39.05
CA ALA C 480 -9.32 43.75 39.36
C ALA C 480 -8.64 44.25 38.09
N TRP C 481 -8.82 43.55 36.97
CA TRP C 481 -8.14 43.93 35.74
C TRP C 481 -8.85 45.08 35.04
N ARG C 482 -10.19 45.04 35.00
CA ARG C 482 -10.95 46.10 34.32
C ARG C 482 -10.89 47.35 35.20
N GLU C 483 -9.73 48.01 35.13
CA GLU C 483 -9.47 49.26 35.82
C GLU C 483 -8.68 50.11 34.83
N ALA C 484 -9.36 50.54 33.78
CA ALA C 484 -8.71 51.14 32.62
C ALA C 484 -7.71 50.15 32.01
N LEU D 13 -1.18 38.47 -34.78
CA LEU D 13 0.16 39.04 -34.86
C LEU D 13 0.95 38.68 -33.61
N LEU D 14 0.23 38.54 -32.51
CA LEU D 14 0.86 38.18 -31.26
C LEU D 14 0.98 36.66 -31.15
N SER D 15 1.98 36.20 -30.39
CA SER D 15 2.29 34.79 -30.27
C SER D 15 2.48 34.38 -28.83
N LEU D 16 1.89 33.24 -28.48
CA LEU D 16 1.90 32.74 -27.12
C LEU D 16 3.32 32.43 -26.64
N PRO D 17 3.54 32.42 -25.33
CA PRO D 17 4.80 31.86 -24.80
C PRO D 17 4.80 30.35 -24.91
N LEU D 18 5.86 29.82 -25.51
CA LEU D 18 6.07 28.38 -25.62
C LEU D 18 6.97 27.95 -24.46
N VAL D 19 6.38 27.26 -23.48
CA VAL D 19 7.06 26.94 -22.23
C VAL D 19 7.45 25.48 -22.12
N GLY D 20 7.14 24.67 -23.12
CA GLY D 20 7.53 23.27 -23.14
C GLY D 20 7.67 22.79 -24.57
N SER D 21 8.65 21.92 -24.84
CA SER D 21 8.91 21.52 -26.22
C SER D 21 9.79 20.27 -26.23
N LEU D 22 9.32 19.24 -26.93
CA LEU D 22 10.13 18.11 -27.36
C LEU D 22 9.94 18.04 -28.87
N PRO D 23 10.78 18.71 -29.67
CA PRO D 23 10.49 18.86 -31.10
C PRO D 23 10.36 17.54 -31.85
N PHE D 24 10.96 16.46 -31.35
CA PHE D 24 10.98 15.19 -32.05
C PHE D 24 10.59 14.07 -31.10
N LEU D 25 10.16 12.95 -31.68
CA LEU D 25 9.64 11.83 -30.91
C LEU D 25 9.91 10.54 -31.67
N PRO D 26 10.14 9.44 -30.96
CA PRO D 26 10.27 8.15 -31.65
C PRO D 26 8.94 7.66 -32.18
N ARG D 27 9.00 6.94 -33.31
CA ARG D 27 7.84 6.18 -33.79
C ARG D 27 7.84 4.84 -33.06
N HIS D 28 8.80 3.98 -33.37
CA HIS D 28 9.21 2.95 -32.44
C HIS D 28 10.60 2.44 -32.80
N GLY D 29 11.43 2.33 -31.79
CA GLY D 29 12.63 1.53 -31.83
C GLY D 29 12.95 1.19 -30.41
N HIS D 30 14.21 0.85 -30.18
CA HIS D 30 14.73 0.81 -28.82
C HIS D 30 15.31 2.16 -28.47
N MET D 31 15.18 2.54 -27.20
CA MET D 31 15.54 3.90 -26.80
C MET D 31 16.98 4.23 -27.17
N HIS D 32 17.89 3.25 -27.11
CA HIS D 32 19.27 3.49 -27.51
C HIS D 32 19.40 3.73 -29.00
N ASN D 33 18.45 3.24 -29.80
CA ASN D 33 18.46 3.53 -31.23
C ASN D 33 18.03 4.97 -31.50
N ASN D 34 16.93 5.40 -30.87
CA ASN D 34 16.41 6.73 -31.13
C ASN D 34 17.36 7.81 -30.60
N PHE D 35 17.99 7.56 -29.46
CA PHE D 35 19.04 8.48 -28.99
C PHE D 35 20.19 8.51 -29.99
N PHE D 36 20.49 7.36 -30.60
CA PHE D 36 21.58 7.30 -31.57
C PHE D 36 21.23 8.10 -32.83
N LYS D 37 20.07 7.84 -33.42
CA LYS D 37 19.66 8.56 -34.62
C LYS D 37 19.47 10.04 -34.35
N LEU D 38 19.19 10.42 -33.11
CA LEU D 38 19.05 11.83 -32.75
C LEU D 38 20.39 12.57 -32.82
N GLN D 39 21.51 11.85 -32.84
CA GLN D 39 22.82 12.50 -32.89
C GLN D 39 23.09 13.11 -34.26
N LYS D 40 22.47 12.57 -35.31
CA LYS D 40 22.70 13.12 -36.65
C LYS D 40 22.23 14.56 -36.76
N LYS D 41 21.36 15.00 -35.86
CA LYS D 41 20.81 16.35 -35.88
C LYS D 41 21.23 17.20 -34.70
N TYR D 42 21.68 16.59 -33.60
CA TYR D 42 22.07 17.33 -32.41
C TYR D 42 23.51 17.07 -31.97
N GLY D 43 24.18 16.07 -32.52
CA GLY D 43 25.57 15.82 -32.20
C GLY D 43 25.76 14.66 -31.25
N PRO D 44 26.99 14.49 -30.76
CA PRO D 44 27.31 13.33 -29.92
C PRO D 44 26.95 13.51 -28.45
N ILE D 45 26.55 14.70 -28.01
CA ILE D 45 26.19 14.93 -26.62
C ILE D 45 25.11 16.00 -26.56
N TYR D 46 24.00 15.69 -25.90
CA TYR D 46 22.89 16.62 -25.75
C TYR D 46 22.19 16.32 -24.43
N SER D 47 21.22 17.17 -24.08
CA SER D 47 20.55 17.08 -22.79
C SER D 47 19.04 17.20 -22.97
N VAL D 48 18.32 16.73 -21.96
CA VAL D 48 16.89 16.91 -21.85
C VAL D 48 16.57 17.38 -20.43
N ARG D 49 15.59 18.27 -20.33
CA ARG D 49 15.23 18.89 -19.07
C ARG D 49 13.74 18.67 -18.81
N MET D 50 13.42 18.30 -17.57
CA MET D 50 12.03 18.13 -17.13
C MET D 50 11.95 18.67 -15.71
N GLY D 51 11.19 19.74 -15.54
CA GLY D 51 11.18 20.45 -14.27
C GLY D 51 12.58 20.89 -13.90
N THR D 52 13.11 20.34 -12.80
CA THR D 52 14.46 20.64 -12.37
C THR D 52 15.47 19.56 -12.74
N LYS D 53 15.02 18.39 -13.17
CA LYS D 53 15.92 17.32 -13.55
C LYS D 53 16.51 17.57 -14.93
N THR D 54 17.80 17.23 -15.09
CA THR D 54 18.48 17.30 -16.36
C THR D 54 19.19 15.97 -16.61
N THR D 55 19.04 15.45 -17.82
CA THR D 55 19.70 14.21 -18.22
C THR D 55 20.57 14.48 -19.44
N VAL D 56 21.84 14.10 -19.35
CA VAL D 56 22.78 14.19 -20.46
C VAL D 56 22.95 12.80 -21.07
N ILE D 57 22.85 12.73 -22.40
CA ILE D 57 23.12 11.50 -23.14
C ILE D 57 24.41 11.71 -23.93
N VAL D 58 25.32 10.74 -23.81
CA VAL D 58 26.63 10.80 -24.43
C VAL D 58 26.76 9.65 -25.41
N GLY D 59 27.11 9.95 -26.66
CA GLY D 59 27.13 8.96 -27.71
C GLY D 59 28.42 8.90 -28.52
N HIS D 60 29.54 9.31 -27.92
CA HIS D 60 30.84 9.20 -28.58
C HIS D 60 31.85 8.72 -27.55
N HIS D 61 32.80 7.88 -28.00
CA HIS D 61 33.70 7.22 -27.07
C HIS D 61 34.62 8.23 -26.37
N GLN D 62 35.06 9.26 -27.08
CA GLN D 62 35.93 10.27 -26.48
C GLN D 62 35.25 10.91 -25.26
N LEU D 63 33.99 11.33 -25.41
CA LEU D 63 33.29 11.93 -24.29
C LEU D 63 32.90 10.88 -23.24
N ALA D 64 32.59 9.66 -23.66
CA ALA D 64 32.16 8.63 -22.72
C ALA D 64 33.30 8.22 -21.80
N LYS D 65 34.49 7.99 -22.38
CA LYS D 65 35.64 7.65 -21.55
C LYS D 65 35.99 8.77 -20.57
N GLU D 66 35.60 10.00 -20.87
CA GLU D 66 35.79 11.08 -19.91
C GLU D 66 34.85 10.93 -18.73
N VAL D 67 33.60 10.53 -19.00
CA VAL D 67 32.65 10.29 -17.92
C VAL D 67 33.07 9.09 -17.07
N LEU D 68 33.60 8.05 -17.72
CA LEU D 68 33.85 6.78 -17.05
C LEU D 68 35.23 6.72 -16.39
N ILE D 69 36.24 7.28 -17.03
CA ILE D 69 37.62 7.08 -16.59
C ILE D 69 38.22 8.39 -16.10
N LYS D 70 38.47 9.32 -17.03
CA LYS D 70 39.18 10.55 -16.70
C LYS D 70 38.57 11.25 -15.49
N LYS D 71 37.26 11.46 -15.52
CA LYS D 71 36.53 12.02 -14.39
C LYS D 71 35.57 11.00 -13.78
N GLY D 72 35.96 9.72 -13.80
CA GLY D 72 35.07 8.66 -13.34
C GLY D 72 34.50 8.89 -11.97
N LYS D 73 35.28 9.51 -11.07
CA LYS D 73 34.80 9.77 -9.72
C LYS D 73 33.77 10.89 -9.71
N ASP D 74 33.96 11.91 -10.55
CA ASP D 74 32.97 12.99 -10.65
C ASP D 74 31.61 12.45 -11.03
N PHE D 75 31.57 11.40 -11.85
CA PHE D 75 30.32 10.86 -12.39
C PHE D 75 30.03 9.45 -11.89
N SER D 76 30.55 9.10 -10.71
CA SER D 76 30.38 7.77 -10.16
C SER D 76 29.07 7.60 -9.39
N GLY D 77 28.25 8.63 -9.30
CA GLY D 77 26.99 8.52 -8.60
C GLY D 77 25.97 7.75 -9.42
N ARG D 78 24.88 7.40 -8.73
CA ARG D 78 23.72 6.79 -9.38
C ARG D 78 22.49 7.66 -9.13
N PRO D 79 21.65 7.88 -10.13
CA PRO D 79 20.41 8.62 -9.89
C PRO D 79 19.41 7.73 -9.16
N GLN D 80 18.74 8.32 -8.17
CA GLN D 80 17.72 7.58 -7.43
C GLN D 80 16.44 7.52 -8.26
N MET D 81 15.87 6.33 -8.37
CA MET D 81 14.63 6.13 -9.12
C MET D 81 13.65 5.33 -8.27
N ALA D 82 12.36 5.60 -8.48
CA ALA D 82 11.34 4.91 -7.70
C ALA D 82 11.41 3.41 -7.92
N THR D 83 11.60 2.97 -9.16
CA THR D 83 11.63 1.54 -9.45
C THR D 83 12.88 0.87 -8.89
N LEU D 84 13.99 1.60 -8.84
CA LEU D 84 15.22 1.03 -8.28
C LEU D 84 15.22 1.04 -6.76
N ASP D 85 14.59 2.05 -6.13
CA ASP D 85 14.42 2.02 -4.69
C ASP D 85 13.79 0.71 -4.23
N ILE D 86 12.81 0.21 -5.00
CA ILE D 86 12.12 -1.02 -4.62
C ILE D 86 13.05 -2.22 -4.77
N ALA D 87 13.66 -2.38 -5.94
CA ALA D 87 14.47 -3.56 -6.20
C ALA D 87 15.76 -3.56 -5.37
N SER D 88 16.34 -2.39 -5.14
CA SER D 88 17.59 -2.29 -4.40
C SER D 88 17.38 -2.13 -2.89
N ASN D 89 16.16 -2.35 -2.41
CA ASN D 89 15.86 -2.20 -0.99
C ASN D 89 16.32 -0.84 -0.47
N ASN D 90 15.95 0.21 -1.21
CA ASN D 90 16.23 1.60 -0.82
C ASN D 90 17.71 1.92 -1.02
N ARG D 91 18.24 1.57 -2.20
CA ARG D 91 19.57 1.98 -2.64
C ARG D 91 20.69 1.30 -1.85
N LYS D 92 20.49 0.04 -1.47
CA LYS D 92 21.55 -0.79 -0.95
C LYS D 92 22.12 -1.64 -2.08
N GLY D 93 23.06 -2.51 -1.74
CA GLY D 93 23.73 -3.31 -2.75
C GLY D 93 24.88 -2.56 -3.40
N ILE D 94 25.12 -2.87 -4.68
CA ILE D 94 26.23 -2.28 -5.42
C ILE D 94 25.73 -1.54 -6.65
N ALA D 95 25.04 -2.26 -7.54
CA ALA D 95 24.77 -1.72 -8.88
C ALA D 95 23.95 -0.44 -8.83
N PHE D 96 22.97 -0.38 -7.93
CA PHE D 96 22.05 0.75 -7.87
C PHE D 96 22.27 1.62 -6.63
N ALA D 97 23.32 1.36 -5.87
CA ALA D 97 23.67 2.20 -4.73
C ALA D 97 24.39 3.46 -5.21
N ASP D 98 24.08 4.58 -4.56
CA ASP D 98 24.78 5.82 -4.85
C ASP D 98 26.23 5.71 -4.40
N SER D 99 27.09 6.51 -5.03
CA SER D 99 28.48 6.56 -4.62
C SER D 99 28.58 7.01 -3.17
N GLY D 100 29.52 6.44 -2.44
CA GLY D 100 29.66 6.72 -1.03
C GLY D 100 30.27 5.53 -0.31
N ALA D 101 30.17 5.58 1.02
CA ALA D 101 30.84 4.58 1.85
C ALA D 101 30.25 3.20 1.64
N HIS D 102 28.92 3.08 1.71
CA HIS D 102 28.27 1.78 1.53
C HIS D 102 28.71 1.12 0.23
N TRP D 103 28.52 1.82 -0.90
CA TRP D 103 28.88 1.27 -2.19
C TRP D 103 30.36 0.89 -2.25
N GLN D 104 31.22 1.76 -1.73
CA GLN D 104 32.65 1.50 -1.81
C GLN D 104 33.05 0.26 -1.02
N LEU D 105 32.59 0.17 0.23
CA LEU D 105 32.89 -1.00 1.05
C LEU D 105 32.40 -2.28 0.38
N HIS D 106 31.14 -2.30 -0.03
CA HIS D 106 30.55 -3.54 -0.52
C HIS D 106 31.09 -3.93 -1.88
N ARG D 107 31.37 -2.95 -2.75
CA ARG D 107 32.04 -3.27 -4.00
C ARG D 107 33.44 -3.82 -3.74
N ARG D 108 34.14 -3.24 -2.77
CA ARG D 108 35.46 -3.73 -2.39
C ARG D 108 35.40 -5.18 -1.93
N LEU D 109 34.49 -5.47 -0.98
CA LEU D 109 34.39 -6.83 -0.45
C LEU D 109 33.95 -7.81 -1.55
N ALA D 110 33.08 -7.37 -2.46
CA ALA D 110 32.66 -8.24 -3.55
C ALA D 110 33.84 -8.60 -4.45
N MET D 111 34.71 -7.64 -4.74
CA MET D 111 35.88 -7.91 -5.56
C MET D 111 36.89 -8.77 -4.82
N ALA D 112 36.97 -8.64 -3.50
CA ALA D 112 37.86 -9.47 -2.71
C ALA D 112 37.48 -10.94 -2.83
N THR D 113 36.18 -11.23 -2.81
CA THR D 113 35.72 -12.62 -2.88
C THR D 113 36.14 -13.27 -4.19
N PHE D 114 36.12 -12.52 -5.28
CA PHE D 114 36.49 -13.10 -6.58
C PHE D 114 37.95 -13.50 -6.62
N ALA D 115 38.81 -12.83 -5.84
CA ALA D 115 40.21 -13.21 -5.71
C ALA D 115 40.44 -14.34 -4.69
N LEU D 116 39.42 -15.12 -4.39
CA LEU D 116 39.56 -16.37 -3.64
C LEU D 116 39.49 -17.59 -4.54
N PHE D 117 38.78 -17.49 -5.67
CA PHE D 117 38.55 -18.60 -6.57
C PHE D 117 39.54 -18.61 -7.74
N LYS D 118 40.74 -18.06 -7.53
CA LYS D 118 41.76 -18.07 -8.57
C LYS D 118 42.57 -19.37 -8.52
N ASP D 119 43.22 -19.64 -7.40
CA ASP D 119 43.94 -20.89 -7.18
C ASP D 119 43.44 -21.53 -5.90
N GLY D 120 44.05 -22.64 -5.52
CA GLY D 120 43.58 -23.44 -4.41
C GLY D 120 42.55 -24.46 -4.84
N ASP D 121 42.21 -25.36 -3.91
CA ASP D 121 41.28 -26.43 -4.22
C ASP D 121 39.92 -25.91 -4.69
N GLN D 122 39.58 -24.67 -4.36
CA GLN D 122 38.36 -24.02 -4.84
C GLN D 122 38.78 -22.94 -5.84
N LYS D 123 38.86 -23.32 -7.11
CA LYS D 123 39.26 -22.42 -8.18
C LYS D 123 38.15 -22.33 -9.22
N LEU D 124 38.09 -21.18 -9.89
CA LEU D 124 36.88 -20.79 -10.60
C LEU D 124 36.56 -21.72 -11.76
N GLU D 125 37.54 -21.97 -12.65
CA GLU D 125 37.25 -22.77 -13.83
C GLU D 125 36.77 -24.17 -13.45
N LYS D 126 37.22 -24.68 -12.30
CA LYS D 126 36.80 -26.01 -11.87
C LYS D 126 35.30 -26.05 -11.59
N ILE D 127 34.82 -25.10 -10.78
CA ILE D 127 33.41 -25.14 -10.39
C ILE D 127 32.52 -24.82 -11.57
N ILE D 128 33.01 -24.01 -12.51
CA ILE D 128 32.26 -23.74 -13.73
C ILE D 128 32.12 -25.02 -14.56
N CYS D 129 33.26 -25.58 -14.98
CA CYS D 129 33.23 -26.79 -15.80
C CYS D 129 32.43 -27.89 -15.12
N GLN D 130 32.52 -28.00 -13.79
CA GLN D 130 31.72 -28.99 -13.07
C GLN D 130 30.25 -28.89 -13.43
N GLU D 131 29.77 -27.66 -13.63
CA GLU D 131 28.37 -27.44 -13.97
C GLU D 131 28.09 -27.53 -15.47
N ILE D 132 29.09 -27.26 -16.31
CA ILE D 132 28.86 -27.34 -17.75
C ILE D 132 28.70 -28.79 -18.17
N SER D 133 29.36 -29.73 -17.46
CA SER D 133 29.17 -31.14 -17.75
C SER D 133 27.75 -31.57 -17.42
N THR D 134 27.24 -31.17 -16.26
CA THR D 134 25.83 -31.41 -15.94
C THR D 134 24.94 -30.81 -17.02
N LEU D 135 25.28 -29.62 -17.50
CA LEU D 135 24.50 -28.98 -18.56
C LEU D 135 24.55 -29.81 -19.83
N CYS D 136 25.75 -30.27 -20.23
CA CYS D 136 25.86 -31.08 -21.43
C CYS D 136 25.16 -32.42 -21.27
N ASP D 137 25.37 -33.09 -20.12
CA ASP D 137 24.63 -34.33 -19.85
C ASP D 137 23.13 -34.08 -19.94
N MET D 138 22.66 -32.97 -19.39
CA MET D 138 21.23 -32.67 -19.42
C MET D 138 20.76 -32.41 -20.84
N LEU D 139 21.57 -31.73 -21.65
CA LEU D 139 21.16 -31.46 -23.02
C LEU D 139 21.13 -32.73 -23.87
N ALA D 140 21.93 -33.73 -23.49
CA ALA D 140 21.90 -35.00 -24.21
C ALA D 140 20.53 -35.65 -24.12
N THR D 141 19.87 -35.52 -22.96
CA THR D 141 18.50 -36.02 -22.77
C THR D 141 17.63 -35.65 -23.96
N HIS D 142 17.85 -34.46 -24.52
CA HIS D 142 17.09 -33.98 -25.66
C HIS D 142 17.83 -34.22 -26.97
N ASN D 143 18.44 -35.40 -27.12
CA ASN D 143 19.15 -35.73 -28.34
C ASN D 143 18.19 -35.69 -29.53
N GLY D 144 18.58 -34.98 -30.58
CA GLY D 144 17.76 -34.86 -31.76
C GLY D 144 16.50 -34.05 -31.58
N GLN D 145 16.32 -33.40 -30.44
CA GLN D 145 15.10 -32.67 -30.14
C GLN D 145 15.19 -31.22 -30.64
N SER D 146 14.11 -30.47 -30.43
CA SER D 146 14.02 -29.05 -30.79
C SER D 146 13.56 -28.31 -29.54
N ILE D 147 14.49 -27.59 -28.89
CA ILE D 147 14.32 -27.17 -27.51
C ILE D 147 14.63 -25.70 -27.33
N ASP D 148 14.06 -25.13 -26.26
CA ASP D 148 14.48 -23.84 -25.71
C ASP D 148 15.45 -24.12 -24.57
N ILE D 149 16.68 -23.65 -24.70
CA ILE D 149 17.76 -24.04 -23.80
C ILE D 149 17.91 -23.05 -22.65
N SER D 150 16.94 -22.14 -22.49
CA SER D 150 17.06 -21.10 -21.47
C SER D 150 17.29 -21.69 -20.08
N PHE D 151 16.38 -22.55 -19.63
CA PHE D 151 16.43 -23.03 -18.25
C PHE D 151 17.67 -23.88 -17.98
N PRO D 152 18.03 -24.86 -18.81
CA PRO D 152 19.26 -25.62 -18.54
C PRO D 152 20.48 -24.72 -18.37
N VAL D 153 20.66 -23.72 -19.24
CA VAL D 153 21.75 -22.77 -19.08
C VAL D 153 21.58 -22.02 -17.76
N PHE D 154 20.36 -21.58 -17.47
CA PHE D 154 20.09 -20.89 -16.21
C PHE D 154 20.54 -21.72 -15.02
N VAL D 155 20.21 -23.01 -15.01
CA VAL D 155 20.56 -23.86 -13.87
C VAL D 155 22.07 -23.92 -13.69
N ALA D 156 22.80 -24.11 -14.80
CA ALA D 156 24.26 -24.21 -14.72
C ALA D 156 24.87 -22.95 -14.13
N VAL D 157 24.47 -21.78 -14.66
CA VAL D 157 25.05 -20.52 -14.18
C VAL D 157 24.59 -20.24 -12.75
N THR D 158 23.34 -20.60 -12.43
CA THR D 158 22.84 -20.38 -11.07
C THR D 158 23.70 -21.10 -10.05
N ASN D 159 24.13 -22.32 -10.36
CA ASN D 159 24.91 -23.10 -9.40
C ASN D 159 26.28 -22.51 -9.19
N VAL D 160 26.94 -22.06 -10.26
CA VAL D 160 28.24 -21.42 -10.12
C VAL D 160 28.16 -20.28 -9.12
N ILE D 161 27.16 -19.42 -9.29
CA ILE D 161 27.04 -18.23 -8.44
C ILE D 161 26.67 -18.63 -7.02
N SER D 162 25.78 -19.64 -6.88
CA SER D 162 25.42 -20.10 -5.55
C SER D 162 26.64 -20.65 -4.81
N LEU D 163 27.58 -21.27 -5.52
CA LEU D 163 28.79 -21.76 -4.89
C LEU D 163 29.71 -20.61 -4.52
N ILE D 164 29.76 -19.56 -5.33
CA ILE D 164 30.58 -18.39 -5.01
C ILE D 164 30.02 -17.69 -3.78
N CYS D 165 28.69 -17.63 -3.66
CA CYS D 165 28.05 -16.90 -2.57
C CYS D 165 27.92 -17.73 -1.29
N PHE D 166 27.61 -19.02 -1.42
CA PHE D 166 27.26 -19.84 -0.26
C PHE D 166 27.97 -21.18 -0.19
N ASN D 167 28.70 -21.59 -1.23
CA ASN D 167 29.27 -22.93 -1.32
C ASN D 167 28.16 -23.99 -1.25
N THR D 168 27.10 -23.75 -2.03
CA THR D 168 25.99 -24.69 -2.13
C THR D 168 25.45 -24.65 -3.55
N SER D 169 24.86 -25.76 -3.99
CA SER D 169 24.29 -25.84 -5.33
C SER D 169 23.04 -26.70 -5.29
N TYR D 170 22.33 -26.74 -6.41
CA TYR D 170 21.03 -27.39 -6.51
C TYR D 170 21.14 -28.64 -7.38
N LYS D 171 20.67 -29.77 -6.85
CA LYS D 171 20.52 -30.96 -7.67
C LYS D 171 19.45 -30.72 -8.73
N ASN D 172 19.59 -31.43 -9.86
CA ASN D 172 18.60 -31.32 -10.92
C ASN D 172 17.21 -31.62 -10.38
N GLY D 173 16.27 -30.72 -10.67
CA GLY D 173 14.89 -30.88 -10.27
C GLY D 173 14.51 -30.16 -9.00
N ASP D 174 15.46 -29.56 -8.30
CA ASP D 174 15.15 -28.85 -7.08
C ASP D 174 14.15 -27.72 -7.38
N PRO D 175 13.00 -27.66 -6.70
CA PRO D 175 12.02 -26.63 -7.03
C PRO D 175 12.52 -25.21 -6.81
N GLU D 176 13.48 -25.02 -5.91
CA GLU D 176 14.00 -23.68 -5.66
C GLU D 176 14.60 -23.06 -6.92
N LEU D 177 15.03 -23.88 -7.89
CA LEU D 177 15.50 -23.34 -9.16
C LEU D 177 14.41 -22.57 -9.85
N ASN D 178 13.20 -23.15 -9.92
CA ASN D 178 12.09 -22.48 -10.59
C ASN D 178 11.62 -21.25 -9.81
N VAL D 179 11.80 -21.25 -8.48
CA VAL D 179 11.52 -20.07 -7.69
C VAL D 179 12.45 -18.93 -8.10
N ILE D 180 13.76 -19.19 -8.05
CA ILE D 180 14.74 -18.16 -8.40
C ILE D 180 14.52 -17.67 -9.82
N GLN D 181 14.42 -18.59 -10.77
CA GLN D 181 14.12 -18.23 -12.15
C GLN D 181 12.91 -17.31 -12.22
N ASN D 182 11.92 -17.54 -11.37
CA ASN D 182 10.65 -16.83 -11.50
C ASN D 182 10.77 -15.37 -11.06
N TYR D 183 11.28 -15.13 -9.85
CA TYR D 183 11.31 -13.77 -9.35
C TYR D 183 12.43 -12.94 -9.98
N ASN D 184 13.47 -13.58 -10.51
CA ASN D 184 14.47 -12.83 -11.27
C ASN D 184 13.88 -12.33 -12.59
N GLU D 185 13.11 -13.18 -13.27
CA GLU D 185 12.45 -12.76 -14.50
C GLU D 185 11.40 -11.69 -14.22
N GLY D 186 10.64 -11.85 -13.14
CA GLY D 186 9.61 -10.87 -12.81
C GLY D 186 10.20 -9.52 -12.43
N ILE D 187 11.29 -9.54 -11.66
CA ILE D 187 11.95 -8.29 -11.28
C ILE D 187 12.45 -7.57 -12.51
N ILE D 188 13.14 -8.28 -13.40
CA ILE D 188 13.66 -7.66 -14.62
C ILE D 188 12.52 -7.15 -15.48
N ASP D 189 11.47 -7.95 -15.63
CA ASP D 189 10.38 -7.57 -16.55
C ASP D 189 9.60 -6.37 -16.03
N ASN D 190 9.44 -6.25 -14.70
CA ASN D 190 8.65 -5.17 -14.12
C ASN D 190 9.47 -3.94 -13.76
N LEU D 191 10.81 -4.05 -13.79
CA LEU D 191 11.64 -2.90 -13.40
C LEU D 191 11.51 -1.77 -14.39
N SER D 192 11.33 -2.06 -15.67
CA SER D 192 11.26 -1.03 -16.70
C SER D 192 10.80 -1.67 -18.00
N LYS D 193 10.53 -0.82 -18.99
CA LYS D 193 10.15 -1.26 -20.33
C LYS D 193 11.19 -0.85 -21.36
N ASP D 194 12.39 -0.47 -20.91
CA ASP D 194 13.52 -0.20 -21.79
C ASP D 194 14.76 -0.06 -20.92
N SER D 195 15.84 0.51 -21.46
CA SER D 195 17.01 0.78 -20.63
C SER D 195 16.68 1.84 -19.58
N LEU D 196 17.34 1.74 -18.43
CA LEU D 196 17.04 2.62 -17.31
C LEU D 196 17.40 4.06 -17.64
N VAL D 197 16.49 4.97 -17.31
CA VAL D 197 16.76 6.41 -17.36
C VAL D 197 15.73 7.11 -16.48
N ASP D 198 16.20 8.01 -15.61
CA ASP D 198 15.32 8.63 -14.62
C ASP D 198 14.33 9.61 -15.22
N LEU D 199 14.50 9.99 -16.49
CA LEU D 199 13.50 10.85 -17.15
C LEU D 199 12.14 10.18 -17.17
N VAL D 200 12.10 8.85 -17.25
CA VAL D 200 10.86 8.11 -17.40
C VAL D 200 10.34 7.70 -16.02
N PRO D 201 9.02 8.05 -15.65
CA PRO D 201 8.42 7.50 -14.41
C PRO D 201 7.86 6.09 -14.65
N TRP D 202 8.77 5.12 -14.61
CA TRP D 202 8.46 3.77 -15.09
C TRP D 202 7.23 3.19 -14.41
N LEU D 203 7.10 3.38 -13.10
CA LEU D 203 6.01 2.79 -12.34
C LEU D 203 4.67 3.49 -12.57
N LYS D 204 4.66 4.66 -13.20
CA LYS D 204 3.46 5.49 -13.28
C LYS D 204 3.02 5.82 -14.70
N ILE D 205 3.71 5.32 -15.73
CA ILE D 205 3.38 5.71 -17.09
C ILE D 205 2.19 4.96 -17.65
N PHE D 206 1.89 3.76 -17.15
CA PHE D 206 0.79 2.96 -17.66
C PHE D 206 -0.11 2.49 -16.53
N PRO D 207 -1.50 2.20 -16.86
CA PRO D 207 -2.41 1.61 -15.84
C PRO D 207 -2.30 0.08 -15.84
N ASN D 208 -1.19 -0.43 -15.29
CA ASN D 208 -0.85 -1.84 -15.48
C ASN D 208 -0.33 -2.53 -14.22
N LYS D 209 -0.38 -1.89 -13.06
CA LYS D 209 0.03 -2.54 -11.81
C LYS D 209 1.48 -3.04 -11.88
N THR D 210 2.34 -2.26 -12.54
CA THR D 210 3.77 -2.59 -12.55
C THR D 210 4.35 -2.51 -11.15
N LEU D 211 3.91 -1.54 -10.35
CA LEU D 211 4.45 -1.39 -9.00
C LEU D 211 4.11 -2.59 -8.13
N GLU D 212 2.84 -3.00 -8.13
CA GLU D 212 2.43 -4.13 -7.29
C GLU D 212 3.20 -5.39 -7.67
N LYS D 213 3.37 -5.64 -8.97
CA LYS D 213 4.04 -6.86 -9.40
C LYS D 213 5.53 -6.82 -9.08
N LEU D 214 6.17 -5.66 -9.25
CA LEU D 214 7.58 -5.55 -8.87
C LEU D 214 7.76 -5.85 -7.39
N LYS D 215 6.90 -5.29 -6.53
CA LYS D 215 7.00 -5.54 -5.11
C LYS D 215 6.83 -7.02 -4.78
N SER D 216 5.89 -7.69 -5.45
CA SER D 216 5.60 -9.08 -5.14
C SER D 216 6.80 -9.98 -5.45
N HIS D 217 7.42 -9.79 -6.61
CA HIS D 217 8.62 -10.55 -6.92
C HIS D 217 9.76 -10.19 -5.99
N VAL D 218 9.92 -8.89 -5.70
CA VAL D 218 10.96 -8.45 -4.77
C VAL D 218 10.74 -9.07 -3.39
N LYS D 219 9.49 -9.26 -2.99
CA LYS D 219 9.22 -9.87 -1.70
C LYS D 219 9.66 -11.33 -1.67
N ILE D 220 9.42 -12.07 -2.75
CA ILE D 220 9.83 -13.47 -2.78
C ILE D 220 11.35 -13.58 -2.70
N ARG D 221 12.07 -12.71 -3.40
CA ARG D 221 13.53 -12.72 -3.34
C ARG D 221 14.01 -12.44 -1.92
N ASN D 222 13.55 -11.33 -1.34
CA ASN D 222 14.04 -10.94 -0.02
C ASN D 222 13.72 -11.99 1.03
N ASP D 223 12.55 -12.63 0.93
CA ASP D 223 12.20 -13.69 1.87
C ASP D 223 13.12 -14.89 1.70
N LEU D 224 13.38 -15.29 0.45
CA LEU D 224 14.31 -16.40 0.21
C LEU D 224 15.69 -16.07 0.75
N LEU D 225 16.22 -14.91 0.40
CA LEU D 225 17.58 -14.56 0.82
C LEU D 225 17.67 -14.38 2.33
N ASN D 226 16.61 -13.91 2.98
CA ASN D 226 16.64 -13.79 4.43
C ASN D 226 16.68 -15.16 5.10
N LYS D 227 16.02 -16.15 4.51
CA LYS D 227 16.12 -17.52 5.01
C LYS D 227 17.55 -18.00 4.97
N ILE D 228 18.20 -17.89 3.80
CA ILE D 228 19.57 -18.37 3.64
C ILE D 228 20.50 -17.67 4.62
N LEU D 229 20.43 -16.34 4.68
CA LEU D 229 21.31 -15.61 5.58
C LEU D 229 21.03 -15.96 7.03
N GLU D 230 19.76 -16.17 7.38
CA GLU D 230 19.44 -16.55 8.75
C GLU D 230 19.95 -17.96 9.05
N ASN D 231 19.69 -18.91 8.16
CA ASN D 231 20.16 -20.28 8.35
C ASN D 231 21.67 -20.39 8.30
N TYR D 232 22.36 -19.43 7.67
CA TYR D 232 23.81 -19.50 7.53
C TYR D 232 24.55 -18.95 8.75
N LYS D 233 23.85 -18.22 9.63
CA LYS D 233 24.52 -17.69 10.82
C LYS D 233 25.11 -18.79 11.67
N GLU D 234 24.52 -19.99 11.65
CA GLU D 234 25.05 -21.11 12.41
C GLU D 234 26.24 -21.76 11.71
N LYS D 235 26.28 -21.70 10.38
CA LYS D 235 27.35 -22.36 9.62
C LYS D 235 28.61 -21.51 9.52
N PHE D 236 28.52 -20.21 9.77
CA PHE D 236 29.67 -19.33 9.60
C PHE D 236 30.75 -19.64 10.62
N ARG D 237 31.99 -19.70 10.16
CA ARG D 237 33.16 -19.92 11.01
C ARG D 237 34.12 -18.75 10.82
N SER D 238 34.36 -18.00 11.90
CA SER D 238 35.27 -16.87 11.84
C SER D 238 36.60 -17.23 11.20
N ASP D 239 37.00 -18.51 11.28
CA ASP D 239 38.30 -18.94 10.81
C ASP D 239 38.25 -19.59 9.43
N SER D 240 37.11 -19.56 8.76
CA SER D 240 36.95 -20.19 7.45
C SER D 240 36.24 -19.21 6.51
N ILE D 241 37.01 -18.56 5.65
CA ILE D 241 36.50 -17.58 4.70
C ILE D 241 36.65 -18.16 3.30
N THR D 242 35.55 -18.64 2.73
CA THR D 242 35.59 -19.33 1.45
C THR D 242 34.51 -18.88 0.46
N ASN D 243 33.62 -17.98 0.84
CA ASN D 243 32.58 -17.52 -0.07
C ASN D 243 32.25 -16.06 0.23
N MET D 244 31.34 -15.51 -0.58
CA MET D 244 30.97 -14.11 -0.43
C MET D 244 30.36 -13.84 0.94
N LEU D 245 29.40 -14.67 1.35
CA LEU D 245 28.74 -14.43 2.61
C LEU D 245 29.72 -14.44 3.77
N ASP D 246 30.68 -15.37 3.76
CA ASP D 246 31.74 -15.36 4.76
C ASP D 246 32.47 -14.03 4.76
N THR D 247 32.84 -13.54 3.56
CA THR D 247 33.55 -12.27 3.47
C THR D 247 32.75 -11.15 4.10
N LEU D 248 31.46 -11.03 3.74
CA LEU D 248 30.63 -9.97 4.30
C LEU D 248 30.43 -10.16 5.80
N MET D 249 30.21 -11.40 6.24
CA MET D 249 30.01 -11.65 7.66
C MET D 249 31.30 -11.42 8.44
N GLN D 250 32.45 -11.75 7.85
CA GLN D 250 33.72 -11.50 8.52
C GLN D 250 33.97 -9.99 8.66
N ALA D 251 33.61 -9.21 7.63
CA ALA D 251 33.80 -7.77 7.70
C ALA D 251 32.94 -7.14 8.79
N LYS D 252 31.69 -7.59 8.91
CA LYS D 252 30.84 -7.12 10.00
C LYS D 252 31.41 -7.56 11.35
N MET D 253 31.98 -8.76 11.41
CA MET D 253 32.57 -9.25 12.65
C MET D 253 33.75 -8.40 13.06
N ASN D 254 34.67 -8.14 12.12
CA ASN D 254 35.84 -7.32 12.42
C ASN D 254 35.51 -5.87 12.68
N SER D 255 34.23 -5.49 12.65
CA SER D 255 33.79 -4.17 13.05
C SER D 255 33.38 -4.11 14.52
N ASP D 256 33.87 -5.04 15.34
CA ASP D 256 33.55 -5.10 16.75
C ASP D 256 34.76 -5.49 17.59
N ASP D 265 31.48 1.94 11.04
CA ASP D 265 31.78 0.95 9.99
C ASP D 265 30.80 -0.22 10.07
N SER D 266 30.34 -0.52 11.29
CA SER D 266 29.41 -1.63 11.46
C SER D 266 28.09 -1.37 10.76
N GLU D 267 27.58 -0.15 10.85
CA GLU D 267 26.28 0.17 10.26
C GLU D 267 26.25 -0.10 8.77
N LEU D 268 27.41 -0.07 8.10
CA LEU D 268 27.46 -0.33 6.67
C LEU D 268 27.26 -1.80 6.33
N LEU D 269 27.15 -2.68 7.33
CA LEU D 269 27.10 -4.12 7.09
C LEU D 269 25.95 -4.77 7.84
N SER D 270 24.83 -4.07 7.99
CA SER D 270 23.66 -4.68 8.59
C SER D 270 23.13 -5.81 7.72
N ASP D 271 22.25 -6.62 8.29
CA ASP D 271 21.70 -7.76 7.55
C ASP D 271 21.13 -7.33 6.21
N ASN D 272 20.38 -6.22 6.18
CA ASN D 272 19.73 -5.80 4.94
C ASN D 272 20.75 -5.34 3.91
N HIS D 273 21.83 -4.70 4.35
CA HIS D 273 22.90 -4.35 3.42
C HIS D 273 23.56 -5.60 2.86
N ILE D 274 23.87 -6.57 3.72
CA ILE D 274 24.46 -7.81 3.25
C ILE D 274 23.53 -8.53 2.29
N LEU D 275 22.24 -8.59 2.63
CA LEU D 275 21.27 -9.29 1.77
C LEU D 275 21.24 -8.68 0.38
N THR D 276 21.15 -7.35 0.29
CA THR D 276 20.99 -6.72 -1.01
C THR D 276 22.23 -6.92 -1.89
N THR D 277 23.42 -6.84 -1.31
CA THR D 277 24.64 -7.10 -2.08
C THR D 277 24.63 -8.52 -2.62
N ILE D 278 24.33 -9.49 -1.75
CA ILE D 278 24.18 -10.88 -2.22
C ILE D 278 23.20 -10.93 -3.38
N GLY D 279 22.04 -10.29 -3.21
CA GLY D 279 21.05 -10.31 -4.27
C GLY D 279 21.54 -9.71 -5.57
N ASP D 280 22.35 -8.64 -5.48
CA ASP D 280 22.93 -8.06 -6.68
C ASP D 280 23.80 -9.08 -7.40
N ILE D 281 24.73 -9.69 -6.69
CA ILE D 281 25.64 -10.65 -7.32
C ILE D 281 24.87 -11.86 -7.84
N PHE D 282 23.92 -12.35 -7.04
CA PHE D 282 23.17 -13.53 -7.43
C PHE D 282 22.30 -13.26 -8.65
N GLY D 283 21.58 -12.15 -8.64
CA GLY D 283 20.75 -11.80 -9.79
C GLY D 283 21.59 -11.49 -11.02
N ALA D 284 22.62 -10.67 -10.86
CA ALA D 284 23.49 -10.33 -11.98
C ALA D 284 24.20 -11.57 -12.51
N GLY D 285 24.82 -12.34 -11.61
CA GLY D 285 25.62 -13.48 -12.04
C GLY D 285 24.83 -14.55 -12.77
N VAL D 286 23.50 -14.47 -12.77
CA VAL D 286 22.63 -15.46 -13.42
C VAL D 286 22.03 -14.90 -14.70
N GLU D 287 21.28 -13.79 -14.60
CA GLU D 287 20.48 -13.33 -15.73
C GLU D 287 21.35 -12.79 -16.86
N THR D 288 22.55 -12.32 -16.56
CA THR D 288 23.35 -11.64 -17.57
C THR D 288 24.09 -12.63 -18.47
N THR D 289 24.71 -13.65 -17.88
CA THR D 289 25.45 -14.62 -18.69
C THR D 289 24.50 -15.46 -19.53
N THR D 290 23.35 -15.84 -18.96
CA THR D 290 22.37 -16.62 -19.72
C THR D 290 21.93 -15.89 -20.97
N SER D 291 21.74 -14.56 -20.88
CA SER D 291 21.25 -13.81 -22.03
C SER D 291 22.29 -13.81 -23.17
N VAL D 292 23.56 -13.61 -22.84
CA VAL D 292 24.59 -13.54 -23.87
C VAL D 292 24.72 -14.89 -24.58
N VAL D 293 24.77 -15.98 -23.80
CA VAL D 293 24.78 -17.32 -24.38
C VAL D 293 23.62 -17.48 -25.36
N LYS D 294 22.41 -17.13 -24.90
CA LYS D 294 21.25 -17.22 -25.77
C LYS D 294 21.40 -16.31 -26.99
N TRP D 295 22.02 -15.14 -26.81
CA TRP D 295 22.24 -14.25 -27.94
C TRP D 295 23.19 -14.85 -28.95
N THR D 296 24.24 -15.52 -28.48
CA THR D 296 25.24 -16.10 -29.38
C THR D 296 24.61 -17.16 -30.26
N LEU D 297 23.90 -18.12 -29.66
CA LEU D 297 23.25 -19.19 -30.42
C LEU D 297 22.45 -18.63 -31.58
N ALA D 298 21.55 -17.68 -31.31
CA ALA D 298 20.71 -17.13 -32.35
C ALA D 298 21.54 -16.57 -33.49
N PHE D 299 22.69 -15.95 -33.17
CA PHE D 299 23.56 -15.45 -34.22
C PHE D 299 24.17 -16.59 -35.02
N LEU D 300 24.48 -17.70 -34.37
CA LEU D 300 24.97 -18.87 -35.10
C LEU D 300 23.86 -19.48 -35.95
N LEU D 301 22.65 -19.57 -35.41
CA LEU D 301 21.50 -20.00 -36.21
C LEU D 301 21.31 -19.14 -37.44
N HIS D 302 21.79 -17.90 -37.42
CA HIS D 302 21.71 -17.01 -38.57
C HIS D 302 22.97 -17.00 -39.42
N ASN D 303 24.10 -17.44 -38.87
CA ASN D 303 25.39 -17.38 -39.56
C ASN D 303 26.06 -18.75 -39.49
N PRO D 304 25.67 -19.66 -40.38
CA PRO D 304 26.24 -21.02 -40.31
C PRO D 304 27.71 -21.07 -40.71
N GLN D 305 28.12 -20.28 -41.69
CA GLN D 305 29.53 -20.26 -42.07
C GLN D 305 30.42 -20.02 -40.87
N VAL D 306 30.10 -19.00 -40.06
CA VAL D 306 30.83 -18.77 -38.82
C VAL D 306 30.73 -19.99 -37.92
N LYS D 307 29.57 -20.65 -37.92
CA LYS D 307 29.38 -21.83 -37.08
C LYS D 307 30.28 -22.97 -37.52
N LYS D 308 30.37 -23.22 -38.82
CA LYS D 308 31.24 -24.27 -39.33
C LYS D 308 32.68 -24.04 -38.88
N LYS D 309 33.23 -22.86 -39.19
CA LYS D 309 34.61 -22.57 -38.83
C LYS D 309 34.85 -22.71 -37.33
N LEU D 310 33.84 -22.40 -36.52
CA LEU D 310 33.97 -22.62 -35.08
C LEU D 310 34.15 -24.10 -34.77
N TYR D 311 33.43 -24.97 -35.47
CA TYR D 311 33.64 -26.41 -35.32
C TYR D 311 35.05 -26.80 -35.76
N GLU D 312 35.48 -26.30 -36.92
CA GLU D 312 36.82 -26.64 -37.41
C GLU D 312 37.88 -26.24 -36.39
N GLU D 313 37.82 -25.01 -35.90
CA GLU D 313 38.80 -24.52 -34.94
C GLU D 313 38.85 -25.40 -33.71
N ILE D 314 37.68 -25.76 -33.19
CA ILE D 314 37.70 -26.68 -32.05
C ILE D 314 38.37 -27.99 -32.48
N ASP D 315 37.88 -28.61 -33.57
CA ASP D 315 38.37 -29.93 -33.96
C ASP D 315 39.90 -29.95 -34.01
N GLN D 316 40.50 -28.98 -34.70
CA GLN D 316 41.94 -29.00 -34.89
C GLN D 316 42.69 -28.82 -33.57
N ASN D 317 42.13 -28.07 -32.61
CA ASN D 317 42.88 -27.65 -31.43
C ASN D 317 42.47 -28.33 -30.12
N VAL D 318 41.37 -29.09 -30.07
CA VAL D 318 41.02 -29.79 -28.84
C VAL D 318 40.70 -31.25 -29.11
N GLY D 319 39.84 -31.52 -30.09
CA GLY D 319 39.48 -32.91 -30.34
C GLY D 319 38.67 -33.42 -29.16
N PHE D 320 39.08 -34.55 -28.55
CA PHE D 320 38.26 -35.21 -27.53
C PHE D 320 39.06 -35.94 -26.46
N SER D 321 40.39 -35.85 -26.45
CA SER D 321 41.14 -36.37 -25.31
C SER D 321 40.91 -35.51 -24.07
N ARG D 322 40.55 -34.25 -24.25
CA ARG D 322 40.40 -33.29 -23.16
C ARG D 322 39.05 -32.61 -23.27
N THR D 323 38.70 -31.87 -22.22
CA THR D 323 37.59 -30.94 -22.27
C THR D 323 38.12 -29.51 -22.29
N PRO D 324 37.48 -28.60 -23.05
CA PRO D 324 37.97 -27.21 -23.12
C PRO D 324 38.34 -26.65 -21.75
N THR D 325 39.27 -25.70 -21.72
CA THR D 325 39.90 -25.29 -20.48
C THR D 325 40.15 -23.79 -20.46
N ILE D 326 40.56 -23.31 -19.28
CA ILE D 326 41.05 -21.95 -19.11
C ILE D 326 42.05 -21.58 -20.19
N SER D 327 42.93 -22.52 -20.53
CA SER D 327 44.07 -22.23 -21.41
C SER D 327 43.73 -22.36 -22.89
N ASP D 328 42.63 -23.04 -23.23
CA ASP D 328 42.29 -23.23 -24.64
C ASP D 328 41.81 -21.95 -25.31
N ARG D 329 41.64 -20.86 -24.57
CA ARG D 329 41.25 -19.59 -25.17
C ARG D 329 42.41 -18.92 -25.89
N ASN D 330 43.65 -19.28 -25.56
CA ASN D 330 44.79 -18.84 -26.35
C ASN D 330 44.93 -19.62 -27.66
N ARG D 331 43.96 -20.49 -27.96
CA ARG D 331 44.05 -21.40 -29.09
C ARG D 331 42.78 -21.32 -29.93
N LEU D 332 41.65 -21.10 -29.28
CA LEU D 332 40.36 -20.94 -29.94
C LEU D 332 40.08 -19.44 -30.05
N LEU D 333 40.56 -18.84 -31.13
CA LEU D 333 40.48 -17.39 -31.28
C LEU D 333 39.19 -16.95 -31.97
N LEU D 334 38.73 -17.68 -32.98
CA LEU D 334 37.46 -17.31 -33.61
C LEU D 334 36.31 -17.38 -32.60
N LEU D 335 36.40 -18.30 -31.64
CA LEU D 335 35.40 -18.37 -30.59
C LEU D 335 35.41 -17.09 -29.77
N GLU D 336 36.56 -16.74 -29.19
CA GLU D 336 36.69 -15.50 -28.44
C GLU D 336 36.28 -14.31 -29.29
N ALA D 337 36.63 -14.32 -30.58
CA ALA D 337 36.29 -13.21 -31.45
C ALA D 337 34.80 -13.14 -31.72
N THR D 338 34.12 -14.30 -31.76
CA THR D 338 32.68 -14.31 -31.94
C THR D 338 31.98 -13.80 -30.69
N ILE D 339 32.50 -14.15 -29.51
CA ILE D 339 31.95 -13.61 -28.26
C ILE D 339 32.02 -12.09 -28.27
N ARG D 340 33.17 -11.54 -28.63
CA ARG D 340 33.35 -10.09 -28.61
C ARG D 340 32.38 -9.41 -29.58
N GLU D 341 32.17 -10.02 -30.75
CA GLU D 341 31.25 -9.42 -31.72
C GLU D 341 29.82 -9.43 -31.18
N VAL D 342 29.45 -10.45 -30.41
CA VAL D 342 28.12 -10.47 -29.81
C VAL D 342 28.01 -9.40 -28.73
N LEU D 343 29.05 -9.26 -27.89
CA LEU D 343 29.06 -8.21 -26.89
C LEU D 343 29.13 -6.83 -27.53
N ARG D 344 29.65 -6.71 -28.75
CA ARG D 344 29.58 -5.45 -29.48
C ARG D 344 28.20 -5.24 -30.09
N LEU D 345 27.74 -6.23 -30.86
CA LEU D 345 26.51 -6.06 -31.61
C LEU D 345 25.29 -6.02 -30.69
N ARG D 346 25.33 -6.77 -29.59
CA ARG D 346 24.22 -6.85 -28.63
C ARG D 346 24.79 -6.69 -27.23
N PRO D 347 25.02 -5.47 -26.77
CA PRO D 347 25.57 -5.28 -25.43
C PRO D 347 24.58 -5.69 -24.36
N VAL D 348 25.10 -6.31 -23.29
CA VAL D 348 24.26 -6.63 -22.14
C VAL D 348 23.49 -5.40 -21.68
N ALA D 349 24.17 -4.25 -21.64
CA ALA D 349 23.59 -3.00 -21.18
C ALA D 349 23.87 -1.95 -22.24
N PRO D 350 23.02 -1.86 -23.28
CA PRO D 350 23.30 -0.90 -24.37
C PRO D 350 23.39 0.55 -23.91
N MET D 351 22.87 0.88 -22.73
CA MET D 351 23.03 2.21 -22.15
C MET D 351 23.65 2.12 -20.77
N LEU D 352 24.51 1.12 -20.54
CA LEU D 352 25.11 0.87 -19.24
C LEU D 352 24.06 0.96 -18.14
N ILE D 353 24.47 1.45 -16.98
CA ILE D 353 23.55 1.83 -15.91
C ILE D 353 23.70 3.35 -15.75
N PRO D 354 22.62 4.10 -15.49
CA PRO D 354 22.76 5.55 -15.43
C PRO D 354 23.77 6.00 -14.38
N HIS D 355 24.59 6.96 -14.78
CA HIS D 355 25.51 7.64 -13.87
C HIS D 355 24.89 8.95 -13.41
N LYS D 356 25.58 9.62 -12.49
CA LYS D 356 25.12 10.89 -11.94
C LYS D 356 26.33 11.75 -11.59
N ALA D 357 26.25 13.04 -11.94
CA ALA D 357 27.30 13.97 -11.57
C ALA D 357 27.25 14.24 -10.07
N ASN D 358 28.31 13.86 -9.36
CA ASN D 358 28.41 14.11 -7.93
C ASN D 358 28.80 15.55 -7.63
N VAL D 359 29.34 16.27 -8.60
CA VAL D 359 29.81 17.64 -8.41
C VAL D 359 29.67 18.39 -9.72
N ASP D 360 29.72 19.72 -9.65
CA ASP D 360 29.87 20.51 -10.86
C ASP D 360 31.11 20.05 -11.60
N SER D 361 30.93 19.71 -12.88
CA SER D 361 32.02 19.12 -13.65
C SER D 361 31.83 19.49 -15.11
N SER D 362 32.49 18.75 -15.99
CA SER D 362 32.43 19.03 -17.42
C SER D 362 32.68 17.76 -18.20
N ILE D 363 31.96 17.61 -19.32
CA ILE D 363 32.22 16.57 -20.30
C ILE D 363 32.69 17.26 -21.56
N GLY D 364 33.92 16.99 -21.98
CA GLY D 364 34.53 17.80 -23.02
C GLY D 364 34.63 19.23 -22.54
N GLU D 365 34.05 20.15 -23.30
CA GLU D 365 33.98 21.56 -22.92
C GLU D 365 32.60 21.96 -22.41
N PHE D 366 31.68 21.00 -22.26
CA PHE D 366 30.33 21.30 -21.82
C PHE D 366 30.23 21.20 -20.30
N ALA D 367 29.56 22.17 -19.69
CA ALA D 367 29.36 22.17 -18.25
C ALA D 367 28.26 21.20 -17.87
N VAL D 368 28.47 20.47 -16.78
CA VAL D 368 27.49 19.56 -16.23
C VAL D 368 27.29 19.93 -14.76
N ASP D 369 26.06 20.26 -14.41
CA ASP D 369 25.75 20.64 -13.03
C ASP D 369 25.70 19.42 -12.13
N LYS D 370 26.09 19.62 -10.87
CA LYS D 370 25.91 18.63 -9.83
C LYS D 370 24.50 18.05 -9.90
N GLY D 371 24.40 16.73 -9.70
CA GLY D 371 23.12 16.05 -9.69
C GLY D 371 22.58 15.66 -11.04
N THR D 372 23.18 16.12 -12.14
CA THR D 372 22.72 15.76 -13.46
C THR D 372 22.87 14.26 -13.70
N GLU D 373 21.85 13.67 -14.32
CA GLU D 373 21.93 12.28 -14.76
C GLU D 373 22.70 12.22 -16.08
N VAL D 374 23.63 11.27 -16.17
CA VAL D 374 24.47 11.11 -17.35
C VAL D 374 24.31 9.68 -17.85
N ILE D 375 23.84 9.54 -19.09
CA ILE D 375 23.65 8.24 -19.73
C ILE D 375 24.71 8.09 -20.81
N ILE D 376 25.40 6.95 -20.80
CA ILE D 376 26.34 6.58 -21.85
C ILE D 376 25.59 5.68 -22.83
N ASN D 377 25.48 6.12 -24.09
CA ASN D 377 24.82 5.33 -25.12
C ASN D 377 25.85 4.38 -25.73
N LEU D 378 26.08 3.25 -25.04
CA LEU D 378 27.06 2.29 -25.49
C LEU D 378 26.72 1.74 -26.87
N TRP D 379 25.44 1.58 -27.18
CA TRP D 379 25.03 1.15 -28.51
C TRP D 379 25.57 2.11 -29.57
N ALA D 380 25.50 3.42 -29.32
CA ALA D 380 26.04 4.39 -30.27
C ALA D 380 27.54 4.20 -30.46
N LEU D 381 28.25 3.90 -29.37
CA LEU D 381 29.68 3.63 -29.47
C LEU D 381 29.96 2.41 -30.33
N HIS D 382 29.19 1.33 -30.14
CA HIS D 382 29.46 0.08 -30.82
C HIS D 382 28.96 0.04 -32.25
N HIS D 383 28.19 1.04 -32.69
CA HIS D 383 27.74 1.15 -34.07
C HIS D 383 28.22 2.42 -34.73
N ASN D 384 29.30 3.00 -34.23
CA ASN D 384 29.88 4.20 -34.83
C ASN D 384 30.47 3.87 -36.20
N GLU D 385 30.00 4.58 -37.22
CA GLU D 385 30.45 4.30 -38.59
C GLU D 385 31.96 4.52 -38.73
N LYS D 386 32.45 5.65 -38.24
CA LYS D 386 33.86 6.00 -38.42
C LYS D 386 34.80 5.16 -37.55
N GLU D 387 34.27 4.32 -36.67
CA GLU D 387 35.09 3.47 -35.82
C GLU D 387 34.97 1.99 -36.11
N TRP D 388 33.94 1.57 -36.85
CA TRP D 388 33.73 0.18 -37.18
C TRP D 388 33.44 0.04 -38.67
N HIS D 389 33.82 -1.10 -39.24
CA HIS D 389 33.52 -1.40 -40.63
C HIS D 389 32.21 -2.17 -40.70
N GLN D 390 31.23 -1.61 -41.41
CA GLN D 390 29.90 -2.20 -41.51
C GLN D 390 29.43 -2.61 -40.11
N PRO D 391 29.00 -1.65 -39.28
CA PRO D 391 28.68 -2.00 -37.89
C PRO D 391 27.45 -2.88 -37.75
N ASP D 392 26.44 -2.69 -38.59
CA ASP D 392 25.21 -3.48 -38.52
C ASP D 392 25.40 -4.91 -38.99
N GLN D 393 26.61 -5.35 -39.30
CA GLN D 393 26.86 -6.71 -39.74
C GLN D 393 27.54 -7.50 -38.64
N PHE D 394 27.22 -8.79 -38.58
CA PHE D 394 27.82 -9.72 -37.63
C PHE D 394 29.09 -10.29 -38.27
N MET D 395 30.25 -9.76 -37.89
CA MET D 395 31.53 -10.11 -38.48
C MET D 395 32.52 -10.41 -37.36
N PRO D 396 32.53 -11.64 -36.85
CA PRO D 396 33.48 -11.97 -35.78
C PRO D 396 34.93 -11.70 -36.11
N GLU D 397 35.29 -11.77 -37.39
CA GLU D 397 36.70 -11.65 -37.78
C GLU D 397 37.23 -10.23 -37.68
N ARG D 398 36.38 -9.24 -37.39
CA ARG D 398 36.90 -7.90 -37.15
C ARG D 398 37.80 -7.84 -35.93
N PHE D 399 37.64 -8.78 -35.00
CA PHE D 399 38.51 -8.89 -33.84
C PHE D 399 39.69 -9.83 -34.09
N LEU D 400 39.97 -10.15 -35.35
CA LEU D 400 41.09 -11.00 -35.72
C LEU D 400 41.99 -10.27 -36.69
N ASN D 401 43.30 -10.50 -36.57
CA ASN D 401 44.21 -10.05 -37.60
C ASN D 401 43.80 -10.69 -38.93
N PRO D 402 43.98 -10.01 -40.06
CA PRO D 402 43.40 -10.49 -41.32
C PRO D 402 43.71 -11.93 -41.68
N ALA D 403 44.66 -12.57 -40.99
CA ALA D 403 44.95 -13.98 -41.24
C ALA D 403 44.12 -14.90 -40.35
N GLY D 404 44.12 -14.65 -39.04
CA GLY D 404 43.40 -15.50 -38.11
C GLY D 404 44.32 -16.13 -37.08
N THR D 405 45.47 -15.50 -36.84
CA THR D 405 46.47 -16.02 -35.92
C THR D 405 46.46 -15.33 -34.57
N GLN D 406 46.00 -14.08 -34.51
CA GLN D 406 45.94 -13.35 -33.25
C GLN D 406 44.72 -12.44 -33.25
N LEU D 407 44.01 -12.43 -32.14
CA LEU D 407 42.87 -11.53 -31.98
C LEU D 407 43.38 -10.15 -31.56
N ILE D 408 42.62 -9.12 -31.97
CA ILE D 408 43.04 -7.74 -31.84
C ILE D 408 41.87 -6.87 -31.42
N SER D 409 42.19 -5.67 -30.96
CA SER D 409 41.19 -4.67 -30.55
C SER D 409 41.06 -3.63 -31.66
N PRO D 410 40.14 -3.82 -32.60
CA PRO D 410 40.11 -2.91 -33.76
C PRO D 410 39.74 -1.48 -33.43
N SER D 411 38.87 -1.24 -32.44
CA SER D 411 38.36 0.09 -32.17
C SER D 411 38.48 0.41 -30.69
N VAL D 412 38.79 1.68 -30.40
CA VAL D 412 38.75 2.17 -29.03
C VAL D 412 37.33 2.41 -28.56
N SER D 413 36.35 2.37 -29.46
CA SER D 413 34.94 2.58 -29.12
C SER D 413 34.26 1.27 -28.77
N TYR D 414 34.87 0.51 -27.86
CA TYR D 414 34.38 -0.82 -27.47
C TYR D 414 34.51 -0.93 -25.96
N LEU D 415 33.38 -0.97 -25.25
CA LEU D 415 33.38 -1.05 -23.79
C LEU D 415 32.17 -1.86 -23.32
N PRO D 416 32.15 -3.16 -23.65
CA PRO D 416 31.00 -3.98 -23.24
C PRO D 416 30.80 -4.08 -21.73
N PHE D 417 31.89 -4.04 -20.96
CA PHE D 417 31.82 -4.15 -19.51
C PHE D 417 32.03 -2.82 -18.82
N GLY D 418 31.94 -1.71 -19.54
CA GLY D 418 32.16 -0.40 -18.94
C GLY D 418 33.63 -0.14 -18.67
N ALA D 419 33.86 0.77 -17.72
CA ALA D 419 35.20 1.20 -17.38
C ALA D 419 35.16 2.16 -16.20
N GLY D 420 36.22 2.16 -15.39
CA GLY D 420 36.33 3.10 -14.30
C GLY D 420 35.63 2.64 -13.03
N PRO D 421 35.24 3.61 -12.18
CA PRO D 421 34.75 3.25 -10.85
C PRO D 421 33.53 2.33 -10.83
N ARG D 422 32.57 2.53 -11.74
CA ARG D 422 31.34 1.74 -11.72
C ARG D 422 31.38 0.57 -12.69
N SER D 423 32.57 0.16 -13.12
CA SER D 423 32.67 -0.90 -14.12
C SER D 423 32.24 -2.25 -13.54
N CYS D 424 31.97 -3.17 -14.46
CA CYS D 424 31.53 -4.51 -14.07
C CYS D 424 32.53 -5.18 -13.14
N ILE D 425 32.04 -5.68 -12.00
CA ILE D 425 32.90 -6.39 -11.07
C ILE D 425 32.92 -7.89 -11.31
N GLY D 426 32.10 -8.40 -12.23
CA GLY D 426 32.07 -9.82 -12.52
C GLY D 426 32.50 -10.15 -13.92
N GLU D 427 33.34 -9.29 -14.51
CA GLU D 427 33.80 -9.52 -15.88
C GLU D 427 34.61 -10.80 -15.98
N ILE D 428 35.59 -10.97 -15.09
CA ILE D 428 36.43 -12.16 -15.12
C ILE D 428 35.58 -13.42 -15.09
N LEU D 429 34.57 -13.47 -14.21
CA LEU D 429 33.67 -14.61 -14.17
C LEU D 429 32.94 -14.78 -15.48
N ALA D 430 32.34 -13.69 -15.98
CA ALA D 430 31.51 -13.79 -17.18
C ALA D 430 32.32 -14.26 -18.39
N ARG D 431 33.60 -13.91 -18.47
CA ARG D 431 34.39 -14.27 -19.63
C ARG D 431 34.73 -15.76 -19.63
N GLN D 432 35.12 -16.30 -18.47
CA GLN D 432 35.39 -17.73 -18.39
C GLN D 432 34.14 -18.54 -18.65
N GLU D 433 32.99 -18.09 -18.13
CA GLU D 433 31.74 -18.79 -18.36
C GLU D 433 31.37 -18.78 -19.84
N LEU D 434 31.36 -17.60 -20.46
CA LEU D 434 30.94 -17.51 -21.86
C LEU D 434 31.86 -18.34 -22.76
N PHE D 435 33.15 -18.38 -22.45
CA PHE D 435 34.07 -19.20 -23.23
C PHE D 435 33.82 -20.69 -22.98
N LEU D 436 33.90 -21.10 -21.70
CA LEU D 436 33.78 -22.52 -21.39
C LEU D 436 32.43 -23.09 -21.81
N ILE D 437 31.34 -22.36 -21.53
CA ILE D 437 30.01 -22.80 -21.97
C ILE D 437 30.04 -23.11 -23.46
N MET D 438 30.37 -22.11 -24.27
CA MET D 438 30.27 -22.27 -25.72
C MET D 438 31.31 -23.25 -26.24
N ALA D 439 32.48 -23.33 -25.61
CA ALA D 439 33.46 -24.34 -25.98
C ALA D 439 32.88 -25.74 -25.86
N TRP D 440 32.46 -26.10 -24.64
CA TRP D 440 31.91 -27.45 -24.42
C TRP D 440 30.72 -27.71 -25.32
N LEU D 441 29.81 -26.74 -25.45
CA LEU D 441 28.65 -26.94 -26.32
C LEU D 441 29.07 -27.27 -27.74
N LEU D 442 30.11 -26.61 -28.24
CA LEU D 442 30.58 -26.84 -29.60
C LEU D 442 31.38 -28.13 -29.74
N GLN D 443 31.97 -28.61 -28.65
CA GLN D 443 32.71 -29.88 -28.69
C GLN D 443 31.77 -31.08 -28.67
N ARG D 444 30.57 -30.94 -28.08
CA ARG D 444 29.69 -32.07 -27.83
C ARG D 444 28.42 -32.09 -28.65
N PHE D 445 27.97 -30.94 -29.17
CA PHE D 445 26.65 -30.86 -29.78
C PHE D 445 26.72 -30.19 -31.15
N ASP D 446 25.69 -30.42 -31.94
CA ASP D 446 25.45 -29.69 -33.19
C ASP D 446 24.09 -29.03 -33.04
N LEU D 447 24.08 -27.74 -32.71
CA LEU D 447 22.85 -27.03 -32.41
C LEU D 447 22.38 -26.34 -33.69
N GLU D 448 21.38 -26.94 -34.35
CA GLU D 448 20.96 -26.52 -35.67
C GLU D 448 19.61 -25.82 -35.62
N VAL D 449 19.35 -25.03 -36.67
CA VAL D 449 18.07 -24.31 -36.77
C VAL D 449 16.93 -25.31 -36.66
N PRO D 450 15.85 -25.01 -35.93
CA PRO D 450 14.84 -26.03 -35.65
C PRO D 450 14.26 -26.67 -36.90
N ASP D 451 13.60 -27.82 -36.69
CA ASP D 451 13.04 -28.60 -37.78
C ASP D 451 11.88 -27.91 -38.48
N ASP D 452 11.37 -26.80 -37.95
CA ASP D 452 10.41 -25.98 -38.67
C ASP D 452 11.07 -24.81 -39.38
N GLY D 453 12.40 -24.74 -39.36
CA GLY D 453 13.14 -23.79 -40.18
C GLY D 453 12.94 -22.33 -39.84
N GLN D 454 12.34 -22.01 -38.69
CA GLN D 454 12.19 -20.62 -38.30
C GLN D 454 13.44 -20.16 -37.55
N LEU D 455 13.75 -18.87 -37.71
CA LEU D 455 14.97 -18.33 -37.14
C LEU D 455 14.68 -17.39 -35.98
N PRO D 456 15.54 -17.37 -34.97
CA PRO D 456 15.32 -16.47 -33.82
C PRO D 456 15.34 -15.01 -34.23
N SER D 457 14.43 -14.25 -33.63
CA SER D 457 14.42 -12.80 -33.84
C SER D 457 15.58 -12.17 -33.08
N LEU D 458 16.37 -11.36 -33.78
CA LEU D 458 17.49 -10.64 -33.18
C LEU D 458 17.13 -9.19 -32.86
N GLU D 459 15.84 -8.85 -32.91
CA GLU D 459 15.41 -7.49 -32.59
C GLU D 459 15.77 -7.13 -31.16
N GLY D 460 15.61 -8.07 -30.24
CA GLY D 460 15.92 -7.83 -28.84
C GLY D 460 14.76 -7.21 -28.08
N ILE D 461 14.90 -7.22 -26.76
CA ILE D 461 13.90 -6.64 -25.86
C ILE D 461 14.63 -5.82 -24.80
N PRO D 462 14.66 -4.49 -24.91
CA PRO D 462 15.47 -3.69 -23.96
C PRO D 462 14.89 -3.75 -22.55
N LYS D 463 15.69 -4.25 -21.62
CA LYS D 463 15.38 -4.16 -20.20
C LYS D 463 16.64 -3.70 -19.48
N VAL D 464 16.67 -3.83 -18.15
CA VAL D 464 17.93 -3.60 -17.44
C VAL D 464 19.01 -4.52 -18.00
N VAL D 465 18.60 -5.66 -18.54
CA VAL D 465 19.44 -6.48 -19.41
C VAL D 465 18.82 -6.44 -20.80
N PHE D 466 19.67 -6.49 -21.83
CA PHE D 466 19.18 -6.52 -23.20
C PHE D 466 18.83 -7.95 -23.55
N LEU D 467 17.53 -8.25 -23.64
CA LEU D 467 17.05 -9.61 -23.78
C LEU D 467 16.66 -9.93 -25.22
N ILE D 468 16.73 -11.22 -25.56
CA ILE D 468 16.27 -11.73 -26.85
C ILE D 468 14.99 -12.51 -26.61
N ASP D 469 14.06 -12.45 -27.56
CA ASP D 469 12.88 -13.29 -27.51
C ASP D 469 13.30 -14.75 -27.38
N SER D 470 12.51 -15.50 -26.62
CA SER D 470 12.77 -16.93 -26.49
C SER D 470 12.61 -17.63 -27.83
N PHE D 471 13.45 -18.61 -28.09
CA PHE D 471 13.47 -19.28 -29.39
C PHE D 471 13.82 -20.75 -29.20
N LYS D 472 13.90 -21.48 -30.30
CA LYS D 472 14.19 -22.90 -30.29
C LYS D 472 15.46 -23.20 -31.06
N VAL D 473 16.18 -24.22 -30.60
CA VAL D 473 17.30 -24.79 -31.31
C VAL D 473 17.08 -26.30 -31.38
N LYS D 474 17.67 -26.93 -32.40
CA LYS D 474 17.72 -28.39 -32.46
C LYS D 474 19.08 -28.84 -31.94
N ILE D 475 19.07 -29.64 -30.89
CA ILE D 475 20.30 -30.18 -30.31
C ILE D 475 20.55 -31.53 -30.96
N LYS D 476 21.73 -31.69 -31.56
CA LYS D 476 22.21 -32.97 -32.03
C LYS D 476 23.53 -33.27 -31.36
N VAL D 477 23.94 -34.53 -31.43
CA VAL D 477 25.23 -34.95 -30.91
C VAL D 477 26.24 -34.93 -32.04
N ARG D 478 27.48 -34.56 -31.72
CA ARG D 478 28.53 -34.51 -32.71
C ARG D 478 28.98 -35.93 -33.08
N GLN D 479 28.95 -36.24 -34.37
CA GLN D 479 29.53 -37.49 -34.85
C GLN D 479 30.97 -37.67 -34.40
N ALA D 480 31.62 -36.60 -33.95
CA ALA D 480 33.00 -36.66 -33.52
C ALA D 480 33.14 -36.92 -32.02
N TRP D 481 32.14 -36.52 -31.22
CA TRP D 481 32.22 -36.78 -29.78
C TRP D 481 32.10 -38.26 -29.47
N ARG D 482 31.46 -39.03 -30.34
CA ARG D 482 31.11 -40.42 -30.00
C ARG D 482 32.38 -41.23 -29.75
N GLU D 483 33.15 -41.51 -30.80
CA GLU D 483 34.28 -42.43 -30.67
C GLU D 483 35.51 -41.68 -30.13
N ALA D 484 35.41 -41.31 -28.86
CA ALA D 484 36.56 -41.09 -28.00
C ALA D 484 36.55 -42.19 -26.95
N GLN D 485 37.40 -42.05 -25.94
CA GLN D 485 37.28 -42.89 -24.76
C GLN D 485 37.56 -44.36 -25.09
CHA HEM E . -14.05 -27.66 14.15
CHB HEM E . -11.60 -28.21 9.99
CHC HEM E . -15.60 -27.06 7.52
CHD HEM E . -18.13 -26.79 11.64
C1A HEM E . -13.02 -27.83 13.24
C2A HEM E . -11.62 -27.97 13.57
C3A HEM E . -10.94 -28.11 12.43
C4A HEM E . -11.89 -28.09 11.32
CMA HEM E . -9.42 -28.29 12.28
CAA HEM E . -11.03 -27.91 14.99
CBA HEM E . -10.73 -29.30 15.54
CGA HEM E . -10.31 -29.15 16.98
O1A HEM E . -9.69 -30.10 17.53
O2A HEM E . -10.59 -28.08 17.59
C1B HEM E . -12.45 -27.90 8.95
C2B HEM E . -12.08 -27.80 7.54
C3B HEM E . -13.19 -27.47 6.86
C4B HEM E . -14.29 -27.38 7.82
CMB HEM E . -10.63 -28.04 7.08
CAB HEM E . -13.46 -27.23 5.34
CBB HEM E . -12.57 -27.37 4.36
C1C HEM E . -16.66 -26.96 8.41
C2C HEM E . -18.06 -26.80 8.05
C3C HEM E . -18.77 -26.72 9.20
C4C HEM E . -17.83 -26.82 10.30
CMC HEM E . -18.50 -26.75 6.57
CAC HEM E . -20.29 -26.55 9.47
CBC HEM E . -21.27 -26.44 8.57
C1D HEM E . -17.24 -26.99 12.69
C2D HEM E . -17.56 -26.93 14.10
C3D HEM E . -16.43 -27.17 14.79
C4D HEM E . -15.37 -27.38 13.83
CMD HEM E . -18.94 -26.62 14.69
CAD HEM E . -16.28 -27.20 16.32
CBD HEM E . -16.50 -28.62 16.82
CGD HEM E . -16.40 -28.64 18.33
O1D HEM E . -16.91 -29.61 18.95
O2D HEM E . -15.83 -27.68 18.91
NA HEM E . -13.15 -27.92 11.86
NB HEM E . -13.79 -27.63 9.07
NC HEM E . -16.57 -26.96 9.78
ND HEM E . -15.89 -27.27 12.56
FE HEM E . -14.81 -27.29 10.83
HHB HEM E . -10.74 -28.63 9.76
HHC HEM E . -15.80 -26.91 6.57
HHD HEM E . -19.06 -26.61 11.88
HMA HEM E . -8.96 -27.50 12.65
HMAA HEM E . -9.18 -28.37 11.33
HMAB HEM E . -9.13 -29.09 12.76
HAA HEM E . -11.67 -27.47 15.58
HAAA HEM E . -10.21 -27.39 14.97
HBA HEM E . -10.01 -29.71 15.03
HBAA HEM E . -11.53 -29.85 15.48
HMB HEM E . -10.04 -27.41 7.51
HMBA HEM E . -10.56 -27.93 6.13
HMBB HEM E . -10.35 -28.94 7.32
HAB HEM E . -14.34 -26.96 5.09
HBB HEM E . -12.83 -27.18 3.44
HBBA HEM E . -11.66 -27.64 4.57
HMC HEM E . -19.46 -26.65 6.52
HMCA HEM E . -18.25 -27.58 6.13
HMCB HEM E . -18.07 -26.01 6.13
HAC HEM E . -20.56 -26.53 10.39
HBC HEM E . -22.19 -26.34 8.85
HBCA HEM E . -21.06 -26.46 7.62
HMD HEM E . -18.89 -26.64 15.67
HMDA HEM E . -19.58 -27.31 14.39
HMDB HEM E . -19.25 -25.75 14.39
HAD HEM E . -16.94 -26.61 16.73
HADA HEM E . -15.39 -26.90 16.57
HBD HEM E . -15.81 -29.21 16.46
HBDA HEM E . -17.37 -28.93 16.55
HHA HEM E . -13.83 -27.75 15.09
C11 6D7 F . -15.48 -22.47 13.35
C13 6D7 F . -14.32 -21.96 14.02
C14 6D7 F . -13.17 -22.19 13.08
C21 6D7 F . -16.00 -19.21 11.10
C22 6D7 F . -17.17 -18.54 11.90
C23 6D7 F . -17.74 -17.20 11.42
C10 6D7 F . -16.00 -21.22 12.81
C16 6D7 F . -13.10 -24.15 11.23
C18 6D7 F . -15.29 -24.48 11.43
C19 6D7 F . -14.92 -23.42 12.29
C20 6D7 F . -15.42 -20.54 11.57
C01 6D7 F . -21.10 -13.39 11.87
N02 6D7 F . -20.57 -14.66 12.36
C03 6D7 F . -19.41 -15.23 11.70
O04 6D7 F . -18.90 -14.67 10.78
C05 6D7 F . -18.87 -16.54 12.19
C06 6D7 F . -19.45 -17.21 13.45
C07 6D7 F . -18.88 -18.55 13.92
C08 6D7 F . -17.72 -19.19 13.13
C09 6D7 F . -17.14 -20.54 13.60
O12 6D7 F . -16.62 -22.93 14.13
N15 6D7 F . -13.58 -23.25 12.18
N17 6D7 F . -14.18 -24.91 10.78
H132 6D7 F . -14.43 -20.99 14.16
H131 6D7 F . -14.17 -22.48 14.86
H141 6D7 F . -13.02 -21.36 12.56
H142 6D7 F . -12.38 -22.50 13.62
H211 6D7 F . -15.63 -18.78 10.29
H231 6D7 F . -17.38 -16.77 10.63
H161 6D7 F . -12.17 -24.24 10.94
H181 6D7 F . -16.22 -24.83 11.30
H201 6D7 F . -14.68 -20.98 11.08
H013 6D7 F . -21.64 -13.55 11.04
H011 6D7 F . -20.35 -12.77 11.67
H012 6D7 F . -21.67 -12.98 12.57
H021 6D7 F . -20.96 -15.08 13.06
H061 6D7 F . -20.18 -16.78 13.95
H071 6D7 F . -19.24 -18.98 14.73
H091 6D7 F . -17.51 -20.97 14.41
H121 6D7 F . -16.45 -23.78 14.43
CHA HEM G . -19.68 17.37 -21.53
CHB HEM G . -19.85 18.67 -16.85
CHC HEM G . -23.10 15.18 -15.98
CHD HEM G . -23.29 14.23 -20.73
C1A HEM G . -19.37 17.96 -20.32
C2A HEM G . -18.25 18.84 -20.06
C3A HEM G . -18.29 19.19 -18.77
C4A HEM G . -19.44 18.56 -18.16
CMA HEM G . -17.31 20.13 -18.05
CAA HEM G . -17.20 19.25 -21.11
CBA HEM G . -17.38 20.70 -21.55
CGA HEM G . -16.37 21.01 -22.62
O1A HEM G . -16.12 22.21 -22.89
O2A HEM G . -15.78 20.05 -23.20
C1B HEM G . -20.71 17.84 -16.18
C2B HEM G . -20.98 17.84 -14.76
C3B HEM G . -21.88 16.88 -14.49
C4B HEM G . -22.22 16.23 -15.76
CMB HEM G . -20.33 18.81 -13.73
CAB HEM G . -22.41 16.60 -13.06
CBB HEM G . -23.12 15.52 -12.72
C1C HEM G . -23.50 14.68 -17.21
C2C HEM G . -24.65 13.83 -17.43
C3C HEM G . -24.71 13.55 -18.76
C4C HEM G . -23.60 14.24 -19.39
CMC HEM G . -25.55 13.37 -16.27
CAC HEM G . -25.69 12.69 -19.61
CBC HEM G . -26.80 12.09 -19.17
C1D HEM G . -22.30 14.96 -21.36
C2D HEM G . -21.92 14.87 -22.75
C3D HEM G . -20.92 15.73 -22.97
C4D HEM G . -20.64 16.41 -21.72
CMD HEM G . -22.57 13.92 -23.79
CAD HEM G . -20.20 15.99 -24.32
CBD HEM G . -20.78 17.26 -24.94
CGD HEM G . -20.17 17.51 -26.29
O1D HEM G . -20.86 18.11 -27.16
O2D HEM G . -19.00 17.09 -26.53
NA HEM G . -20.08 17.81 -19.14
NB HEM G . -21.48 16.85 -16.75
NC HEM G . -22.90 14.92 -18.41
ND HEM G . -21.49 15.91 -20.76
FE HEM G . -21.41 16.29 -18.74
HHB HEM G . -19.48 19.43 -16.34
HHC HEM G . -23.48 14.75 -15.19
HHD HEM G . -23.83 13.64 -21.30
HMA HEM G . -16.40 19.75 -18.11
HMAA HEM G . -17.56 20.21 -17.11
HMAB HEM G . -17.32 21.00 -18.48
HAA HEM G . -17.30 18.68 -21.89
HAAA HEM G . -16.32 19.14 -20.74
HBA HEM G . -17.25 21.29 -20.79
HBAA HEM G . -18.28 20.83 -21.90
HMB HEM G . -19.37 18.69 -13.75
HMBA HEM G . -20.67 18.62 -12.84
HMBB HEM G . -20.54 19.72 -13.97
HAB HEM G . -22.21 17.24 -12.38
HBB HEM G . -23.42 15.41 -11.79
HBBA HEM G . -23.33 14.84 -13.38
HMC HEM G . -25.02 12.88 -15.62
HMCA HEM G . -26.26 12.80 -16.60
HMCB HEM G . -25.94 14.15 -15.84
HAC HEM G . -25.48 12.59 -20.54
HBC HEM G . -27.35 11.57 -19.79
HBCA HEM G . -27.05 12.16 -18.24
HMD HEM G . -22.14 14.04 -24.66
HMDA HEM G . -23.53 14.12 -23.86
HMDB HEM G . -22.46 13.00 -23.50
HAD HEM G . -20.34 15.24 -24.91
HADA HEM G . -19.25 16.11 -24.16
HBD HEM G . -20.59 18.01 -24.37
HBDA HEM G . -21.74 17.16 -25.04
HHA HEM G . -19.24 17.74 -22.32
C11 6D7 H . -18.17 12.16 -20.73
C13 6D7 H . -16.75 12.44 -20.74
C14 6D7 H . -16.46 13.13 -19.45
C21 6D7 H . -17.80 8.86 -18.53
C22 6D7 H . -18.01 7.78 -19.64
C23 6D7 H . -17.95 6.29 -19.30
C10 6D7 H . -18.13 10.77 -20.30
C16 6D7 H . -18.26 14.58 -18.05
C18 6D7 H . -19.93 13.70 -19.22
C19 6D7 H . -18.73 13.13 -19.68
C20 6D7 H . -17.86 10.34 -18.87
C01 6D7 H . -17.93 1.38 -20.75
N02 6D7 H . -17.99 2.81 -21.09
C03 6D7 H . -18.10 3.79 -20.03
O04 6D7 H . -18.13 3.45 -18.89
C05 6D7 H . -18.15 5.25 -20.38
C06 6D7 H . -18.43 5.68 -21.84
C07 6D7 H . -18.48 7.16 -22.19
C08 6D7 H . -18.26 8.21 -21.06
C09 6D7 H . -18.33 9.70 -21.41
O12 6D7 H . -18.87 12.06 -21.99
N15 6D7 H . -17.70 13.68 -18.97
N17 6D7 H . -19.65 14.57 -18.22
H132 6D7 H . -16.27 11.58 -20.77
H131 6D7 H . -16.55 13.06 -21.49
H141 6D7 H . -16.14 12.46 -18.79
H142 6D7 H . -15.81 13.89 -19.63
H211 6D7 H . -17.62 8.57 -17.59
H231 6D7 H . -17.79 6.00 -18.39
H161 6D7 H . -17.76 15.11 -17.40
H181 6D7 H . -20.85 13.48 -19.56
H201 6D7 H . -17.72 11.03 -18.17
H013 6D7 H . -18.86 1.07 -20.52
H011 6D7 H . -17.34 1.26 -19.95
H012 6D7 H . -17.58 0.87 -21.50
H021 6D7 H . -17.96 3.07 -21.96
H061 6D7 H . -18.55 5.00 -22.54
H071 6D7 H . -18.65 7.45 -23.11
H091 6D7 H . -18.49 9.99 -22.33
H121 6D7 H . -19.08 12.91 -22.30
CHA HEM I . 13.72 15.84 23.38
CHB HEM I . 11.36 17.41 27.32
CHC HEM I . 9.35 20.94 24.68
CHD HEM I . 12.18 19.75 20.94
C1A HEM I . 13.15 15.88 24.63
C2A HEM I . 13.14 14.81 25.60
C3A HEM I . 12.49 15.25 26.69
C4A HEM I . 12.06 16.60 26.45
CMA HEM I . 12.24 14.44 27.99
CAA HEM I . 13.78 13.41 25.41
CBA HEM I . 15.17 13.35 26.01
CGA HEM I . 15.73 11.97 25.79
O1A HEM I . 16.65 11.56 26.54
O2A HEM I . 15.24 11.28 24.87
C1B HEM I . 10.58 18.49 26.97
C2B HEM I . 9.67 19.21 27.84
C3B HEM I . 9.10 20.19 27.12
C4B HEM I . 9.64 20.14 25.77
CMB HEM I . 9.43 18.87 29.33
CAB HEM I . 8.07 21.18 27.73
CBB HEM I . 7.36 22.07 27.03
C1C HEM I . 10.01 20.99 23.48
C2C HEM I . 9.95 22.08 22.52
C3C HEM I . 10.73 21.75 21.47
C4C HEM I . 11.31 20.45 21.75
CMC HEM I . 9.07 23.32 22.79
CAC HEM I . 11.08 22.48 20.14
CBC HEM I . 10.65 23.70 19.78
C1D HEM I . 12.81 18.56 21.25
C2D HEM I . 13.61 17.77 20.35
C3D HEM I . 14.05 16.69 21.03
C4D HEM I . 13.52 16.76 22.37
CMD HEM I . 13.92 18.13 18.88
CAD HEM I . 14.94 15.56 20.47
CBD HEM I . 16.40 15.84 20.80
CGD HEM I . 17.26 14.70 20.32
O1D HEM I . 18.49 14.90 20.17
O2D HEM I . 16.72 13.59 20.09
NA HEM I . 12.48 16.96 25.18
NB HEM I . 10.53 19.08 25.72
NC HEM I . 10.86 20.02 22.98
ND HEM I . 12.76 17.91 22.48
FE HEM I . 11.60 18.46 24.08
HHB HEM I . 11.33 17.14 28.26
HHC HEM I . 8.58 21.55 24.79
HHD HEM I . 12.36 20.14 20.06
HMA HEM I . 11.74 13.63 27.78
HMAA HEM I . 11.74 15.00 28.61
HMAB HEM I . 13.11 14.20 28.38
HAA HEM I . 13.82 13.21 24.47
HAAA HEM I . 13.21 12.75 25.85
HBA HEM I . 15.14 13.54 26.96
HBAA HEM I . 15.75 14.01 25.58
HMB HEM I . 9.09 17.97 29.40
HMBA HEM I . 8.79 19.50 29.69
HMBB HEM I . 10.26 18.95 29.81
HAB HEM I . 7.93 21.16 28.68
HBB HEM I . 6.73 22.66 27.48
HBBA HEM I . 7.47 22.13 26.07
HMC HEM I . 8.15 23.05 22.90
HMCA HEM I . 9.15 23.95 22.05
HMCB HEM I . 9.38 23.75 23.61
HAC HEM I . 11.65 22.02 19.52
HBC HEM I . 10.93 24.08 18.93
HBCA HEM I . 10.08 24.21 20.37
HMD HEM I . 14.49 17.43 18.48
HMDA HEM I . 14.38 18.99 18.84
HMDB HEM I . 13.09 18.18 18.38
HAD HEM I . 14.84 15.52 19.50
HADA HEM I . 14.67 14.72 20.85
HBD HEM I . 16.50 15.94 21.77
HBDA HEM I . 16.68 16.66 20.37
HHA HEM I . 14.40 15.15 23.22
C10 7D6 J . 8.92 15.15 18.27
N12 7D6 J . 8.31 15.36 13.01
C15 7D6 J . 7.08 14.13 22.22
C21 7D6 J . 9.32 17.15 22.34
C22 7D6 J . 8.50 15.31 11.59
C01 7D6 J . 6.82 15.51 15.13
C02 7D6 J . 5.58 15.76 15.68
C03 7D6 J . 5.43 15.81 17.11
C04 7D6 J . 6.56 15.61 17.94
C05 7D6 J . 7.77 15.36 17.41
C06 7D6 J . 7.92 15.30 15.94
C07 7D6 J . 6.40 15.66 19.33
C08 7D6 J . 7.52 15.46 20.17
C09 7D6 J . 8.77 15.21 19.65
C11 7D6 J . 6.99 15.45 13.57
O13 7D6 J . 6.00 15.49 12.85
C14 7D6 J . 7.26 15.54 21.69
C16 7D6 J . 7.69 14.24 23.70
N17 7D6 J . 8.67 15.39 23.58
C18 7D6 J . 8.38 16.03 22.47
C19 7D6 J . 9.74 16.03 24.18
N20 7D6 J . 10.12 17.07 23.42
O23 7D6 J . 6.12 16.33 21.92
H101 7D6 J . 9.77 14.99 17.89
H121 7D6 J . 9.07 15.33 13.59
H152 7D6 J . 6.17 13.94 22.28
H151 7D6 J . 7.62 13.52 21.70
H211 7D6 J . 9.36 17.81 21.64
H221 7D6 J . 7.81 14.76 11.20
H222 7D6 J . 8.45 16.25 11.21
H223 7D6 J . 9.35 14.92 11.40
H021 7D6 J . 4.79 15.90 15.09
H031 7D6 J . 4.60 15.98 17.49
H061 7D6 J . 8.80 15.13 15.55
H071 7D6 J . 5.53 15.83 19.71
H091 7D6 J . 9.51 15.07 20.21
H161 7D6 J . 6.96 14.49 24.35
H162 7D6 J . 8.18 13.40 23.94
H191 7D6 J . 10.18 15.75 25.02
H231 7D6 J . 6.14 16.67 22.82
C10 7D6 K . 21.99 -6.05 -11.06
N12 7D6 K . 19.62 -7.12 -6.45
C15 7D6 K . 21.62 -5.68 -15.51
C21 7D6 K . 24.93 -6.91 -14.36
C22 7D6 K . 19.21 -7.12 -5.08
C01 7D6 K . 19.37 -7.80 -8.94
C02 7D6 K . 18.76 -8.60 -9.90
C03 7D6 K . 19.22 -8.56 -11.27
C04 7D6 K . 20.29 -7.71 -11.62
C05 7D6 K . 20.89 -6.92 -10.69
C06 7D6 K . 20.42 -6.96 -9.29
C07 7D6 K . 20.74 -7.68 -12.95
C08 7D6 K . 21.83 -6.83 -13.31
C09 7D6 K . 22.42 -6.02 -12.37
C11 7D6 K . 18.87 -7.83 -7.45
O13 7D6 K . 17.87 -8.46 -7.15
C14 7D6 K . 22.27 -6.82 -14.78
C16 7D6 K . 22.66 -5.41 -16.70
N17 7D6 K . 23.98 -5.78 -16.04
C18 7D6 K . 23.67 -6.54 -15.01
C19 7D6 K . 25.35 -5.64 -16.08
N20 7D6 K . 25.91 -6.32 -15.08
O23 7D6 K . 21.93 -8.05 -15.39
H101 7D6 K . 22.40 -5.51 -10.40
H121 7D6 K . 20.41 -6.64 -6.72
H152 7D6 K . 20.79 -5.95 -15.86
H151 7D6 K . 21.59 -4.89 -14.92
H211 7D6 K . 25.04 -7.47 -13.59
H221 7D6 K . 19.52 -7.92 -4.66
H222 7D6 K . 19.62 -6.32 -4.60
H223 7D6 K . 18.25 -7.07 -5.03
H021 7D6 K . 18.01 -9.19 -9.65
H031 7D6 K . 18.82 -9.09 -11.91
H061 7D6 K . 20.84 -6.40 -8.61
H071 7D6 K . 20.32 -8.23 -13.60
H091 7D6 K . 23.15 -5.46 -12.61
H161 7D6 K . 22.47 -6.04 -17.46
H162 7D6 K . 22.66 -4.44 -16.96
H191 7D6 K . 25.84 -5.11 -16.76
H231 7D6 K . 22.60 -8.71 -15.18
CHA HEM L . 28.01 -3.28 -13.77
CHB HEM L . 28.44 -5.26 -18.19
CHC HEM L . 28.20 -9.67 -16.17
CHD HEM L . 27.90 -7.71 -11.75
C1A HEM L . 28.04 -3.43 -15.14
C2A HEM L . 27.84 -2.40 -16.12
C3A HEM L . 27.96 -2.94 -17.34
C4A HEM L . 28.25 -4.35 -17.17
CMA HEM L . 27.82 -2.21 -18.69
CAA HEM L . 27.53 -0.92 -15.78
CBA HEM L . 28.66 0.00 -16.22
CGA HEM L . 28.37 1.39 -15.72
O1A HEM L . 29.16 2.32 -16.02
O2A HEM L . 27.33 1.58 -15.03
C1B HEM L . 28.42 -6.64 -18.05
C2B HEM L . 28.52 -7.61 -19.11
C3B HEM L . 28.44 -8.83 -18.57
C4B HEM L . 28.31 -8.68 -17.13
CMB HEM L . 28.67 -7.27 -20.61
CAB HEM L . 28.52 -10.13 -19.42
CBB HEM L . 28.17 -11.34 -18.97
C1C HEM L . 28.17 -9.52 -14.79
C2C HEM L . 28.30 -10.60 -13.83
C3C HEM L . 28.21 -10.07 -12.60
C4C HEM L . 28.03 -8.64 -12.76
CMC HEM L . 28.48 -12.05 -14.32
CAC HEM L . 28.26 -10.71 -11.19
CBC HEM L . 28.45 -12.00 -10.89
C1D HEM L . 27.87 -6.33 -11.91
C2D HEM L . 27.72 -5.34 -10.86
C3D HEM L . 27.76 -4.12 -11.41
C4D HEM L . 27.92 -4.29 -12.84
CMD HEM L . 27.56 -5.65 -9.36
CAD HEM L . 27.64 -2.76 -10.69
CBD HEM L . 29.00 -2.13 -10.47
CGD HEM L . 28.83 -0.82 -9.75
O1D HEM L . 29.78 -0.37 -9.06
O2D HEM L . 27.72 -0.22 -9.86
NA HEM L . 28.29 -4.61 -15.82
NB HEM L . 28.29 -7.32 -16.86
NC HEM L . 28.01 -8.34 -14.10
ND HEM L . 27.99 -5.65 -13.10
FE HEM L . 28.01 -6.49 -15.00
HHB HEM L . 28.51 -4.91 -19.10
HHC HEM L . 28.15 -10.58 -16.50
HHD HEM L . 27.82 -8.04 -10.83
HMA HEM L . 26.93 -1.81 -18.76
HMAA HEM L . 27.96 -2.84 -19.42
HMAB HEM L . 28.50 -1.50 -18.75
HAA HEM L . 27.41 -0.84 -14.82
HAAA HEM L . 26.71 -0.66 -16.24
HBA HEM L . 28.73 0.01 -17.19
HBAA HEM L . 29.50 -0.31 -15.84
HMB HEM L . 27.91 -6.74 -20.91
HMBA HEM L . 28.72 -8.08 -21.13
HMBB HEM L . 29.49 -6.75 -20.74
HAB HEM L . 28.86 -10.07 -20.32
HBB HEM L . 28.24 -12.12 -19.56
HBBA HEM L . 27.83 -11.44 -18.07
HMC HEM L . 27.72 -12.32 -14.87
HMCA HEM L . 28.54 -12.64 -13.56
HMCB HEM L . 29.30 -12.11 -14.85
HAC HEM L . 28.16 -10.12 -10.44
HBC HEM L . 28.46 -12.29 -9.96
HBCA HEM L . 28.56 -12.65 -11.61
HMD HEM L . 27.48 -4.81 -8.85
HMDA HEM L . 28.34 -6.15 -9.04
HMDB HEM L . 26.76 -6.19 -9.21
HAD HEM L . 27.21 -2.90 -9.83
HADA HEM L . 27.09 -2.17 -11.22
HBD HEM L . 29.43 -1.98 -11.34
HBDA HEM L . 29.56 -2.72 -9.94
HHA HEM L . 28.03 -2.37 -13.43
#